data_9D5S
#
_entry.id   9D5S
#
_cell.length_a   1.00
_cell.length_b   1.00
_cell.length_c   1.00
_cell.angle_alpha   90.00
_cell.angle_beta   90.00
_cell.angle_gamma   90.00
#
_symmetry.space_group_name_H-M   'P 1'
#
loop_
_entity.id
_entity.type
_entity.pdbx_description
1 polymer 'Angiotensin-converting enzyme'
2 branched beta-D-mannopyranose-(1-4)-2-acetamido-2-deoxy-beta-D-glucopyranose-(1-4)-2-acetamido-2-deoxy-beta-D-glucopyranose
3 branched beta-D-mannopyranose-(1-4)-2-acetamido-2-deoxy-beta-D-glucopyranose-(1-4)-[alpha-L-fucopyranose-(1-6)]2-acetamido-2-deoxy-beta-D-glucopyranose
4 branched 2-acetamido-2-deoxy-beta-D-glucopyranose-(1-4)-2-acetamido-2-deoxy-beta-D-glucopyranose
5 non-polymer 2-acetamido-2-deoxy-beta-D-glucopyranose
#
_entity_poly.entity_id   1
_entity_poly.type   'polypeptide(L)'
_entity_poly.pdbx_seq_one_letter_code
;MGAASGRRGPGLLLPLPLLLLLPPQPALALDPGLQPGNFSADEAGAQLFAQSYNSSAEQVLFQSVAASWAHDTNITAENA
RRQEEAALLSQEFAEAWGQKAKELYEPIWQNFTDPQLRRIIGAVRTLGSANLPLAKRQQYNALLSNMSRIYSTAKVCLPN
KTATCWSLDPDLTNILASSRSYAMLLFAWEGWHNAAGIPLKPLYEDFTALSNEAYKQDGFTDTGAYWRSWYNSPTFEDDL
EHLYQQLEPLYLNLHAFVRRALHRRYGDRYINLRGPIPAHLLGDMWAQSWENIYDMVVPFPDKPNLDVTSTMLQQGWNAT
HMFRVAEEFFTSLELSPMPPEFWEGSMLEKPADGREVVCHASAWDFYNRKDFRIKQCTRVTMDQLSTVHHEMGHIQYYLQ
YKDLPVSLRRGANPGFHEAIGDVLALSVSTPEHLHKIGLLDRVTNDTESDINYLLKMALEKIAFLPFGYLVDQWRWGVFS
GRTPPSRYNFDWWYLRTKYQGICPPVTRNETHFDAGAKFHVPNVTPYIRYFVSFVLQFQFHEALCKEAGYEGPLHQCDIY
RSTKAGAKLRKVLQAGSSRPWQEVLKDMVGLDALDAQPLLKYFQPVTQWLQEQNQQNGEVLGWPEYQWHPPLPDNYPEGI
DLVTDEAEASKFVEEYDRTSQVVWNEYAEANWNYNTNITTETSKILLQKNMQIANHTLKYGTQARKFDVNQLQNTTIKRI
IKKVQDLERAALPAQELEEYNKILLDMETTYSVATVCHPNGSCLQLEPDLTNVMATSRKYEDLLWAWEGWRDKAGRAILQ
FYPKYVELINQAARLNGYVDAGDSWRSMYETPSLEQDLERLFQELQPLYLNLHAYVRRALHRHYGAQHINLEGPIPAHLL
GNMWAQTWSNIYDLVVPFPSAPSMDTTEAMLKQGWTPRRMFKEADDFFTSLGLLPVPPEFWNKSMLEKPTDGREVVCHAS
AWDFYNGKDFRIKQCTTVNLEDLVVAHHEMGHIQYFMQYKDLPVALREGANPGFHEAIGDVLALSVSTPKHLHSLNLLSS
EGGSDEHDINFLMKMALDKIAFIPFSYLVDQWRWRVFDGSITKENYNQEWWSLRLKYQGLCPPVPRTQGDFDPGAKFHIP
SSVPYIRYFVSFIIQFQFHEALCQAAGHTGPLHKCDIYQSKEAGQRLATAMKLGFSRPWPEAMQLITGQPNMSASAMLSY
FKPLLDWLRTENELHGEKLGWPQYNWTPNSARSEGHHHHHH
;
_entity_poly.pdbx_strand_id   A,1
#
loop_
_chem_comp.id
_chem_comp.type
_chem_comp.name
_chem_comp.formula
BMA D-saccharide, beta linking beta-D-mannopyranose 'C6 H12 O6'
FUC L-saccharide, alpha linking alpha-L-fucopyranose 'C6 H12 O5'
NAG D-saccharide, beta linking 2-acetamido-2-deoxy-beta-D-glucopyranose 'C8 H15 N O6'
#
# COMPACT_ATOMS: atom_id res chain seq x y z
N ASP A 31 -57.60 14.30 -43.05
CA ASP A 31 -57.83 12.91 -42.65
C ASP A 31 -58.97 12.82 -41.64
N PRO A 32 -60.06 12.15 -42.04
CA PRO A 32 -61.21 12.03 -41.12
C PRO A 32 -60.86 11.34 -39.81
N GLY A 33 -59.96 10.36 -39.85
CA GLY A 33 -59.54 9.71 -38.62
C GLY A 33 -58.77 10.65 -37.71
N LEU A 34 -57.98 11.56 -38.29
CA LEU A 34 -57.20 12.49 -37.48
C LEU A 34 -58.09 13.50 -36.76
N GLN A 35 -59.14 13.98 -37.43
CA GLN A 35 -60.01 15.00 -36.83
C GLN A 35 -61.15 14.33 -36.07
N PRO A 36 -61.27 14.56 -34.77
CA PRO A 36 -62.40 14.02 -34.01
C PRO A 36 -63.68 14.81 -34.29
N GLY A 37 -64.77 14.37 -33.67
CA GLY A 37 -66.08 14.96 -33.89
C GLY A 37 -66.39 16.08 -32.92
N ASN A 38 -67.63 16.55 -33.01
CA ASN A 38 -68.13 17.64 -32.18
C ASN A 38 -68.93 17.07 -31.02
N PHE A 39 -68.52 17.40 -29.79
CA PHE A 39 -69.14 16.87 -28.59
C PHE A 39 -69.44 18.01 -27.62
N SER A 40 -70.18 17.67 -26.57
CA SER A 40 -70.58 18.62 -25.54
C SER A 40 -69.72 18.43 -24.30
N ALA A 41 -70.01 19.23 -23.27
CA ALA A 41 -69.29 19.17 -22.01
C ALA A 41 -69.96 18.29 -20.96
N ASP A 42 -71.11 17.68 -21.29
CA ASP A 42 -71.83 16.85 -20.35
C ASP A 42 -71.26 15.43 -20.36
N GLU A 43 -71.78 14.59 -19.46
CA GLU A 43 -71.33 13.20 -19.41
C GLU A 43 -71.77 12.41 -20.64
N ALA A 44 -72.95 12.72 -21.20
CA ALA A 44 -73.37 12.05 -22.42
C ALA A 44 -72.48 12.43 -23.60
N GLY A 45 -72.05 13.70 -23.65
CA GLY A 45 -71.07 14.09 -24.64
C GLY A 45 -69.77 13.34 -24.47
N ALA A 46 -69.34 13.14 -23.22
CA ALA A 46 -68.15 12.34 -22.97
C ALA A 46 -68.34 10.90 -23.40
N GLN A 47 -69.56 10.36 -23.24
CA GLN A 47 -69.82 8.99 -23.67
C GLN A 47 -69.73 8.88 -25.19
N LEU A 48 -70.30 9.85 -25.92
CA LEU A 48 -70.14 9.86 -27.37
C LEU A 48 -68.67 9.99 -27.76
N PHE A 49 -67.94 10.82 -27.02
CA PHE A 49 -66.51 11.00 -27.25
C PHE A 49 -65.76 9.68 -27.13
N ALA A 50 -65.99 8.97 -26.03
CA ALA A 50 -65.33 7.70 -25.78
C ALA A 50 -65.81 6.61 -26.71
N GLN A 51 -67.03 6.73 -27.26
CA GLN A 51 -67.53 5.77 -28.22
C GLN A 51 -67.02 6.00 -29.62
N SER A 52 -66.63 7.22 -29.96
CA SER A 52 -65.95 7.45 -31.23
C SER A 52 -64.44 7.22 -31.14
N TYR A 53 -63.88 7.31 -29.93
CA TYR A 53 -62.44 7.07 -29.77
C TYR A 53 -62.07 5.65 -30.19
N ASN A 54 -62.84 4.65 -29.73
CA ASN A 54 -62.56 3.27 -30.15
C ASN A 54 -62.73 3.11 -31.65
N SER A 55 -63.74 3.75 -32.24
CA SER A 55 -63.98 3.61 -33.66
C SER A 55 -62.78 4.09 -34.47
N SER A 56 -62.21 5.23 -34.10
CA SER A 56 -61.00 5.69 -34.80
C SER A 56 -59.81 4.80 -34.48
N ALA A 57 -59.68 4.39 -33.21
CA ALA A 57 -58.57 3.57 -32.79
C ALA A 57 -58.51 2.27 -33.56
N GLU A 58 -59.66 1.74 -33.97
CA GLU A 58 -59.67 0.49 -34.73
C GLU A 58 -58.76 0.61 -35.95
N GLN A 59 -59.08 1.55 -36.84
CA GLN A 59 -58.30 1.68 -38.07
C GLN A 59 -56.86 2.07 -37.79
N VAL A 60 -56.64 3.04 -36.88
CA VAL A 60 -55.27 3.53 -36.73
C VAL A 60 -54.37 2.47 -36.09
N LEU A 61 -54.86 1.83 -35.01
CA LEU A 61 -54.07 0.79 -34.37
C LEU A 61 -53.92 -0.42 -35.28
N PHE A 62 -54.94 -0.71 -36.10
CA PHE A 62 -54.81 -1.81 -37.06
C PHE A 62 -53.68 -1.55 -38.03
N GLN A 63 -53.60 -0.34 -38.59
CA GLN A 63 -52.52 -0.05 -39.52
C GLN A 63 -51.16 -0.03 -38.81
N SER A 64 -51.13 0.45 -37.56
CA SER A 64 -49.87 0.47 -36.81
C SER A 64 -49.37 -0.95 -36.55
N VAL A 65 -50.26 -1.84 -36.12
CA VAL A 65 -49.87 -3.22 -35.86
C VAL A 65 -49.50 -3.92 -37.17
N ALA A 66 -50.19 -3.58 -38.26
CA ALA A 66 -49.82 -4.15 -39.56
C ALA A 66 -48.42 -3.73 -39.97
N ALA A 67 -48.07 -2.46 -39.77
CA ALA A 67 -46.72 -2.00 -40.10
C ALA A 67 -45.68 -2.68 -39.22
N SER A 68 -45.97 -2.81 -37.92
CA SER A 68 -45.06 -3.51 -37.02
C SER A 68 -44.88 -4.97 -37.45
N TRP A 69 -45.98 -5.62 -37.82
CA TRP A 69 -45.93 -7.00 -38.30
C TRP A 69 -45.08 -7.11 -39.56
N ALA A 70 -45.24 -6.18 -40.49
CA ALA A 70 -44.43 -6.19 -41.70
C ALA A 70 -42.96 -6.00 -41.37
N HIS A 71 -42.65 -5.13 -40.42
CA HIS A 71 -41.26 -4.96 -40.00
C HIS A 71 -40.73 -6.20 -39.31
N ASP A 72 -41.59 -6.94 -38.60
CA ASP A 72 -41.15 -8.10 -37.81
C ASP A 72 -41.25 -9.41 -38.60
N THR A 73 -42.47 -9.76 -39.02
CA THR A 73 -42.71 -11.06 -39.66
C THR A 73 -42.06 -11.17 -41.04
N ASN A 74 -41.61 -10.06 -41.62
CA ASN A 74 -40.99 -10.10 -42.94
C ASN A 74 -39.61 -9.46 -42.89
N ILE A 75 -39.02 -9.21 -44.06
CA ILE A 75 -37.70 -8.60 -44.13
C ILE A 75 -37.74 -7.23 -43.46
N THR A 76 -36.62 -6.87 -42.82
CA THR A 76 -36.55 -5.59 -42.14
C THR A 76 -36.44 -4.43 -43.13
N ALA A 77 -35.91 -4.67 -44.32
CA ALA A 77 -35.78 -3.63 -45.32
C ALA A 77 -37.13 -3.37 -46.00
N GLU A 78 -37.24 -2.18 -46.58
CA GLU A 78 -38.42 -1.71 -47.31
C GLU A 78 -39.68 -1.71 -46.46
N ASN A 79 -39.55 -1.81 -45.14
CA ASN A 79 -40.68 -1.70 -44.24
C ASN A 79 -40.41 -0.82 -43.02
N ALA A 80 -39.15 -0.46 -42.76
CA ALA A 80 -38.85 0.42 -41.64
C ALA A 80 -39.49 1.79 -41.83
N ARG A 81 -39.45 2.33 -43.04
CA ARG A 81 -40.11 3.61 -43.30
C ARG A 81 -41.63 3.49 -43.22
N ARG A 82 -42.18 2.34 -43.60
CA ARG A 82 -43.61 2.10 -43.39
C ARG A 82 -43.95 2.14 -41.91
N GLN A 83 -43.15 1.47 -41.09
CA GLN A 83 -43.36 1.50 -39.65
C GLN A 83 -43.24 2.91 -39.10
N GLU A 84 -42.26 3.67 -39.58
CA GLU A 84 -42.05 5.03 -39.09
C GLU A 84 -43.23 5.92 -39.43
N GLU A 85 -43.73 5.85 -40.67
CA GLU A 85 -44.87 6.68 -41.04
C GLU A 85 -46.15 6.23 -40.33
N ALA A 86 -46.31 4.92 -40.09
CA ALA A 86 -47.45 4.45 -39.32
C ALA A 86 -47.40 4.98 -37.89
N ALA A 87 -46.22 4.95 -37.28
CA ALA A 87 -46.07 5.51 -35.94
C ALA A 87 -46.34 7.00 -35.93
N LEU A 88 -45.89 7.70 -36.96
CA LEU A 88 -46.13 9.15 -37.03
C LEU A 88 -47.62 9.45 -37.12
N LEU A 89 -48.35 8.71 -37.96
CA LEU A 89 -49.77 8.99 -38.10
C LEU A 89 -50.55 8.58 -36.85
N SER A 90 -50.15 7.48 -36.19
CA SER A 90 -50.78 7.13 -34.92
C SER A 90 -50.53 8.22 -33.87
N GLN A 91 -49.31 8.75 -33.85
CA GLN A 91 -48.99 9.82 -32.90
C GLN A 91 -49.82 11.06 -33.18
N GLU A 92 -50.00 11.41 -34.45
CA GLU A 92 -50.84 12.56 -34.79
C GLU A 92 -52.30 12.32 -34.39
N PHE A 93 -52.79 11.10 -34.61
CA PHE A 93 -54.11 10.71 -34.15
C PHE A 93 -54.28 10.98 -32.66
N ALA A 94 -53.35 10.43 -31.87
CA ALA A 94 -53.42 10.59 -30.42
C ALA A 94 -53.29 12.04 -30.02
N GLU A 95 -52.42 12.79 -30.70
CA GLU A 95 -52.21 14.19 -30.40
C GLU A 95 -53.52 14.97 -30.54
N ALA A 96 -54.16 14.86 -31.70
CA ALA A 96 -55.36 15.64 -31.95
C ALA A 96 -56.49 15.21 -31.01
N TRP A 97 -56.70 13.90 -30.89
CA TRP A 97 -57.84 13.41 -30.10
C TRP A 97 -57.66 13.73 -28.62
N GLY A 98 -56.44 13.58 -28.09
CA GLY A 98 -56.18 13.96 -26.71
C GLY A 98 -56.25 15.46 -26.48
N GLN A 99 -55.79 16.25 -27.45
CA GLN A 99 -55.91 17.70 -27.32
C GLN A 99 -57.37 18.11 -27.21
N LYS A 100 -58.23 17.54 -28.04
CA LYS A 100 -59.65 17.85 -27.95
C LYS A 100 -60.23 17.36 -26.63
N ALA A 101 -59.80 16.18 -26.17
CA ALA A 101 -60.24 15.67 -24.88
C ALA A 101 -59.93 16.66 -23.76
N LYS A 102 -58.68 17.13 -23.72
CA LYS A 102 -58.29 18.08 -22.69
C LYS A 102 -59.10 19.36 -22.80
N GLU A 103 -59.12 19.97 -24.00
CA GLU A 103 -59.80 21.24 -24.21
C GLU A 103 -61.27 21.18 -23.82
N LEU A 104 -61.91 20.02 -24.00
CA LEU A 104 -63.32 19.94 -23.67
C LEU A 104 -63.59 19.56 -22.22
N TYR A 105 -62.87 18.57 -21.67
CA TYR A 105 -63.23 18.02 -20.37
C TYR A 105 -62.15 18.20 -19.32
N GLU A 106 -61.33 19.26 -19.41
CA GLU A 106 -60.40 19.52 -18.31
C GLU A 106 -61.10 19.82 -16.99
N PRO A 107 -62.12 20.69 -16.92
CA PRO A 107 -62.76 20.93 -15.63
C PRO A 107 -63.57 19.76 -15.11
N ILE A 108 -64.14 18.93 -15.99
CA ILE A 108 -65.03 17.85 -15.60
C ILE A 108 -64.35 16.49 -15.69
N TRP A 109 -63.02 16.46 -15.86
CA TRP A 109 -62.32 15.19 -16.00
C TRP A 109 -62.48 14.30 -14.78
N GLN A 110 -62.58 14.90 -13.59
CA GLN A 110 -62.63 14.11 -12.37
C GLN A 110 -64.01 13.48 -12.16
N ASN A 111 -65.04 14.30 -12.04
CA ASN A 111 -66.37 13.82 -11.67
C ASN A 111 -67.06 13.26 -12.91
N PHE A 112 -67.21 11.94 -12.96
CA PHE A 112 -67.93 11.28 -14.03
C PHE A 112 -68.89 10.19 -13.57
N THR A 113 -68.82 9.77 -12.31
CA THR A 113 -69.75 8.81 -11.72
C THR A 113 -69.74 7.46 -12.43
N ASP A 114 -68.68 7.15 -13.18
CA ASP A 114 -68.57 5.87 -13.85
C ASP A 114 -67.10 5.55 -14.11
N PRO A 115 -66.57 4.47 -13.54
CA PRO A 115 -65.14 4.18 -13.69
C PRO A 115 -64.69 4.00 -15.13
N GLN A 116 -65.54 3.44 -15.99
CA GLN A 116 -65.12 3.12 -17.36
C GLN A 116 -64.74 4.38 -18.13
N LEU A 117 -65.72 5.28 -18.32
CA LEU A 117 -65.43 6.48 -19.10
C LEU A 117 -64.48 7.41 -18.36
N ARG A 118 -64.46 7.37 -17.03
CA ARG A 118 -63.48 8.15 -16.28
C ARG A 118 -62.06 7.70 -16.62
N ARG A 119 -61.83 6.38 -16.65
CA ARG A 119 -60.52 5.86 -17.03
C ARG A 119 -60.22 6.16 -18.49
N ILE A 120 -61.23 6.09 -19.36
CA ILE A 120 -61.02 6.39 -20.77
C ILE A 120 -60.54 7.83 -20.94
N ILE A 121 -61.23 8.77 -20.27
CA ILE A 121 -60.86 10.16 -20.37
C ILE A 121 -59.50 10.41 -19.72
N GLY A 122 -59.20 9.70 -18.63
CA GLY A 122 -57.89 9.83 -18.02
C GLY A 122 -56.77 9.38 -18.94
N ALA A 123 -57.00 8.29 -19.68
CA ALA A 123 -55.99 7.80 -20.62
C ALA A 123 -55.84 8.75 -21.81
N VAL A 124 -56.96 9.24 -22.36
CA VAL A 124 -56.88 10.10 -23.54
C VAL A 124 -56.31 11.48 -23.17
N ARG A 125 -56.59 11.96 -21.95
CA ARG A 125 -56.16 13.30 -21.57
C ARG A 125 -54.64 13.43 -21.57
N THR A 126 -53.93 12.41 -21.09
CA THR A 126 -52.48 12.46 -21.00
C THR A 126 -51.89 12.54 -22.40
N LEU A 127 -51.32 13.69 -22.75
CA LEU A 127 -50.72 13.91 -24.06
C LEU A 127 -49.23 13.57 -24.11
N GLY A 128 -48.63 13.23 -22.98
CA GLY A 128 -47.21 12.90 -22.98
C GLY A 128 -46.38 14.11 -23.35
N SER A 129 -45.46 13.92 -24.30
CA SER A 129 -44.55 14.99 -24.71
C SER A 129 -45.17 15.91 -25.75
N ALA A 130 -46.41 15.66 -26.17
CA ALA A 130 -47.06 16.53 -27.14
C ALA A 130 -47.30 17.93 -26.59
N ASN A 131 -47.31 18.10 -25.27
CA ASN A 131 -47.54 19.41 -24.68
C ASN A 131 -46.41 20.39 -24.97
N LEU A 132 -45.23 19.89 -25.33
CA LEU A 132 -44.10 20.77 -25.61
C LEU A 132 -44.33 21.54 -26.90
N PRO A 133 -43.76 22.75 -27.01
CA PRO A 133 -43.81 23.47 -28.29
C PRO A 133 -43.05 22.75 -29.40
N LEU A 134 -43.10 23.30 -30.61
CA LEU A 134 -42.51 22.62 -31.77
C LEU A 134 -41.01 22.37 -31.58
N ALA A 135 -40.27 23.44 -31.24
CA ALA A 135 -38.83 23.30 -31.08
C ALA A 135 -38.49 22.37 -29.91
N LYS A 136 -39.19 22.53 -28.79
CA LYS A 136 -38.95 21.68 -27.63
C LYS A 136 -39.27 20.23 -27.93
N ARG A 137 -40.39 19.97 -28.60
CA ARG A 137 -40.76 18.60 -28.94
C ARG A 137 -39.76 17.98 -29.90
N GLN A 138 -39.30 18.74 -30.89
CA GLN A 138 -38.29 18.22 -31.81
C GLN A 138 -36.99 17.91 -31.07
N GLN A 139 -36.60 18.79 -30.14
CA GLN A 139 -35.41 18.52 -29.34
C GLN A 139 -35.57 17.27 -28.51
N TYR A 140 -36.77 17.06 -27.93
CA TYR A 140 -37.02 15.90 -27.11
C TYR A 140 -36.92 14.60 -27.92
N ASN A 141 -37.57 14.59 -29.10
CA ASN A 141 -37.52 13.39 -29.93
C ASN A 141 -36.11 13.12 -30.42
N ALA A 142 -35.39 14.16 -30.83
CA ALA A 142 -34.00 13.97 -31.26
C ALA A 142 -33.13 13.52 -30.11
N LEU A 143 -33.43 13.97 -28.89
CA LEU A 143 -32.72 13.49 -27.71
C LEU A 143 -32.92 12.00 -27.50
N LEU A 144 -34.17 11.54 -27.63
CA LEU A 144 -34.44 10.11 -27.50
C LEU A 144 -33.70 9.31 -28.57
N SER A 145 -33.72 9.80 -29.81
CA SER A 145 -33.04 9.10 -30.89
C SER A 145 -31.53 9.04 -30.65
N ASN A 146 -30.93 10.16 -30.25
CA ASN A 146 -29.50 10.18 -29.98
C ASN A 146 -29.15 9.24 -28.82
N MET A 147 -30.00 9.20 -27.80
CA MET A 147 -29.78 8.32 -26.66
C MET A 147 -29.76 6.86 -27.09
N SER A 148 -30.79 6.45 -27.82
CA SER A 148 -30.86 5.07 -28.28
C SER A 148 -29.69 4.73 -29.18
N ARG A 149 -29.32 5.64 -30.08
CA ARG A 149 -28.20 5.39 -30.98
C ARG A 149 -26.88 5.26 -30.22
N ILE A 150 -26.66 6.13 -29.24
CA ILE A 150 -25.42 6.09 -28.46
C ILE A 150 -25.33 4.79 -27.68
N TYR A 151 -26.44 4.35 -27.08
CA TYR A 151 -26.41 3.07 -26.38
C TYR A 151 -26.18 1.92 -27.33
N SER A 152 -26.78 1.97 -28.53
CA SER A 152 -26.67 0.84 -29.45
C SER A 152 -25.28 0.72 -30.05
N THR A 153 -24.63 1.85 -30.34
CA THR A 153 -23.38 1.84 -31.08
C THR A 153 -22.13 1.90 -30.20
N ALA A 154 -22.28 1.75 -28.89
CA ALA A 154 -21.12 1.76 -28.01
C ALA A 154 -20.36 0.44 -28.08
N LYS A 155 -19.04 0.52 -28.06
CA LYS A 155 -18.21 -0.68 -28.12
C LYS A 155 -16.88 -0.42 -27.42
N VAL A 156 -16.24 -1.51 -26.97
CA VAL A 156 -14.99 -1.45 -26.23
C VAL A 156 -13.98 -2.39 -26.88
N CYS A 157 -12.70 -2.10 -26.65
CA CYS A 157 -11.61 -2.94 -27.14
C CYS A 157 -10.28 -2.52 -26.54
N LEU A 158 -9.27 -3.33 -26.80
CA LEU A 158 -7.96 -3.19 -26.21
C LEU A 158 -7.22 -2.00 -26.81
N PRO A 159 -6.19 -1.48 -26.12
CA PRO A 159 -5.41 -0.38 -26.70
C PRO A 159 -4.64 -0.75 -27.96
N ASN A 160 -4.45 -2.04 -28.22
CA ASN A 160 -3.73 -2.49 -29.41
C ASN A 160 -4.70 -3.12 -30.42
N LYS A 161 -4.23 -3.22 -31.66
CA LYS A 161 -4.96 -3.80 -32.79
C LYS A 161 -6.44 -3.39 -32.76
N THR A 162 -6.66 -2.07 -32.72
CA THR A 162 -8.00 -1.51 -32.55
C THR A 162 -8.63 -1.26 -33.91
N ALA A 163 -9.01 -2.34 -34.58
CA ALA A 163 -9.70 -2.29 -35.86
C ALA A 163 -11.17 -2.64 -35.73
N THR A 164 -11.47 -3.83 -35.20
CA THR A 164 -12.84 -4.22 -34.87
C THR A 164 -12.83 -4.80 -33.46
N CYS A 165 -13.91 -4.58 -32.72
CA CYS A 165 -13.90 -4.97 -31.32
C CYS A 165 -15.34 -5.17 -30.83
N TRP A 166 -15.46 -5.37 -29.52
CA TRP A 166 -16.62 -6.03 -28.94
C TRP A 166 -17.82 -5.09 -28.81
N SER A 167 -18.97 -5.58 -29.23
CA SER A 167 -20.24 -4.91 -28.98
C SER A 167 -20.83 -5.45 -27.68
N LEU A 168 -22.03 -5.01 -27.31
CA LEU A 168 -22.61 -5.43 -26.05
C LEU A 168 -23.12 -6.86 -26.10
N ASP A 169 -24.10 -7.12 -26.95
CA ASP A 169 -24.77 -8.42 -26.91
C ASP A 169 -23.97 -9.51 -27.63
N PRO A 170 -23.47 -9.29 -28.85
CA PRO A 170 -22.72 -10.37 -29.51
C PRO A 170 -21.49 -10.83 -28.74
N ASP A 171 -20.74 -9.92 -28.13
CA ASP A 171 -19.46 -10.26 -27.54
C ASP A 171 -19.42 -10.09 -26.03
N LEU A 172 -19.70 -8.89 -25.50
CA LEU A 172 -19.42 -8.61 -24.09
C LEU A 172 -20.26 -9.49 -23.17
N THR A 173 -21.52 -9.73 -23.54
CA THR A 173 -22.38 -10.58 -22.74
C THR A 173 -21.80 -11.98 -22.61
N ASN A 174 -21.28 -12.53 -23.70
CA ASN A 174 -20.73 -13.88 -23.66
C ASN A 174 -19.52 -13.98 -22.74
N ILE A 175 -18.62 -13.00 -22.81
CA ILE A 175 -17.43 -13.06 -21.97
C ILE A 175 -17.80 -12.85 -20.50
N LEU A 176 -18.73 -11.94 -20.22
CA LEU A 176 -19.13 -11.76 -18.83
C LEU A 176 -19.93 -12.94 -18.29
N ALA A 177 -20.57 -13.72 -19.15
CA ALA A 177 -21.29 -14.90 -18.70
C ALA A 177 -20.43 -16.16 -18.68
N SER A 178 -19.29 -16.15 -19.36
CA SER A 178 -18.46 -17.35 -19.47
C SER A 178 -17.10 -17.22 -18.81
N SER A 179 -16.39 -16.12 -19.02
CA SER A 179 -15.04 -15.98 -18.52
C SER A 179 -15.01 -16.03 -16.99
N ARG A 180 -13.97 -16.67 -16.45
CA ARG A 180 -13.80 -16.82 -15.01
C ARG A 180 -12.48 -16.22 -14.55
N SER A 181 -11.96 -15.24 -15.28
CA SER A 181 -10.72 -14.57 -14.93
C SER A 181 -11.04 -13.15 -14.48
N TYR A 182 -10.50 -12.77 -13.32
CA TYR A 182 -10.86 -11.49 -12.71
C TYR A 182 -10.47 -10.32 -13.61
N ALA A 183 -9.28 -10.36 -14.20
CA ALA A 183 -8.80 -9.21 -14.97
C ALA A 183 -9.63 -8.99 -16.22
N MET A 184 -9.99 -10.06 -16.93
CA MET A 184 -10.78 -9.90 -18.16
C MET A 184 -12.19 -9.44 -17.85
N LEU A 185 -12.81 -9.99 -16.81
CA LEU A 185 -14.14 -9.55 -16.41
C LEU A 185 -14.12 -8.09 -16.00
N LEU A 186 -13.10 -7.69 -15.24
CA LEU A 186 -12.99 -6.29 -14.82
C LEU A 186 -12.80 -5.37 -16.01
N PHE A 187 -11.97 -5.78 -16.98
CA PHE A 187 -11.77 -4.97 -18.17
C PHE A 187 -13.07 -4.81 -18.95
N ALA A 188 -13.81 -5.91 -19.12
CA ALA A 188 -15.08 -5.82 -19.84
C ALA A 188 -16.06 -4.91 -19.13
N TRP A 189 -16.20 -5.08 -17.82
CA TRP A 189 -17.14 -4.27 -17.04
C TRP A 189 -16.78 -2.79 -17.13
N GLU A 190 -15.53 -2.45 -16.83
CA GLU A 190 -15.12 -1.05 -16.84
C GLU A 190 -15.24 -0.45 -18.23
N GLY A 191 -14.78 -1.16 -19.26
CA GLY A 191 -14.84 -0.62 -20.60
C GLY A 191 -16.26 -0.37 -21.07
N TRP A 192 -17.14 -1.35 -20.85
CA TRP A 192 -18.53 -1.16 -21.28
C TRP A 192 -19.18 -0.02 -20.52
N HIS A 193 -18.98 0.04 -19.20
CA HIS A 193 -19.65 1.08 -18.43
C HIS A 193 -19.14 2.46 -18.84
N ASN A 194 -17.83 2.62 -19.01
CA ASN A 194 -17.30 3.89 -19.48
C ASN A 194 -17.87 4.26 -20.84
N ALA A 195 -17.76 3.35 -21.81
CA ALA A 195 -18.14 3.66 -23.18
C ALA A 195 -19.63 3.99 -23.30
N ALA A 196 -20.47 3.27 -22.57
CA ALA A 196 -21.91 3.46 -22.69
C ALA A 196 -22.46 4.52 -21.75
N GLY A 197 -21.71 4.97 -20.76
CA GLY A 197 -22.25 5.94 -19.82
C GLY A 197 -21.67 7.33 -19.92
N ILE A 198 -20.36 7.44 -20.19
CA ILE A 198 -19.72 8.75 -20.21
C ILE A 198 -20.36 9.69 -21.23
N PRO A 199 -20.62 9.27 -22.49
CA PRO A 199 -21.23 10.22 -23.44
C PRO A 199 -22.74 10.29 -23.37
N LEU A 200 -23.33 9.77 -22.29
CA LEU A 200 -24.78 9.71 -22.15
C LEU A 200 -25.33 10.58 -21.04
N LYS A 201 -24.47 11.29 -20.31
CA LYS A 201 -24.90 12.08 -19.16
C LYS A 201 -25.60 13.38 -19.57
N PRO A 202 -24.99 14.23 -20.42
CA PRO A 202 -25.67 15.49 -20.77
C PRO A 202 -27.00 15.27 -21.46
N LEU A 203 -27.10 14.25 -22.29
CA LEU A 203 -28.36 13.94 -22.95
C LEU A 203 -29.42 13.54 -21.93
N TYR A 204 -29.03 12.78 -20.91
CA TYR A 204 -29.99 12.41 -19.88
C TYR A 204 -30.43 13.63 -19.07
N GLU A 205 -29.51 14.56 -18.80
CA GLU A 205 -29.89 15.78 -18.09
C GLU A 205 -30.92 16.58 -18.88
N ASP A 206 -30.64 16.81 -20.17
CA ASP A 206 -31.57 17.56 -21.00
C ASP A 206 -32.91 16.83 -21.13
N PHE A 207 -32.88 15.50 -21.32
CA PHE A 207 -34.12 14.75 -21.43
C PHE A 207 -34.92 14.80 -20.15
N THR A 208 -34.26 14.72 -18.99
CA THR A 208 -34.96 14.81 -17.73
C THR A 208 -35.66 16.15 -17.61
N ALA A 209 -34.97 17.24 -17.95
CA ALA A 209 -35.60 18.56 -17.90
C ALA A 209 -36.81 18.62 -18.81
N LEU A 210 -36.66 18.16 -20.06
CA LEU A 210 -37.76 18.24 -21.02
C LEU A 210 -38.94 17.39 -20.61
N SER A 211 -38.70 16.16 -20.16
CA SER A 211 -39.78 15.27 -19.77
C SER A 211 -40.51 15.78 -18.53
N ASN A 212 -39.76 16.30 -17.55
CA ASN A 212 -40.41 16.89 -16.39
C ASN A 212 -41.27 18.08 -16.80
N GLU A 213 -40.77 18.91 -17.70
CA GLU A 213 -41.57 20.03 -18.18
C GLU A 213 -42.84 19.57 -18.87
N ALA A 214 -42.74 18.56 -19.74
CA ALA A 214 -43.89 18.09 -20.49
C ALA A 214 -44.96 17.51 -19.56
N TYR A 215 -44.54 16.67 -18.62
CA TYR A 215 -45.52 16.05 -17.73
C TYR A 215 -45.97 16.98 -16.62
N LYS A 216 -45.27 18.08 -16.37
CA LYS A 216 -45.80 19.11 -15.49
C LYS A 216 -46.86 19.94 -16.20
N GLN A 217 -46.65 20.23 -17.48
CA GLN A 217 -47.70 20.86 -18.28
C GLN A 217 -48.91 19.95 -18.38
N ASP A 218 -48.68 18.64 -18.48
CA ASP A 218 -49.80 17.69 -18.53
C ASP A 218 -50.62 17.74 -17.25
N GLY A 219 -49.96 17.79 -16.09
CA GLY A 219 -50.68 17.87 -14.83
C GLY A 219 -50.06 17.10 -13.69
N PHE A 220 -49.02 16.30 -13.98
CA PHE A 220 -48.34 15.53 -12.96
C PHE A 220 -47.16 16.31 -12.39
N THR A 221 -46.78 15.98 -11.16
CA THR A 221 -45.68 16.68 -10.51
C THR A 221 -44.37 16.49 -11.26
N ASP A 222 -44.10 15.27 -11.70
CA ASP A 222 -42.90 14.97 -12.48
C ASP A 222 -43.13 13.66 -13.21
N THR A 223 -42.12 13.24 -13.98
CA THR A 223 -42.24 12.00 -14.75
C THR A 223 -42.37 10.79 -13.83
N GLY A 224 -41.63 10.79 -12.72
CA GLY A 224 -41.72 9.68 -11.78
C GLY A 224 -43.12 9.55 -11.18
N ALA A 225 -43.76 10.68 -10.88
CA ALA A 225 -45.12 10.65 -10.39
C ALA A 225 -46.06 10.07 -11.44
N TYR A 226 -45.86 10.45 -12.71
CA TYR A 226 -46.68 9.88 -13.77
C TYR A 226 -46.49 8.37 -13.87
N TRP A 227 -45.24 7.91 -13.77
CA TRP A 227 -44.99 6.47 -13.83
C TRP A 227 -45.64 5.74 -12.66
N ARG A 228 -45.56 6.33 -11.47
CA ARG A 228 -46.21 5.72 -10.31
C ARG A 228 -47.73 5.78 -10.39
N SER A 229 -48.28 6.70 -11.19
CA SER A 229 -49.73 6.86 -11.28
C SER A 229 -50.41 5.64 -11.88
N TRP A 230 -49.70 4.82 -12.64
CA TRP A 230 -50.33 3.66 -13.27
C TRP A 230 -50.82 2.67 -12.22
N TYR A 231 -50.09 2.53 -11.12
CA TYR A 231 -50.41 1.54 -10.11
C TYR A 231 -51.50 2.02 -9.15
N ASN A 232 -51.83 3.31 -9.17
CA ASN A 232 -52.96 3.86 -8.41
C ASN A 232 -52.90 3.44 -6.94
N SER A 233 -51.81 3.84 -6.29
CA SER A 233 -51.60 3.49 -4.89
C SER A 233 -50.87 4.63 -4.19
N PRO A 234 -51.52 5.35 -3.30
CA PRO A 234 -50.85 6.47 -2.62
C PRO A 234 -49.69 6.04 -1.75
N THR A 235 -49.64 4.78 -1.33
CA THR A 235 -48.57 4.25 -0.51
C THR A 235 -47.69 3.28 -1.28
N PHE A 236 -47.42 3.59 -2.55
CA PHE A 236 -46.69 2.65 -3.41
C PHE A 236 -45.26 2.44 -2.92
N GLU A 237 -44.53 3.53 -2.67
CA GLU A 237 -43.14 3.41 -2.26
C GLU A 237 -43.03 2.72 -0.90
N ASP A 238 -43.91 3.07 0.03
CA ASP A 238 -43.89 2.42 1.34
C ASP A 238 -44.20 0.93 1.22
N ASP A 239 -45.16 0.58 0.36
CA ASP A 239 -45.48 -0.82 0.15
C ASP A 239 -44.30 -1.58 -0.44
N LEU A 240 -43.60 -0.96 -1.40
CA LEU A 240 -42.42 -1.59 -1.97
C LEU A 240 -41.32 -1.77 -0.95
N GLU A 241 -41.12 -0.78 -0.08
CA GLU A 241 -40.13 -0.92 0.99
C GLU A 241 -40.49 -2.06 1.93
N HIS A 242 -41.77 -2.18 2.27
CA HIS A 242 -42.20 -3.30 3.11
C HIS A 242 -41.98 -4.63 2.41
N LEU A 243 -42.25 -4.70 1.11
CA LEU A 243 -42.03 -5.92 0.36
C LEU A 243 -40.56 -6.31 0.36
N TYR A 244 -39.67 -5.34 0.15
CA TYR A 244 -38.25 -5.68 0.15
C TYR A 244 -37.79 -6.06 1.55
N GLN A 245 -38.35 -5.45 2.59
CA GLN A 245 -38.00 -5.85 3.95
C GLN A 245 -38.46 -7.28 4.23
N GLN A 246 -39.60 -7.67 3.66
CA GLN A 246 -40.06 -9.05 3.79
C GLN A 246 -39.15 -10.02 3.05
N LEU A 247 -38.69 -9.63 1.87
CA LEU A 247 -37.84 -10.50 1.05
C LEU A 247 -36.36 -10.42 1.42
N GLU A 248 -35.98 -9.54 2.33
CA GLU A 248 -34.57 -9.38 2.66
C GLU A 248 -33.89 -10.63 3.19
N PRO A 249 -34.47 -11.42 4.11
CA PRO A 249 -33.72 -12.58 4.62
C PRO A 249 -33.32 -13.59 3.55
N LEU A 250 -34.21 -13.86 2.59
CA LEU A 250 -33.89 -14.80 1.52
C LEU A 250 -32.72 -14.30 0.68
N TYR A 251 -32.75 -13.02 0.29
CA TYR A 251 -31.66 -12.49 -0.49
C TYR A 251 -30.38 -12.40 0.32
N LEU A 252 -30.46 -12.16 1.62
CA LEU A 252 -29.27 -12.13 2.45
C LEU A 252 -28.60 -13.49 2.49
N ASN A 253 -29.41 -14.55 2.65
CA ASN A 253 -28.85 -15.90 2.64
C ASN A 253 -28.25 -16.25 1.28
N LEU A 254 -28.95 -15.92 0.20
CA LEU A 254 -28.42 -16.17 -1.13
C LEU A 254 -27.12 -15.42 -1.36
N HIS A 255 -27.07 -14.16 -0.95
CA HIS A 255 -25.88 -13.34 -1.11
C HIS A 255 -24.71 -13.91 -0.33
N ALA A 256 -24.94 -14.33 0.92
CA ALA A 256 -23.87 -14.92 1.72
C ALA A 256 -23.34 -16.20 1.09
N PHE A 257 -24.25 -17.06 0.61
CA PHE A 257 -23.83 -18.31 -0.01
C PHE A 257 -23.00 -18.06 -1.27
N VAL A 258 -23.49 -17.18 -2.15
CA VAL A 258 -22.78 -16.91 -3.39
C VAL A 258 -21.45 -16.22 -3.10
N ARG A 259 -21.42 -15.35 -2.08
CA ARG A 259 -20.17 -14.70 -1.72
C ARG A 259 -19.15 -15.70 -1.19
N ARG A 260 -19.60 -16.69 -0.41
CA ARG A 260 -18.68 -17.73 0.04
C ARG A 260 -18.13 -18.52 -1.13
N ALA A 261 -18.99 -18.90 -2.07
CA ALA A 261 -18.50 -19.62 -3.25
C ALA A 261 -17.54 -18.79 -4.07
N LEU A 262 -17.83 -17.50 -4.25
CA LEU A 262 -16.96 -16.63 -5.02
C LEU A 262 -15.63 -16.39 -4.32
N HIS A 263 -15.64 -16.30 -2.99
CA HIS A 263 -14.39 -16.15 -2.26
C HIS A 263 -13.56 -17.42 -2.34
N ARG A 264 -14.22 -18.58 -2.37
CA ARG A 264 -13.51 -19.83 -2.61
C ARG A 264 -12.88 -19.85 -3.99
N ARG A 265 -13.59 -19.32 -4.99
CA ARG A 265 -13.10 -19.39 -6.36
C ARG A 265 -12.00 -18.36 -6.62
N TYR A 266 -12.11 -17.15 -6.06
CA TYR A 266 -11.21 -16.05 -6.39
C TYR A 266 -10.26 -15.68 -5.26
N GLY A 267 -10.36 -16.31 -4.10
CA GLY A 267 -9.42 -16.07 -3.03
C GLY A 267 -9.74 -14.81 -2.24
N ASP A 268 -9.20 -14.74 -1.03
CA ASP A 268 -9.51 -13.65 -0.10
C ASP A 268 -8.57 -12.46 -0.30
N ARG A 269 -8.48 -11.99 -1.52
CA ARG A 269 -7.83 -10.72 -1.81
C ARG A 269 -8.72 -9.79 -2.61
N TYR A 270 -9.54 -10.33 -3.51
CA TYR A 270 -10.50 -9.56 -4.27
C TYR A 270 -11.91 -9.66 -3.71
N ILE A 271 -12.14 -10.52 -2.72
CA ILE A 271 -13.46 -10.68 -2.13
C ILE A 271 -13.30 -11.14 -0.69
N ASN A 272 -13.93 -10.41 0.24
CA ASN A 272 -13.94 -10.79 1.64
C ASN A 272 -15.34 -11.20 2.07
N LEU A 273 -15.41 -11.93 3.18
CA LEU A 273 -16.67 -12.53 3.61
C LEU A 273 -17.54 -11.58 4.40
N ARG A 274 -17.10 -10.36 4.69
CA ARG A 274 -17.92 -9.32 5.29
C ARG A 274 -17.77 -8.08 4.43
N GLY A 275 -18.55 -7.99 3.37
CA GLY A 275 -18.49 -6.88 2.46
C GLY A 275 -19.26 -7.15 1.19
N PRO A 276 -19.46 -6.12 0.39
CA PRO A 276 -20.15 -6.31 -0.89
C PRO A 276 -19.32 -7.12 -1.87
N ILE A 277 -20.01 -7.86 -2.73
CA ILE A 277 -19.38 -8.60 -3.81
C ILE A 277 -19.00 -7.62 -4.91
N PRO A 278 -17.85 -7.79 -5.57
CA PRO A 278 -17.58 -6.97 -6.76
C PRO A 278 -18.63 -7.19 -7.83
N ALA A 279 -18.93 -6.12 -8.56
CA ALA A 279 -20.07 -6.13 -9.48
C ALA A 279 -19.89 -7.14 -10.61
N HIS A 280 -18.67 -7.27 -11.13
CA HIS A 280 -18.45 -8.07 -12.33
C HIS A 280 -18.34 -9.56 -12.05
N LEU A 281 -18.16 -9.96 -10.80
CA LEU A 281 -17.88 -11.36 -10.49
C LEU A 281 -19.10 -12.25 -10.60
N LEU A 282 -20.29 -11.69 -10.79
CA LEU A 282 -21.50 -12.49 -10.91
C LEU A 282 -21.73 -12.82 -12.38
N GLY A 283 -22.90 -13.40 -12.67
CA GLY A 283 -23.15 -13.88 -14.03
C GLY A 283 -23.28 -12.77 -15.05
N ASP A 284 -23.86 -11.64 -14.65
CA ASP A 284 -24.25 -10.59 -15.58
C ASP A 284 -23.43 -9.33 -15.37
N MET A 285 -23.50 -8.44 -16.37
CA MET A 285 -22.81 -7.16 -16.26
C MET A 285 -23.46 -6.25 -15.24
N TRP A 286 -24.80 -6.26 -15.18
CA TRP A 286 -25.55 -5.46 -14.25
C TRP A 286 -25.92 -6.21 -12.98
N ALA A 287 -25.46 -7.45 -12.84
CA ALA A 287 -25.81 -8.31 -11.71
C ALA A 287 -27.32 -8.52 -11.61
N GLN A 288 -28.00 -8.46 -12.76
CA GLN A 288 -29.44 -8.73 -12.78
C GLN A 288 -29.74 -10.15 -12.33
N SER A 289 -29.08 -11.13 -12.95
CA SER A 289 -29.32 -12.53 -12.68
C SER A 289 -28.00 -13.23 -12.45
N TRP A 290 -27.97 -14.12 -11.45
CA TRP A 290 -26.78 -14.86 -11.08
C TRP A 290 -26.80 -16.28 -11.63
N GLU A 291 -27.54 -16.51 -12.71
CA GLU A 291 -27.71 -17.86 -13.23
C GLU A 291 -26.41 -18.43 -13.76
N ASN A 292 -25.54 -17.59 -14.32
CA ASN A 292 -24.27 -18.07 -14.83
C ASN A 292 -23.29 -18.46 -13.73
N ILE A 293 -23.62 -18.16 -12.46
CA ILE A 293 -22.80 -18.58 -11.33
C ILE A 293 -23.15 -19.99 -10.87
N TYR A 294 -24.24 -20.56 -11.36
CA TYR A 294 -24.67 -21.91 -10.98
C TYR A 294 -23.59 -22.96 -11.24
N ASP A 295 -22.51 -22.61 -11.94
CA ASP A 295 -21.42 -23.56 -12.15
C ASP A 295 -20.69 -23.86 -10.85
N MET A 296 -20.33 -22.82 -10.09
CA MET A 296 -19.59 -23.03 -8.85
C MET A 296 -20.50 -23.26 -7.65
N VAL A 297 -21.80 -23.03 -7.81
CA VAL A 297 -22.71 -22.95 -6.69
C VAL A 297 -23.61 -24.16 -6.56
N VAL A 298 -23.84 -24.90 -7.65
CA VAL A 298 -24.74 -26.06 -7.70
C VAL A 298 -24.54 -26.95 -6.47
N PRO A 299 -25.60 -27.24 -5.72
CA PRO A 299 -25.43 -28.06 -4.50
C PRO A 299 -25.47 -29.54 -4.79
N PHE A 300 -24.38 -30.25 -4.44
CA PHE A 300 -24.28 -31.69 -4.61
C PHE A 300 -24.62 -32.08 -6.05
N PRO A 301 -23.70 -31.84 -6.99
CA PRO A 301 -24.01 -32.02 -8.41
C PRO A 301 -24.14 -33.48 -8.84
N ASP A 302 -24.27 -34.40 -7.88
CA ASP A 302 -24.44 -35.81 -8.21
C ASP A 302 -25.73 -36.05 -8.99
N LYS A 303 -26.81 -35.37 -8.62
CA LYS A 303 -28.08 -35.53 -9.30
C LYS A 303 -28.04 -34.86 -10.67
N PRO A 304 -28.78 -35.40 -11.64
CA PRO A 304 -28.84 -34.77 -12.96
C PRO A 304 -29.94 -33.70 -13.01
N ASN A 305 -29.90 -32.92 -14.08
CA ASN A 305 -30.88 -31.87 -14.28
C ASN A 305 -32.17 -32.45 -14.88
N LEU A 306 -33.25 -31.67 -14.78
CA LEU A 306 -34.54 -32.05 -15.34
C LEU A 306 -34.61 -31.52 -16.76
N ASP A 307 -34.20 -32.36 -17.71
CA ASP A 307 -34.14 -31.98 -19.12
C ASP A 307 -34.87 -33.02 -19.96
N VAL A 308 -35.43 -32.57 -21.08
CA VAL A 308 -36.16 -33.44 -21.99
C VAL A 308 -35.55 -33.41 -23.40
N THR A 309 -34.29 -32.97 -23.52
CA THR A 309 -33.61 -33.04 -24.80
C THR A 309 -33.42 -34.47 -25.27
N SER A 310 -33.40 -35.44 -24.36
CA SER A 310 -33.37 -36.84 -24.77
C SER A 310 -34.63 -37.22 -25.54
N THR A 311 -35.79 -36.75 -25.08
CA THR A 311 -37.02 -36.98 -25.81
C THR A 311 -37.00 -36.27 -27.16
N MET A 312 -36.33 -35.12 -27.23
CA MET A 312 -36.15 -34.44 -28.51
C MET A 312 -35.31 -35.29 -29.45
N LEU A 313 -34.25 -35.92 -28.92
CA LEU A 313 -33.45 -36.82 -29.73
C LEU A 313 -34.27 -38.02 -30.21
N GLN A 314 -35.11 -38.56 -29.34
CA GLN A 314 -35.97 -39.68 -29.73
C GLN A 314 -37.03 -39.24 -30.72
N GLN A 315 -37.87 -38.28 -30.32
CA GLN A 315 -38.85 -37.67 -31.21
C GLN A 315 -38.48 -36.21 -31.41
N GLY A 316 -38.09 -35.86 -32.64
CA GLY A 316 -37.66 -34.51 -32.93
C GLY A 316 -38.75 -33.47 -32.77
N TRP A 317 -38.64 -32.65 -31.74
CA TRP A 317 -39.59 -31.57 -31.45
C TRP A 317 -39.08 -30.33 -32.16
N ASN A 318 -39.49 -30.14 -33.42
CA ASN A 318 -38.88 -29.10 -34.24
C ASN A 318 -39.44 -27.72 -33.90
N ALA A 319 -40.72 -27.49 -34.24
CA ALA A 319 -41.33 -26.18 -34.01
C ALA A 319 -42.75 -26.22 -33.47
N THR A 320 -43.52 -27.28 -33.67
CA THR A 320 -44.95 -27.28 -33.37
C THR A 320 -45.33 -28.25 -32.26
N HIS A 321 -44.50 -29.25 -31.97
CA HIS A 321 -44.76 -30.12 -30.83
C HIS A 321 -44.96 -29.30 -29.56
N MET A 322 -44.07 -28.35 -29.31
CA MET A 322 -44.20 -27.46 -28.17
C MET A 322 -45.50 -26.67 -28.21
N PHE A 323 -45.89 -26.21 -29.40
CA PHE A 323 -47.15 -25.48 -29.51
C PHE A 323 -48.36 -26.41 -29.48
N ARG A 324 -48.23 -27.60 -30.07
CA ARG A 324 -49.37 -28.51 -30.11
C ARG A 324 -49.70 -29.05 -28.72
N VAL A 325 -48.69 -29.25 -27.87
CA VAL A 325 -49.00 -29.73 -26.53
C VAL A 325 -49.70 -28.64 -25.73
N ALA A 326 -49.31 -27.38 -25.93
CA ALA A 326 -50.03 -26.28 -25.29
C ALA A 326 -51.46 -26.17 -25.83
N GLU A 327 -51.63 -26.38 -27.14
CA GLU A 327 -52.97 -26.37 -27.72
C GLU A 327 -53.84 -27.44 -27.08
N GLU A 328 -53.31 -28.65 -26.94
CA GLU A 328 -54.10 -29.73 -26.34
C GLU A 328 -54.33 -29.50 -24.85
N PHE A 329 -53.37 -28.87 -24.17
CA PHE A 329 -53.56 -28.52 -22.76
C PHE A 329 -54.70 -27.52 -22.59
N PHE A 330 -54.75 -26.51 -23.45
CA PHE A 330 -55.78 -25.48 -23.31
C PHE A 330 -57.14 -25.99 -23.75
N THR A 331 -57.18 -26.78 -24.83
CA THR A 331 -58.46 -27.37 -25.25
C THR A 331 -58.98 -28.35 -24.21
N SER A 332 -58.10 -29.16 -23.62
CA SER A 332 -58.50 -30.02 -22.51
C SER A 332 -58.90 -29.18 -21.31
N LEU A 333 -58.21 -28.06 -21.08
CA LEU A 333 -58.65 -27.08 -20.10
C LEU A 333 -59.92 -26.36 -20.51
N GLU A 334 -60.32 -26.51 -21.77
CA GLU A 334 -61.56 -25.92 -22.30
C GLU A 334 -61.54 -24.40 -22.19
N LEU A 335 -60.55 -23.80 -22.82
CA LEU A 335 -60.44 -22.34 -22.90
C LEU A 335 -61.11 -21.85 -24.18
N SER A 336 -60.92 -20.57 -24.48
CA SER A 336 -61.49 -20.01 -25.69
C SER A 336 -60.81 -20.61 -26.92
N PRO A 337 -61.56 -20.80 -28.01
CA PRO A 337 -60.95 -21.32 -29.24
C PRO A 337 -59.90 -20.37 -29.79
N MET A 338 -58.82 -20.95 -30.31
CA MET A 338 -57.78 -20.14 -30.93
C MET A 338 -58.28 -19.59 -32.26
N PRO A 339 -57.93 -18.35 -32.61
CA PRO A 339 -58.34 -17.82 -33.90
C PRO A 339 -57.64 -18.55 -35.03
N PRO A 340 -58.27 -18.65 -36.20
CA PRO A 340 -57.59 -19.29 -37.35
C PRO A 340 -56.32 -18.58 -37.76
N GLU A 341 -56.28 -17.25 -37.66
CA GLU A 341 -55.05 -16.51 -37.99
C GLU A 341 -53.91 -16.89 -37.07
N PHE A 342 -54.22 -17.34 -35.85
CA PHE A 342 -53.18 -17.82 -34.95
C PHE A 342 -52.52 -19.09 -35.49
N TRP A 343 -53.27 -19.89 -36.25
CA TRP A 343 -52.72 -21.15 -36.75
C TRP A 343 -51.91 -20.94 -38.02
N GLU A 344 -52.47 -20.23 -39.00
CA GLU A 344 -51.81 -20.05 -40.29
C GLU A 344 -51.30 -18.64 -40.51
N GLY A 345 -52.09 -17.62 -40.19
CA GLY A 345 -51.62 -16.25 -40.36
C GLY A 345 -50.46 -15.91 -39.44
N SER A 346 -50.50 -16.43 -38.21
CA SER A 346 -49.44 -16.17 -37.25
C SER A 346 -48.15 -16.89 -37.67
N MET A 347 -47.03 -16.20 -37.49
CA MET A 347 -45.74 -16.79 -37.84
C MET A 347 -45.41 -17.96 -36.91
N LEU A 348 -44.78 -18.98 -37.49
CA LEU A 348 -44.37 -20.16 -36.74
C LEU A 348 -43.20 -20.79 -37.46
N GLU A 349 -42.50 -21.68 -36.74
CA GLU A 349 -41.33 -22.37 -37.28
C GLU A 349 -40.28 -21.37 -37.74
N LYS A 350 -39.39 -21.80 -38.63
CA LYS A 350 -38.31 -20.96 -39.15
C LYS A 350 -38.34 -21.02 -40.67
N PRO A 351 -39.19 -20.22 -41.31
CA PRO A 351 -39.32 -20.26 -42.77
C PRO A 351 -38.22 -19.44 -43.46
N ALA A 352 -37.31 -20.15 -44.13
CA ALA A 352 -36.26 -19.54 -44.95
C ALA A 352 -35.44 -18.51 -44.18
N ASP A 353 -35.15 -17.39 -44.83
CA ASP A 353 -34.35 -16.33 -44.23
C ASP A 353 -35.02 -14.99 -44.51
N GLY A 354 -34.73 -14.02 -43.64
CA GLY A 354 -35.27 -12.68 -43.75
C GLY A 354 -36.62 -12.49 -43.09
N ARG A 355 -37.42 -13.55 -43.00
CA ARG A 355 -38.73 -13.44 -42.36
C ARG A 355 -38.61 -13.37 -40.84
N GLU A 356 -37.43 -13.60 -40.29
CA GLU A 356 -37.16 -13.44 -38.87
C GLU A 356 -36.11 -12.35 -38.71
N VAL A 357 -36.44 -11.29 -37.97
CA VAL A 357 -35.51 -10.18 -37.76
C VAL A 357 -35.23 -10.06 -36.27
N VAL A 358 -36.16 -10.48 -35.44
CA VAL A 358 -36.00 -10.50 -33.99
C VAL A 358 -36.39 -11.89 -33.49
N CYS A 359 -35.87 -12.26 -32.32
CA CYS A 359 -36.10 -13.56 -31.74
C CYS A 359 -37.03 -13.41 -30.53
N HIS A 360 -38.25 -13.94 -30.66
CA HIS A 360 -39.27 -13.97 -29.60
C HIS A 360 -39.31 -12.66 -28.82
N ALA A 361 -39.49 -11.56 -29.57
CA ALA A 361 -39.60 -10.25 -28.92
C ALA A 361 -40.86 -10.17 -28.07
N SER A 362 -42.00 -10.54 -28.65
CA SER A 362 -43.29 -10.44 -27.98
C SER A 362 -44.30 -11.26 -28.79
N ALA A 363 -45.58 -11.07 -28.48
CA ALA A 363 -46.71 -11.75 -29.09
C ALA A 363 -47.68 -10.74 -29.68
N TRP A 364 -47.15 -9.84 -30.51
CA TRP A 364 -47.80 -8.58 -30.91
C TRP A 364 -49.30 -8.73 -31.09
N ASP A 365 -50.05 -7.97 -30.30
CA ASP A 365 -51.51 -7.94 -30.41
C ASP A 365 -52.04 -6.69 -29.74
N PHE A 366 -52.57 -5.76 -30.53
CA PHE A 366 -53.42 -4.68 -30.06
C PHE A 366 -54.85 -4.93 -30.54
N TYR A 367 -55.74 -3.98 -30.26
CA TYR A 367 -57.14 -4.21 -30.64
C TYR A 367 -57.23 -4.24 -32.16
N ASN A 368 -57.39 -5.42 -32.71
CA ASN A 368 -57.60 -5.62 -34.13
C ASN A 368 -58.73 -6.63 -34.29
N ARG A 369 -58.93 -7.13 -35.51
CA ARG A 369 -59.94 -8.13 -35.77
C ARG A 369 -59.24 -9.49 -35.82
N LYS A 370 -59.00 -10.05 -34.64
CA LYS A 370 -58.35 -11.34 -34.46
C LYS A 370 -56.98 -11.36 -35.11
N ASP A 371 -56.15 -10.37 -34.75
CA ASP A 371 -54.76 -10.31 -35.16
C ASP A 371 -53.91 -10.88 -34.01
N PHE A 372 -53.93 -12.20 -33.90
CA PHE A 372 -53.26 -12.90 -32.82
C PHE A 372 -52.08 -13.69 -33.37
N ARG A 373 -50.96 -13.62 -32.67
CA ARG A 373 -49.71 -14.19 -33.14
C ARG A 373 -48.82 -14.44 -31.93
N ILE A 374 -47.80 -15.29 -32.12
CA ILE A 374 -46.87 -15.64 -31.05
C ILE A 374 -45.44 -15.29 -31.43
N LYS A 375 -45.00 -15.69 -32.62
CA LYS A 375 -43.62 -15.47 -33.08
C LYS A 375 -42.63 -16.02 -32.05
N GLN A 376 -42.68 -17.34 -31.88
CA GLN A 376 -41.93 -18.01 -30.83
C GLN A 376 -40.41 -17.98 -31.03
N CYS A 377 -39.94 -17.83 -32.27
CA CYS A 377 -38.52 -17.99 -32.59
C CYS A 377 -38.03 -19.37 -32.15
N THR A 378 -38.58 -20.37 -32.83
CA THR A 378 -38.61 -21.74 -32.34
C THR A 378 -37.22 -22.28 -32.06
N ARG A 379 -37.14 -23.15 -31.05
CA ARG A 379 -35.92 -23.87 -30.70
C ARG A 379 -36.31 -25.30 -30.39
N VAL A 380 -35.40 -26.06 -29.78
CA VAL A 380 -35.62 -27.47 -29.52
C VAL A 380 -35.38 -27.80 -28.06
N THR A 381 -35.67 -26.85 -27.17
CA THR A 381 -35.39 -27.00 -25.75
C THR A 381 -36.67 -26.93 -24.93
N MET A 382 -36.60 -27.44 -23.70
CA MET A 382 -37.73 -27.39 -22.78
C MET A 382 -38.12 -25.96 -22.45
N ASP A 383 -37.12 -25.09 -22.26
CA ASP A 383 -37.42 -23.68 -22.00
C ASP A 383 -38.23 -23.08 -23.15
N GLN A 384 -38.08 -23.61 -24.36
CA GLN A 384 -38.91 -23.13 -25.46
C GLN A 384 -40.37 -23.51 -25.27
N LEU A 385 -40.63 -24.71 -24.73
CA LEU A 385 -42.02 -25.08 -24.45
C LEU A 385 -42.58 -24.24 -23.31
N SER A 386 -41.76 -23.94 -22.30
CA SER A 386 -42.20 -23.03 -21.24
C SER A 386 -42.53 -21.66 -21.80
N THR A 387 -41.69 -21.14 -22.71
CA THR A 387 -41.98 -19.87 -23.35
C THR A 387 -43.24 -19.94 -24.20
N VAL A 388 -43.48 -21.08 -24.84
CA VAL A 388 -44.70 -21.27 -25.62
C VAL A 388 -45.92 -21.16 -24.72
N HIS A 389 -45.87 -21.81 -23.56
CA HIS A 389 -46.98 -21.71 -22.62
C HIS A 389 -47.16 -20.28 -22.10
N HIS A 390 -46.04 -19.59 -21.86
CA HIS A 390 -46.09 -18.19 -21.43
C HIS A 390 -46.82 -17.33 -22.47
N GLU A 391 -46.39 -17.42 -23.73
CA GLU A 391 -47.00 -16.61 -24.77
C GLU A 391 -48.44 -17.03 -25.04
N MET A 392 -48.76 -18.31 -24.86
CA MET A 392 -50.14 -18.75 -25.01
C MET A 392 -51.01 -18.19 -23.90
N GLY A 393 -50.47 -18.06 -22.69
CA GLY A 393 -51.21 -17.38 -21.63
C GLY A 393 -51.43 -15.91 -21.95
N HIS A 394 -50.41 -15.26 -22.52
CA HIS A 394 -50.59 -13.88 -22.97
C HIS A 394 -51.71 -13.77 -24.02
N ILE A 395 -51.70 -14.68 -24.99
CA ILE A 395 -52.71 -14.67 -26.04
C ILE A 395 -54.09 -14.99 -25.46
N GLN A 396 -54.15 -15.85 -24.45
CA GLN A 396 -55.42 -16.12 -23.77
C GLN A 396 -55.94 -14.88 -23.08
N TYR A 397 -55.05 -14.13 -22.43
CA TYR A 397 -55.44 -12.82 -21.87
C TYR A 397 -56.02 -11.93 -22.95
N TYR A 398 -55.33 -11.84 -24.09
CA TYR A 398 -55.79 -10.99 -25.18
C TYR A 398 -57.16 -11.43 -25.69
N LEU A 399 -57.35 -12.73 -25.90
CA LEU A 399 -58.65 -13.25 -26.30
C LEU A 399 -59.72 -12.89 -25.29
N GLN A 400 -59.41 -13.04 -24.00
CA GLN A 400 -60.43 -12.84 -22.99
C GLN A 400 -60.90 -11.40 -22.93
N TYR A 401 -59.95 -10.45 -22.85
CA TYR A 401 -60.35 -9.06 -22.66
C TYR A 401 -60.41 -8.27 -23.98
N LYS A 402 -60.68 -8.93 -25.08
CA LYS A 402 -60.85 -8.27 -26.38
C LYS A 402 -62.32 -7.93 -26.64
N ASP A 403 -63.00 -7.37 -25.62
CA ASP A 403 -64.33 -6.81 -25.80
C ASP A 403 -64.50 -5.45 -25.16
N LEU A 404 -63.67 -5.07 -24.18
CA LEU A 404 -63.75 -3.78 -23.52
C LEU A 404 -63.32 -2.68 -24.48
N PRO A 405 -63.62 -1.43 -24.16
CA PRO A 405 -63.14 -0.33 -25.00
C PRO A 405 -61.62 -0.34 -25.11
N VAL A 406 -61.12 0.06 -26.28
CA VAL A 406 -59.71 -0.08 -26.61
C VAL A 406 -58.80 0.64 -25.62
N SER A 407 -59.31 1.65 -24.92
CA SER A 407 -58.51 2.30 -23.89
C SER A 407 -58.38 1.46 -22.63
N LEU A 408 -59.27 0.48 -22.45
CA LEU A 408 -59.31 -0.32 -21.23
C LEU A 408 -58.58 -1.64 -21.42
N ARG A 409 -57.27 -1.52 -21.63
CA ARG A 409 -56.42 -2.67 -21.91
C ARG A 409 -55.20 -2.71 -20.99
N ARG A 410 -54.24 -3.57 -21.33
CA ARG A 410 -52.95 -3.71 -20.63
C ARG A 410 -53.11 -4.35 -19.27
N GLY A 411 -54.21 -5.05 -19.02
CA GLY A 411 -54.41 -5.70 -17.75
C GLY A 411 -54.86 -4.71 -16.68
N ALA A 412 -54.98 -5.24 -15.47
CA ALA A 412 -55.39 -4.40 -14.35
C ALA A 412 -54.37 -3.30 -14.09
N ASN A 413 -53.09 -3.63 -14.18
CA ASN A 413 -52.00 -2.67 -14.04
C ASN A 413 -50.79 -3.25 -14.74
N PRO A 414 -49.77 -2.44 -15.01
CA PRO A 414 -48.53 -2.99 -15.56
C PRO A 414 -47.97 -4.06 -14.63
N GLY A 415 -47.46 -5.13 -15.22
CA GLY A 415 -47.00 -6.28 -14.46
C GLY A 415 -48.04 -7.36 -14.26
N PHE A 416 -49.30 -7.10 -14.62
CA PHE A 416 -50.30 -8.17 -14.60
C PHE A 416 -50.13 -9.12 -15.79
N HIS A 417 -49.72 -8.58 -16.94
CA HIS A 417 -49.51 -9.43 -18.11
C HIS A 417 -48.42 -10.45 -17.85
N GLU A 418 -47.28 -10.00 -17.35
CA GLU A 418 -46.17 -10.92 -17.08
C GLU A 418 -46.52 -11.91 -15.99
N ALA A 419 -47.22 -11.47 -14.94
CA ALA A 419 -47.61 -12.38 -13.87
C ALA A 419 -48.56 -13.46 -14.38
N ILE A 420 -49.55 -13.07 -15.18
CA ILE A 420 -50.51 -14.04 -15.70
C ILE A 420 -49.83 -14.99 -16.67
N GLY A 421 -48.89 -14.49 -17.48
CA GLY A 421 -48.17 -15.37 -18.38
C GLY A 421 -47.13 -16.25 -17.71
N ASP A 422 -46.68 -15.87 -16.51
CA ASP A 422 -45.65 -16.62 -15.81
C ASP A 422 -46.19 -17.62 -14.80
N VAL A 423 -47.39 -17.38 -14.26
CA VAL A 423 -47.96 -18.37 -13.35
C VAL A 423 -48.21 -19.69 -14.08
N LEU A 424 -48.69 -19.62 -15.32
CA LEU A 424 -48.91 -20.84 -16.10
C LEU A 424 -47.58 -21.54 -16.42
N ALA A 425 -46.56 -20.77 -16.79
CA ALA A 425 -45.26 -21.37 -17.08
C ALA A 425 -44.67 -22.02 -15.83
N LEU A 426 -44.91 -21.43 -14.66
CA LEU A 426 -44.50 -22.06 -13.40
C LEU A 426 -45.27 -23.36 -13.18
N SER A 427 -46.59 -23.34 -13.39
CA SER A 427 -47.40 -24.52 -13.16
C SER A 427 -47.14 -25.63 -14.16
N VAL A 428 -46.51 -25.31 -15.30
CA VAL A 428 -46.28 -26.29 -16.34
C VAL A 428 -44.92 -26.98 -16.20
N SER A 429 -43.90 -26.24 -15.76
CA SER A 429 -42.56 -26.79 -15.68
C SER A 429 -42.39 -27.81 -14.57
N THR A 430 -43.39 -27.98 -13.70
CA THR A 430 -43.29 -28.96 -12.62
C THR A 430 -43.23 -30.37 -13.21
N PRO A 431 -42.50 -31.28 -12.56
CA PRO A 431 -42.39 -32.66 -13.08
C PRO A 431 -43.73 -33.37 -13.20
N GLU A 432 -44.69 -33.05 -12.33
CA GLU A 432 -46.00 -33.71 -12.41
C GLU A 432 -46.70 -33.39 -13.72
N HIS A 433 -46.66 -32.12 -14.14
CA HIS A 433 -47.25 -31.74 -15.42
C HIS A 433 -46.53 -32.42 -16.58
N LEU A 434 -45.20 -32.51 -16.50
CA LEU A 434 -44.44 -33.17 -17.56
C LEU A 434 -44.82 -34.65 -17.66
N HIS A 435 -44.99 -35.30 -16.52
CA HIS A 435 -45.42 -36.70 -16.54
C HIS A 435 -46.82 -36.85 -17.10
N LYS A 436 -47.73 -35.93 -16.73
CA LYS A 436 -49.09 -35.99 -17.25
C LYS A 436 -49.10 -35.80 -18.76
N ILE A 437 -48.29 -34.87 -19.27
CA ILE A 437 -48.13 -34.72 -20.72
C ILE A 437 -47.49 -35.96 -21.31
N GLY A 438 -46.43 -36.46 -20.67
CA GLY A 438 -45.71 -37.61 -21.14
C GLY A 438 -44.32 -37.34 -21.69
N LEU A 439 -43.73 -36.17 -21.41
CA LEU A 439 -42.39 -35.88 -21.91
C LEU A 439 -41.35 -36.83 -21.35
N LEU A 440 -41.42 -37.15 -20.06
CA LEU A 440 -40.49 -38.05 -19.40
C LEU A 440 -41.19 -39.34 -19.01
N ASP A 441 -40.48 -40.45 -19.17
CA ASP A 441 -41.10 -41.76 -18.96
C ASP A 441 -41.50 -41.97 -17.51
N ARG A 442 -40.57 -41.71 -16.58
CA ARG A 442 -40.83 -41.90 -15.16
C ARG A 442 -40.64 -40.57 -14.44
N VAL A 443 -41.40 -40.40 -13.36
CA VAL A 443 -41.31 -39.21 -12.52
C VAL A 443 -40.66 -39.64 -11.20
N THR A 444 -39.45 -39.14 -10.96
CA THR A 444 -38.70 -39.44 -9.75
C THR A 444 -38.52 -38.17 -8.94
N ASN A 445 -38.96 -38.20 -7.68
CA ASN A 445 -38.84 -37.06 -6.79
C ASN A 445 -37.68 -37.24 -5.84
N ASP A 446 -37.05 -36.13 -5.47
CA ASP A 446 -35.99 -36.14 -4.49
C ASP A 446 -35.85 -34.74 -3.92
N THR A 447 -35.52 -34.68 -2.63
CA THR A 447 -35.27 -33.38 -2.01
C THR A 447 -34.09 -32.68 -2.67
N GLU A 448 -33.07 -33.45 -3.04
CA GLU A 448 -31.89 -32.85 -3.68
C GLU A 448 -32.25 -32.25 -5.04
N SER A 449 -33.08 -32.95 -5.83
CA SER A 449 -33.42 -32.45 -7.15
C SER A 449 -34.21 -31.15 -7.07
N ASP A 450 -35.24 -31.11 -6.22
CA ASP A 450 -36.01 -29.88 -6.09
C ASP A 450 -35.18 -28.78 -5.45
N ILE A 451 -34.22 -29.13 -4.58
CA ILE A 451 -33.32 -28.13 -4.03
C ILE A 451 -32.49 -27.49 -5.14
N ASN A 452 -31.95 -28.32 -6.04
CA ASN A 452 -31.17 -27.79 -7.16
C ASN A 452 -32.03 -26.88 -8.04
N TYR A 453 -33.23 -27.35 -8.38
CA TYR A 453 -34.12 -26.57 -9.24
C TYR A 453 -34.50 -25.24 -8.59
N LEU A 454 -34.87 -25.28 -7.31
CA LEU A 454 -35.26 -24.05 -6.62
C LEU A 454 -34.09 -23.11 -6.44
N LEU A 455 -32.87 -23.63 -6.25
CA LEU A 455 -31.72 -22.74 -6.14
C LEU A 455 -31.41 -22.08 -7.47
N LYS A 456 -31.54 -22.82 -8.58
CA LYS A 456 -31.36 -22.20 -9.89
C LYS A 456 -32.38 -21.09 -10.12
N MET A 457 -33.65 -21.37 -9.81
CA MET A 457 -34.67 -20.34 -10.01
C MET A 457 -34.49 -19.17 -9.05
N ALA A 458 -33.98 -19.44 -7.84
CA ALA A 458 -33.68 -18.36 -6.91
C ALA A 458 -32.59 -17.45 -7.46
N LEU A 459 -31.50 -18.05 -7.94
CA LEU A 459 -30.45 -17.27 -8.59
C LEU A 459 -31.00 -16.48 -9.78
N GLU A 460 -32.02 -17.01 -10.44
CA GLU A 460 -32.59 -16.30 -11.58
C GLU A 460 -33.42 -15.08 -11.15
N LYS A 461 -34.26 -15.23 -10.13
CA LYS A 461 -35.29 -14.24 -9.82
C LYS A 461 -35.03 -13.43 -8.56
N ILE A 462 -34.66 -14.08 -7.46
CA ILE A 462 -34.44 -13.37 -6.21
C ILE A 462 -33.23 -12.45 -6.34
N ALA A 463 -32.23 -12.87 -7.09
CA ALA A 463 -31.10 -12.00 -7.37
C ALA A 463 -31.49 -10.78 -8.20
N PHE A 464 -32.64 -10.88 -8.88
CA PHE A 464 -33.11 -9.75 -9.74
C PHE A 464 -33.98 -8.78 -8.93
N LEU A 465 -34.63 -9.27 -7.86
CA LEU A 465 -35.56 -8.41 -7.09
C LEU A 465 -34.89 -7.07 -6.70
N PRO A 466 -33.70 -7.03 -6.05
CA PRO A 466 -33.11 -5.76 -5.63
C PRO A 466 -32.91 -4.83 -6.84
N PHE A 467 -32.35 -5.36 -7.93
CA PHE A 467 -32.07 -4.52 -9.13
C PHE A 467 -33.38 -3.94 -9.67
N GLY A 468 -34.44 -4.77 -9.71
CA GLY A 468 -35.74 -4.31 -10.23
C GLY A 468 -36.24 -3.09 -9.46
N TYR A 469 -36.20 -3.15 -8.13
CA TYR A 469 -36.61 -2.00 -7.29
C TYR A 469 -35.58 -0.88 -7.45
N LEU A 470 -34.29 -1.22 -7.50
CA LEU A 470 -33.20 -0.21 -7.55
C LEU A 470 -33.35 0.70 -8.79
N VAL A 471 -33.49 0.12 -9.97
CA VAL A 471 -33.50 0.95 -11.22
C VAL A 471 -34.59 2.03 -11.12
N ASP A 472 -35.85 1.64 -10.92
CA ASP A 472 -36.95 2.64 -10.91
C ASP A 472 -36.77 3.59 -9.72
N GLN A 473 -36.33 3.07 -8.57
CA GLN A 473 -36.17 3.93 -7.36
C GLN A 473 -35.19 5.06 -7.68
N TRP A 474 -34.04 4.74 -8.27
CA TRP A 474 -33.06 5.78 -8.66
C TRP A 474 -33.72 6.74 -9.66
N ARG A 475 -34.36 6.20 -10.69
CA ARG A 475 -35.01 7.03 -11.70
C ARG A 475 -36.03 7.97 -11.09
N TRP A 476 -36.80 7.49 -10.10
CA TRP A 476 -37.74 8.37 -9.40
C TRP A 476 -37.02 9.50 -8.69
N GLY A 477 -35.91 9.17 -8.02
CA GLY A 477 -35.14 10.20 -7.35
C GLY A 477 -34.58 11.23 -8.31
N VAL A 478 -34.11 10.78 -9.47
CA VAL A 478 -33.58 11.71 -10.47
C VAL A 478 -34.68 12.61 -11.01
N PHE A 479 -35.85 12.02 -11.33
CA PHE A 479 -36.94 12.80 -11.89
C PHE A 479 -37.47 13.83 -10.90
N SER A 480 -37.66 13.42 -9.64
CA SER A 480 -38.26 14.31 -8.65
C SER A 480 -37.35 15.47 -8.27
N GLY A 481 -36.07 15.42 -8.63
CA GLY A 481 -35.15 16.49 -8.34
C GLY A 481 -34.24 16.26 -7.16
N ARG A 482 -34.45 15.18 -6.40
CA ARG A 482 -33.59 14.91 -5.25
C ARG A 482 -32.18 14.52 -5.66
N THR A 483 -31.94 14.20 -6.93
CA THR A 483 -30.62 13.80 -7.44
C THR A 483 -30.24 14.77 -8.55
N PRO A 484 -29.54 15.85 -8.24
CA PRO A 484 -29.06 16.75 -9.29
C PRO A 484 -28.03 16.06 -10.15
N PRO A 485 -27.64 16.65 -11.29
CA PRO A 485 -26.63 15.99 -12.13
C PRO A 485 -25.24 16.11 -11.55
N SER A 486 -25.14 15.88 -10.24
CA SER A 486 -23.86 15.77 -9.55
C SER A 486 -23.89 14.66 -8.52
N ARG A 487 -25.04 14.00 -8.32
CA ARG A 487 -25.15 12.83 -7.48
C ARG A 487 -25.69 11.63 -8.26
N TYR A 488 -25.56 11.65 -9.59
CA TYR A 488 -26.00 10.53 -10.40
C TYR A 488 -25.29 9.25 -9.99
N ASN A 489 -23.96 9.23 -10.17
CA ASN A 489 -23.18 8.05 -9.80
C ASN A 489 -23.21 7.81 -8.30
N PHE A 490 -23.16 8.89 -7.51
CA PHE A 490 -23.14 8.75 -6.06
C PHE A 490 -24.39 8.04 -5.55
N ASP A 491 -25.57 8.53 -5.94
CA ASP A 491 -26.80 7.90 -5.50
C ASP A 491 -26.98 6.52 -6.12
N TRP A 492 -26.57 6.36 -7.38
CA TRP A 492 -26.69 5.05 -8.01
C TRP A 492 -25.90 4.00 -7.23
N TRP A 493 -24.66 4.31 -6.89
CA TRP A 493 -23.84 3.32 -6.19
C TRP A 493 -24.21 3.18 -4.73
N TYR A 494 -24.75 4.24 -4.11
CA TYR A 494 -25.31 4.08 -2.78
C TYR A 494 -26.46 3.07 -2.80
N LEU A 495 -27.35 3.19 -3.78
CA LEU A 495 -28.45 2.23 -3.90
C LEU A 495 -27.94 0.83 -4.21
N ARG A 496 -26.95 0.72 -5.09
CA ARG A 496 -26.41 -0.58 -5.45
C ARG A 496 -25.80 -1.28 -4.24
N THR A 497 -25.05 -0.55 -3.42
CA THR A 497 -24.46 -1.16 -2.24
C THR A 497 -25.52 -1.44 -1.17
N LYS A 498 -26.52 -0.57 -1.04
CA LYS A 498 -27.50 -0.71 0.02
C LYS A 498 -28.45 -1.87 -0.23
N TYR A 499 -28.95 -2.00 -1.46
CA TYR A 499 -29.97 -3.01 -1.76
C TYR A 499 -29.35 -4.31 -2.27
N GLN A 500 -28.42 -4.20 -3.21
CA GLN A 500 -27.85 -5.38 -3.86
C GLN A 500 -26.60 -5.90 -3.18
N GLY A 501 -25.98 -5.11 -2.31
CA GLY A 501 -24.73 -5.54 -1.70
C GLY A 501 -23.61 -5.71 -2.70
N ILE A 502 -23.46 -4.74 -3.60
CA ILE A 502 -22.56 -4.82 -4.74
C ILE A 502 -21.63 -3.61 -4.70
N CYS A 503 -20.34 -3.84 -4.88
CA CYS A 503 -19.40 -2.74 -4.88
C CYS A 503 -18.74 -2.60 -6.25
N PRO A 504 -18.39 -1.39 -6.66
CA PRO A 504 -17.73 -1.22 -7.95
C PRO A 504 -16.35 -1.83 -7.94
N PRO A 505 -15.93 -2.42 -9.06
CA PRO A 505 -14.60 -3.03 -9.12
C PRO A 505 -13.48 -2.01 -9.21
N VAL A 506 -13.79 -0.86 -9.81
CA VAL A 506 -12.83 0.22 -9.97
C VAL A 506 -13.31 1.41 -9.15
N THR A 507 -12.49 2.44 -9.11
CA THR A 507 -12.86 3.68 -8.42
C THR A 507 -13.69 4.54 -9.37
N ARG A 508 -14.92 4.82 -8.97
CA ARG A 508 -15.84 5.60 -9.78
C ARG A 508 -16.01 6.99 -9.18
N ASN A 509 -16.37 7.94 -10.04
CA ASN A 509 -16.60 9.32 -9.64
C ASN A 509 -17.40 10.02 -10.73
N GLU A 510 -17.77 11.27 -10.46
CA GLU A 510 -18.90 11.90 -11.12
C GLU A 510 -18.73 12.04 -12.63
N THR A 511 -17.50 11.91 -13.14
CA THR A 511 -17.33 11.89 -14.58
C THR A 511 -18.11 10.75 -15.23
N HIS A 512 -18.29 9.65 -14.50
CA HIS A 512 -18.97 8.49 -15.03
C HIS A 512 -20.48 8.62 -14.87
N PHE A 513 -21.20 7.81 -15.64
CA PHE A 513 -22.65 7.67 -15.53
C PHE A 513 -22.94 6.19 -15.66
N ASP A 514 -22.93 5.47 -14.53
CA ASP A 514 -23.09 4.04 -14.56
C ASP A 514 -24.54 3.60 -14.73
N ALA A 515 -25.49 4.48 -14.42
CA ALA A 515 -26.89 4.13 -14.63
C ALA A 515 -27.25 4.08 -16.10
N GLY A 516 -26.45 4.73 -16.96
CA GLY A 516 -26.71 4.70 -18.38
C GLY A 516 -26.28 3.43 -19.08
N ALA A 517 -25.42 2.63 -18.43
CA ALA A 517 -25.02 1.36 -19.02
C ALA A 517 -26.17 0.37 -19.06
N LYS A 518 -27.18 0.57 -18.22
CA LYS A 518 -28.38 -0.27 -18.28
C LYS A 518 -29.20 0.13 -19.50
N PHE A 519 -29.82 -0.87 -20.13
CA PHE A 519 -30.55 -0.60 -21.37
C PHE A 519 -31.76 0.29 -21.13
N HIS A 520 -32.51 0.05 -20.05
CA HIS A 520 -33.79 0.70 -19.86
C HIS A 520 -33.68 2.18 -19.50
N VAL A 521 -32.50 2.66 -19.15
CA VAL A 521 -32.36 4.06 -18.73
C VAL A 521 -32.38 4.99 -19.93
N PRO A 522 -31.52 4.80 -20.98
CA PRO A 522 -31.65 5.64 -22.17
C PRO A 522 -32.97 5.43 -22.88
N ASN A 523 -33.25 4.18 -23.26
CA ASN A 523 -34.54 3.82 -23.84
C ASN A 523 -35.54 3.76 -22.71
N VAL A 524 -36.05 4.93 -22.32
CA VAL A 524 -36.81 5.07 -21.07
C VAL A 524 -38.02 4.14 -21.06
N THR A 525 -38.00 3.19 -20.12
CA THR A 525 -39.06 2.22 -19.92
C THR A 525 -39.10 1.99 -18.42
N PRO A 526 -40.27 2.04 -17.80
CA PRO A 526 -40.37 1.74 -16.37
C PRO A 526 -39.88 0.34 -16.06
N TYR A 527 -39.23 0.20 -14.90
CA TYR A 527 -38.62 -1.07 -14.52
C TYR A 527 -39.26 -1.74 -13.32
N ILE A 528 -40.12 -1.02 -12.58
CA ILE A 528 -40.75 -1.62 -11.41
C ILE A 528 -41.85 -2.60 -11.77
N ARG A 529 -42.29 -2.60 -13.02
CA ARG A 529 -43.30 -3.57 -13.44
C ARG A 529 -42.77 -4.99 -13.33
N TYR A 530 -41.46 -5.18 -13.49
CA TYR A 530 -40.89 -6.52 -13.35
C TYR A 530 -40.88 -6.97 -11.90
N PHE A 531 -40.55 -6.07 -10.97
CA PHE A 531 -40.66 -6.38 -9.54
C PHE A 531 -42.08 -6.75 -9.17
N VAL A 532 -43.04 -5.93 -9.61
CA VAL A 532 -44.44 -6.18 -9.28
C VAL A 532 -44.91 -7.50 -9.87
N SER A 533 -44.51 -7.79 -11.12
CA SER A 533 -44.90 -9.04 -11.75
C SER A 533 -44.28 -10.23 -11.04
N PHE A 534 -43.02 -10.11 -10.60
CA PHE A 534 -42.37 -11.22 -9.91
C PHE A 534 -43.10 -11.55 -8.61
N VAL A 535 -43.55 -10.53 -7.88
CA VAL A 535 -44.32 -10.81 -6.67
C VAL A 535 -45.70 -11.37 -7.01
N LEU A 536 -46.36 -10.77 -8.01
CA LEU A 536 -47.74 -11.12 -8.31
C LEU A 536 -47.86 -12.53 -8.89
N GLN A 537 -46.85 -12.99 -9.61
CA GLN A 537 -46.93 -14.33 -10.18
C GLN A 537 -46.97 -15.39 -9.08
N PHE A 538 -46.19 -15.19 -8.01
CA PHE A 538 -46.22 -16.13 -6.90
C PHE A 538 -47.50 -15.99 -6.08
N GLN A 539 -48.00 -14.76 -5.95
CA GLN A 539 -49.29 -14.58 -5.29
C GLN A 539 -50.39 -15.35 -6.03
N PHE A 540 -50.42 -15.21 -7.36
CA PHE A 540 -51.42 -15.92 -8.16
C PHE A 540 -51.22 -17.43 -8.07
N HIS A 541 -49.97 -17.89 -8.10
CA HIS A 541 -49.71 -19.32 -8.02
C HIS A 541 -50.23 -19.89 -6.71
N GLU A 542 -49.94 -19.21 -5.60
CA GLU A 542 -50.42 -19.69 -4.30
C GLU A 542 -51.94 -19.69 -4.25
N ALA A 543 -52.58 -18.61 -4.72
CA ALA A 543 -54.05 -18.56 -4.67
C ALA A 543 -54.68 -19.65 -5.53
N LEU A 544 -54.16 -19.85 -6.75
CA LEU A 544 -54.72 -20.86 -7.63
C LEU A 544 -54.53 -22.26 -7.06
N CYS A 545 -53.34 -22.56 -6.54
CA CYS A 545 -53.13 -23.88 -5.94
C CYS A 545 -53.96 -24.06 -4.68
N LYS A 546 -54.29 -22.97 -3.99
CA LYS A 546 -55.25 -23.06 -2.89
C LYS A 546 -56.63 -23.43 -3.41
N GLU A 547 -57.06 -22.82 -4.51
CA GLU A 547 -58.37 -23.13 -5.07
C GLU A 547 -58.35 -24.38 -5.96
N ALA A 548 -57.17 -24.89 -6.31
CA ALA A 548 -57.09 -26.12 -7.09
C ALA A 548 -57.14 -27.37 -6.22
N GLY A 549 -57.14 -27.23 -4.90
CA GLY A 549 -57.20 -28.35 -4.00
C GLY A 549 -55.88 -29.06 -3.79
N TYR A 550 -54.80 -28.60 -4.39
CA TYR A 550 -53.51 -29.27 -4.24
C TYR A 550 -52.99 -29.07 -2.82
N GLU A 551 -52.45 -30.14 -2.24
CA GLU A 551 -51.86 -30.12 -0.92
C GLU A 551 -50.41 -30.59 -1.00
N GLY A 552 -49.53 -29.90 -0.27
CA GLY A 552 -48.13 -30.24 -0.25
C GLY A 552 -47.26 -29.03 -0.53
N PRO A 553 -46.03 -29.26 -0.97
CA PRO A 553 -45.15 -28.14 -1.32
C PRO A 553 -45.74 -27.36 -2.49
N LEU A 554 -45.56 -26.04 -2.44
CA LEU A 554 -46.17 -25.18 -3.45
C LEU A 554 -45.49 -25.27 -4.80
N HIS A 555 -44.23 -25.69 -4.84
CA HIS A 555 -43.50 -25.75 -6.10
C HIS A 555 -43.74 -27.04 -6.86
N GLN A 556 -44.55 -27.96 -6.33
CA GLN A 556 -44.94 -29.16 -7.03
C GLN A 556 -46.41 -29.17 -7.41
N CYS A 557 -47.08 -28.03 -7.32
CA CYS A 557 -48.50 -27.92 -7.62
C CYS A 557 -48.74 -27.86 -9.13
N ASP A 558 -49.99 -28.09 -9.51
CA ASP A 558 -50.40 -28.03 -10.92
C ASP A 558 -51.87 -27.65 -10.99
N ILE A 559 -52.25 -27.15 -12.17
CA ILE A 559 -53.64 -26.81 -12.47
C ILE A 559 -54.17 -27.58 -13.68
N TYR A 560 -53.39 -28.55 -14.17
CA TYR A 560 -53.86 -29.40 -15.26
C TYR A 560 -55.04 -30.23 -14.80
N ARG A 561 -56.04 -30.34 -15.68
CA ARG A 561 -57.30 -31.04 -15.37
C ARG A 561 -57.97 -30.44 -14.13
N SER A 562 -57.85 -29.12 -13.99
CA SER A 562 -58.40 -28.38 -12.86
C SER A 562 -59.11 -27.13 -13.35
N THR A 563 -59.98 -27.29 -14.35
CA THR A 563 -60.71 -26.15 -14.90
C THR A 563 -61.58 -25.46 -13.86
N LYS A 564 -61.89 -26.14 -12.75
CA LYS A 564 -62.54 -25.48 -11.64
C LYS A 564 -61.65 -24.36 -11.08
N ALA A 565 -60.36 -24.63 -10.94
CA ALA A 565 -59.43 -23.60 -10.49
C ALA A 565 -59.24 -22.50 -11.53
N GLY A 566 -59.37 -22.83 -12.81
CA GLY A 566 -59.24 -21.85 -13.86
C GLY A 566 -60.44 -20.94 -14.01
N ALA A 567 -61.58 -21.29 -13.40
CA ALA A 567 -62.74 -20.42 -13.44
C ALA A 567 -62.45 -19.09 -12.74
N LYS A 568 -61.78 -19.15 -11.58
CA LYS A 568 -61.42 -17.92 -10.88
C LYS A 568 -60.41 -17.10 -11.67
N LEU A 569 -59.46 -17.77 -12.33
CA LEU A 569 -58.50 -17.06 -13.16
C LEU A 569 -59.18 -16.35 -14.32
N ARG A 570 -60.13 -17.03 -14.98
CA ARG A 570 -60.87 -16.39 -16.07
C ARG A 570 -61.73 -15.24 -15.57
N LYS A 571 -62.35 -15.41 -14.39
CA LYS A 571 -63.14 -14.33 -13.82
C LYS A 571 -62.26 -13.10 -13.54
N VAL A 572 -61.05 -13.33 -13.05
CA VAL A 572 -60.12 -12.22 -12.83
C VAL A 572 -59.72 -11.58 -14.15
N LEU A 573 -59.41 -12.40 -15.15
CA LEU A 573 -59.04 -11.86 -16.47
C LEU A 573 -60.20 -11.12 -17.12
N GLN A 574 -61.43 -11.39 -16.69
CA GLN A 574 -62.59 -10.70 -17.27
C GLN A 574 -62.55 -9.20 -17.04
N ALA A 575 -62.02 -8.78 -15.89
CA ALA A 575 -62.03 -7.35 -15.56
C ALA A 575 -61.18 -6.54 -16.53
N GLY A 576 -60.04 -7.08 -16.94
CA GLY A 576 -59.13 -6.29 -17.76
C GLY A 576 -58.61 -5.10 -16.97
N SER A 577 -58.79 -3.90 -17.52
CA SER A 577 -58.43 -2.67 -16.84
C SER A 577 -59.64 -1.94 -16.27
N SER A 578 -60.80 -2.59 -16.20
CA SER A 578 -62.03 -1.90 -15.82
C SER A 578 -61.97 -1.41 -14.38
N ARG A 579 -61.64 -2.29 -13.45
CA ARG A 579 -61.59 -1.97 -12.04
C ARG A 579 -60.15 -1.77 -11.59
N PRO A 580 -59.91 -1.00 -10.53
CA PRO A 580 -58.55 -0.85 -10.02
C PRO A 580 -57.97 -2.20 -9.63
N TRP A 581 -56.67 -2.36 -9.89
CA TRP A 581 -56.04 -3.66 -9.71
C TRP A 581 -56.14 -4.17 -8.27
N GLN A 582 -56.35 -3.27 -7.32
CA GLN A 582 -56.52 -3.71 -5.93
C GLN A 582 -57.78 -4.55 -5.77
N GLU A 583 -58.88 -4.12 -6.40
CA GLU A 583 -60.12 -4.89 -6.31
C GLU A 583 -59.98 -6.25 -6.98
N VAL A 584 -59.35 -6.29 -8.14
CA VAL A 584 -59.17 -7.56 -8.85
C VAL A 584 -58.26 -8.49 -8.05
N LEU A 585 -57.21 -7.94 -7.43
CA LEU A 585 -56.34 -8.75 -6.60
C LEU A 585 -57.07 -9.29 -5.39
N LYS A 586 -57.92 -8.46 -4.76
CA LYS A 586 -58.70 -8.94 -3.62
C LYS A 586 -59.66 -10.04 -4.05
N ASP A 587 -60.27 -9.91 -5.23
CA ASP A 587 -61.13 -10.97 -5.74
C ASP A 587 -60.34 -12.25 -5.97
N MET A 588 -59.13 -12.14 -6.50
CA MET A 588 -58.33 -13.33 -6.80
C MET A 588 -57.78 -13.97 -5.52
N VAL A 589 -57.31 -13.15 -4.58
CA VAL A 589 -56.64 -13.68 -3.38
C VAL A 589 -57.43 -13.30 -2.14
N GLY A 590 -57.56 -12.01 -1.88
CA GLY A 590 -58.24 -11.55 -0.68
C GLY A 590 -57.52 -10.43 0.02
N LEU A 591 -56.42 -9.97 -0.56
CA LEU A 591 -55.62 -8.89 0.00
C LEU A 591 -55.70 -7.67 -0.90
N ASP A 592 -55.66 -6.48 -0.29
CA ASP A 592 -55.76 -5.26 -1.07
C ASP A 592 -54.47 -4.98 -1.84
N ALA A 593 -53.32 -5.23 -1.24
CA ALA A 593 -52.04 -4.89 -1.82
C ALA A 593 -51.19 -6.14 -2.04
N LEU A 594 -49.95 -5.93 -2.46
CA LEU A 594 -49.03 -7.02 -2.73
C LEU A 594 -48.57 -7.65 -1.42
N ASP A 595 -48.12 -8.91 -1.52
CA ASP A 595 -47.62 -9.63 -0.37
C ASP A 595 -46.55 -10.60 -0.82
N ALA A 596 -45.43 -10.65 -0.09
CA ALA A 596 -44.33 -11.54 -0.41
C ALA A 596 -44.40 -12.86 0.35
N GLN A 597 -45.39 -13.05 1.22
CA GLN A 597 -45.48 -14.29 1.97
C GLN A 597 -45.65 -15.52 1.08
N PRO A 598 -46.49 -15.53 0.03
CA PRO A 598 -46.48 -16.68 -0.89
C PRO A 598 -45.13 -16.90 -1.56
N LEU A 599 -44.39 -15.83 -1.85
CA LEU A 599 -43.07 -16.00 -2.42
C LEU A 599 -42.13 -16.73 -1.47
N LEU A 600 -42.16 -16.35 -0.19
CA LEU A 600 -41.33 -17.04 0.79
C LEU A 600 -41.80 -18.47 1.04
N LYS A 601 -43.10 -18.71 0.97
CA LYS A 601 -43.62 -20.07 1.10
C LYS A 601 -43.15 -20.95 -0.06
N TYR A 602 -43.12 -20.39 -1.27
CA TYR A 602 -42.67 -21.15 -2.42
C TYR A 602 -41.21 -21.57 -2.29
N PHE A 603 -40.35 -20.66 -1.82
CA PHE A 603 -38.93 -20.92 -1.69
C PHE A 603 -38.55 -21.47 -0.33
N GLN A 604 -39.49 -22.06 0.40
CA GLN A 604 -39.20 -22.51 1.76
C GLN A 604 -38.12 -23.58 1.82
N PRO A 605 -38.15 -24.66 1.04
CA PRO A 605 -37.05 -25.64 1.14
C PRO A 605 -35.69 -25.07 0.79
N VAL A 606 -35.58 -24.26 -0.27
CA VAL A 606 -34.28 -23.76 -0.67
C VAL A 606 -33.76 -22.75 0.34
N THR A 607 -34.65 -21.92 0.91
CA THR A 607 -34.18 -20.97 1.92
C THR A 607 -33.82 -21.68 3.21
N GLN A 608 -34.51 -22.76 3.57
CA GLN A 608 -34.13 -23.54 4.74
C GLN A 608 -32.77 -24.18 4.54
N TRP A 609 -32.54 -24.76 3.36
CA TRP A 609 -31.24 -25.35 3.06
C TRP A 609 -30.13 -24.29 3.08
N LEU A 610 -30.42 -23.12 2.53
CA LEU A 610 -29.44 -22.04 2.52
C LEU A 610 -29.11 -21.59 3.94
N GLN A 611 -30.12 -21.46 4.79
CA GLN A 611 -29.88 -21.07 6.17
C GLN A 611 -29.03 -22.12 6.88
N GLU A 612 -29.32 -23.41 6.66
CA GLU A 612 -28.52 -24.46 7.27
C GLU A 612 -27.07 -24.40 6.81
N GLN A 613 -26.86 -24.22 5.50
CA GLN A 613 -25.50 -24.16 4.98
C GLN A 613 -24.75 -22.95 5.51
N ASN A 614 -25.41 -21.80 5.60
CA ASN A 614 -24.76 -20.61 6.12
C ASN A 614 -24.43 -20.76 7.60
N GLN A 615 -25.34 -21.37 8.36
CA GLN A 615 -25.07 -21.61 9.78
C GLN A 615 -23.88 -22.55 9.96
N GLN A 616 -23.83 -23.62 9.17
CA GLN A 616 -22.71 -24.56 9.28
C GLN A 616 -21.40 -23.90 8.87
N ASN A 617 -21.40 -23.15 7.77
CA ASN A 617 -20.22 -22.41 7.35
C ASN A 617 -19.90 -21.24 8.27
N GLY A 618 -20.84 -20.82 9.12
CA GLY A 618 -20.60 -19.75 10.05
C GLY A 618 -20.35 -18.39 9.41
N GLU A 619 -21.13 -18.04 8.40
CA GLU A 619 -20.97 -16.75 7.72
C GLU A 619 -21.90 -15.72 8.33
N VAL A 620 -21.54 -14.45 8.13
CA VAL A 620 -22.33 -13.32 8.62
C VAL A 620 -23.26 -12.88 7.51
N LEU A 621 -24.56 -12.87 7.79
CA LEU A 621 -25.54 -12.39 6.83
C LEU A 621 -25.41 -10.89 6.65
N GLY A 622 -25.72 -10.41 5.45
CA GLY A 622 -25.54 -9.02 5.15
C GLY A 622 -24.08 -8.71 4.84
N TRP A 623 -23.82 -7.43 4.64
CA TRP A 623 -22.49 -6.94 4.26
C TRP A 623 -22.09 -5.79 5.17
N PRO A 624 -21.62 -6.07 6.38
CA PRO A 624 -20.84 -5.06 7.11
C PRO A 624 -19.57 -4.76 6.34
N GLU A 625 -18.86 -3.73 6.78
CA GLU A 625 -17.75 -3.18 6.01
C GLU A 625 -18.23 -2.75 4.63
N TYR A 626 -19.29 -1.95 4.62
CA TYR A 626 -19.82 -1.38 3.38
C TYR A 626 -18.78 -0.54 2.66
N GLN A 627 -17.78 -0.04 3.38
CA GLN A 627 -16.76 0.83 2.83
C GLN A 627 -15.55 0.02 2.37
N TRP A 628 -15.83 -0.98 1.53
CA TRP A 628 -14.79 -1.85 1.04
C TRP A 628 -14.90 -1.97 -0.48
N HIS A 629 -13.78 -1.79 -1.17
CA HIS A 629 -13.71 -1.94 -2.61
C HIS A 629 -12.52 -2.80 -2.97
N PRO A 630 -12.66 -3.68 -3.97
CA PRO A 630 -11.59 -4.63 -4.26
C PRO A 630 -10.36 -3.93 -4.79
N PRO A 631 -9.17 -4.45 -4.51
CA PRO A 631 -7.95 -3.83 -5.04
C PRO A 631 -7.85 -4.03 -6.55
N LEU A 632 -7.19 -3.09 -7.20
CA LEU A 632 -6.94 -3.21 -8.63
C LEU A 632 -5.88 -4.28 -8.86
N PRO A 633 -6.08 -5.20 -9.80
CA PRO A 633 -5.05 -6.21 -10.08
C PRO A 633 -3.75 -5.56 -10.54
N ASP A 634 -2.64 -6.20 -10.16
CA ASP A 634 -1.33 -5.68 -10.49
C ASP A 634 -1.14 -5.65 -12.01
N ASN A 635 -0.74 -4.50 -12.53
CA ASN A 635 -0.63 -4.28 -13.97
C ASN A 635 -1.92 -4.65 -14.67
N TYR A 636 -3.03 -4.08 -14.18
CA TYR A 636 -4.34 -4.44 -14.69
C TYR A 636 -4.53 -4.12 -16.17
N PRO A 637 -4.24 -2.91 -16.67
CA PRO A 637 -4.59 -2.61 -18.07
C PRO A 637 -3.90 -3.51 -19.08
N GLU A 638 -2.75 -4.10 -18.73
CA GLU A 638 -2.01 -4.95 -19.65
C GLU A 638 -1.78 -6.36 -19.10
N GLY A 639 -2.65 -6.83 -18.22
CA GLY A 639 -2.50 -8.17 -17.67
C GLY A 639 -3.78 -8.98 -17.69
N ILE A 640 -4.56 -8.83 -18.76
CA ILE A 640 -5.88 -9.46 -18.82
C ILE A 640 -5.89 -10.78 -19.58
N ASP A 641 -4.96 -11.00 -20.50
CA ASP A 641 -4.92 -12.23 -21.29
C ASP A 641 -4.05 -13.29 -20.62
N LEU A 642 -4.32 -13.56 -19.34
CA LEU A 642 -3.59 -14.55 -18.57
C LEU A 642 -4.56 -15.61 -18.06
N VAL A 643 -4.28 -16.86 -18.39
CA VAL A 643 -5.16 -17.96 -18.02
C VAL A 643 -5.03 -18.21 -16.52
N THR A 644 -6.17 -18.25 -15.83
CA THR A 644 -6.20 -18.53 -14.40
C THR A 644 -7.35 -19.47 -14.05
N ASP A 645 -7.54 -20.50 -14.86
CA ASP A 645 -8.59 -21.50 -14.62
C ASP A 645 -7.97 -22.77 -14.07
N GLU A 646 -8.54 -23.29 -12.98
CA GLU A 646 -7.96 -24.45 -12.31
C GLU A 646 -8.02 -25.69 -13.19
N ALA A 647 -9.10 -25.86 -13.95
CA ALA A 647 -9.20 -27.00 -14.85
C ALA A 647 -8.11 -26.94 -15.92
N GLU A 648 -7.90 -25.75 -16.50
CA GLU A 648 -6.84 -25.58 -17.48
C GLU A 648 -5.47 -25.86 -16.88
N ALA A 649 -5.25 -25.39 -15.65
CA ALA A 649 -3.98 -25.62 -14.98
C ALA A 649 -3.74 -27.11 -14.74
N SER A 650 -4.77 -27.83 -14.29
CA SER A 650 -4.62 -29.26 -14.07
C SER A 650 -4.36 -30.00 -15.38
N LYS A 651 -5.07 -29.64 -16.44
CA LYS A 651 -4.80 -30.26 -17.73
C LYS A 651 -3.37 -29.99 -18.19
N PHE A 652 -2.90 -28.76 -18.01
CA PHE A 652 -1.54 -28.42 -18.41
C PHE A 652 -0.51 -29.21 -17.62
N VAL A 653 -0.68 -29.30 -16.30
CA VAL A 653 0.31 -30.02 -15.50
C VAL A 653 0.31 -31.50 -15.86
N GLU A 654 -0.86 -32.06 -16.16
CA GLU A 654 -0.90 -33.47 -16.56
C GLU A 654 -0.18 -33.69 -17.89
N GLU A 655 -0.43 -32.82 -18.87
CA GLU A 655 0.23 -32.98 -20.17
C GLU A 655 1.74 -32.78 -20.04
N TYR A 656 2.16 -31.78 -19.26
CA TYR A 656 3.58 -31.53 -19.06
C TYR A 656 4.25 -32.71 -18.38
N ASP A 657 3.62 -33.28 -17.36
CA ASP A 657 4.14 -34.47 -16.71
C ASP A 657 4.32 -35.60 -17.72
N ARG A 658 3.27 -35.86 -18.52
CA ARG A 658 3.30 -36.99 -19.43
C ARG A 658 4.42 -36.86 -20.45
N THR A 659 4.60 -35.65 -21.03
CA THR A 659 5.65 -35.49 -22.03
C THR A 659 7.04 -35.47 -21.38
N SER A 660 7.19 -34.71 -20.29
CA SER A 660 8.49 -34.57 -19.66
C SER A 660 9.03 -35.89 -19.19
N GLN A 661 8.16 -36.83 -18.81
CA GLN A 661 8.65 -38.14 -18.37
C GLN A 661 9.52 -38.77 -19.45
N VAL A 662 9.00 -38.89 -20.67
CA VAL A 662 9.74 -39.57 -21.72
C VAL A 662 10.93 -38.73 -22.19
N VAL A 663 10.75 -37.40 -22.30
CA VAL A 663 11.88 -36.60 -22.76
C VAL A 663 13.05 -36.67 -21.78
N TRP A 664 12.76 -36.57 -20.48
CA TRP A 664 13.83 -36.61 -19.50
C TRP A 664 14.42 -38.01 -19.39
N ASN A 665 13.62 -39.05 -19.59
CA ASN A 665 14.18 -40.40 -19.65
C ASN A 665 15.20 -40.53 -20.77
N GLU A 666 14.86 -40.03 -21.96
CA GLU A 666 15.80 -40.11 -23.07
C GLU A 666 17.06 -39.30 -22.81
N TYR A 667 16.91 -38.10 -22.23
CA TYR A 667 18.09 -37.29 -21.90
C TYR A 667 18.97 -38.00 -20.89
N ALA A 668 18.36 -38.60 -19.86
CA ALA A 668 19.15 -39.31 -18.86
C ALA A 668 19.87 -40.50 -19.47
N GLU A 669 19.23 -41.20 -20.42
CA GLU A 669 19.92 -42.30 -21.09
C GLU A 669 21.10 -41.80 -21.91
N ALA A 670 20.94 -40.65 -22.58
CA ALA A 670 22.06 -40.08 -23.30
C ALA A 670 23.21 -39.73 -22.36
N ASN A 671 22.89 -39.19 -21.18
CA ASN A 671 23.93 -38.86 -20.20
C ASN A 671 24.61 -40.13 -19.67
N TRP A 672 23.83 -41.16 -19.37
CA TRP A 672 24.35 -42.52 -19.15
C TRP A 672 25.44 -42.86 -20.15
N ASN A 673 25.07 -42.85 -21.43
CA ASN A 673 25.97 -43.33 -22.46
C ASN A 673 27.20 -42.44 -22.61
N TYR A 674 27.03 -41.13 -22.42
CA TYR A 674 28.18 -40.24 -22.50
C TYR A 674 29.17 -40.53 -21.38
N ASN A 675 28.68 -40.58 -20.13
CA ASN A 675 29.59 -40.74 -19.01
C ASN A 675 30.23 -42.12 -18.97
N THR A 676 29.43 -43.16 -19.24
CA THR A 676 29.95 -44.53 -19.18
C THR A 676 30.77 -44.89 -20.41
N ASN A 677 30.36 -44.41 -21.59
CA ASN A 677 30.94 -44.85 -22.85
C ASN A 677 31.56 -43.66 -23.59
N ILE A 678 32.37 -42.88 -22.88
CA ILE A 678 32.80 -41.58 -23.38
C ILE A 678 33.53 -41.72 -24.71
N THR A 679 32.94 -41.15 -25.76
CA THR A 679 33.49 -41.14 -27.11
C THR A 679 33.00 -39.87 -27.80
N THR A 680 33.38 -39.69 -29.06
CA THR A 680 32.90 -38.53 -29.81
C THR A 680 31.46 -38.73 -30.28
N GLU A 681 31.08 -39.96 -30.63
CA GLU A 681 29.70 -40.21 -31.03
C GLU A 681 28.75 -40.00 -29.86
N THR A 682 29.16 -40.43 -28.66
CA THR A 682 28.33 -40.20 -27.48
C THR A 682 28.22 -38.71 -27.17
N SER A 683 29.29 -37.95 -27.40
CA SER A 683 29.23 -36.51 -27.19
C SER A 683 28.26 -35.85 -28.18
N LYS A 684 28.30 -36.26 -29.44
CA LYS A 684 27.37 -35.71 -30.42
C LYS A 684 25.92 -36.07 -30.07
N ILE A 685 25.68 -37.31 -29.64
CA ILE A 685 24.34 -37.71 -29.24
C ILE A 685 23.89 -36.90 -28.04
N LEU A 686 24.79 -36.66 -27.08
CA LEU A 686 24.46 -35.85 -25.91
C LEU A 686 24.10 -34.43 -26.31
N LEU A 687 24.84 -33.85 -27.24
CA LEU A 687 24.51 -32.50 -27.71
C LEU A 687 23.14 -32.48 -28.38
N GLN A 688 22.84 -33.50 -29.19
CA GLN A 688 21.54 -33.55 -29.85
C GLN A 688 20.41 -33.66 -28.84
N LYS A 689 20.56 -34.51 -27.83
CA LYS A 689 19.53 -34.64 -26.81
C LYS A 689 19.45 -33.40 -25.93
N ASN A 690 20.58 -32.71 -25.73
CA ASN A 690 20.54 -31.41 -25.06
C ASN A 690 19.63 -30.46 -25.82
N MET A 691 19.81 -30.38 -27.14
CA MET A 691 18.97 -29.50 -27.94
C MET A 691 17.51 -29.94 -27.89
N GLN A 692 17.26 -31.25 -27.92
CA GLN A 692 15.89 -31.74 -27.90
C GLN A 692 15.18 -31.39 -26.59
N ILE A 693 15.83 -31.67 -25.46
CA ILE A 693 15.21 -31.37 -24.18
C ILE A 693 15.11 -29.88 -23.96
N ALA A 694 16.05 -29.10 -24.50
CA ALA A 694 15.91 -27.65 -24.43
C ALA A 694 14.70 -27.18 -25.22
N ASN A 695 14.47 -27.78 -26.38
CA ASN A 695 13.28 -27.45 -27.17
C ASN A 695 12.01 -27.75 -26.38
N HIS A 696 11.93 -28.94 -25.79
CA HIS A 696 10.73 -29.31 -25.03
C HIS A 696 10.52 -28.39 -23.84
N THR A 697 11.59 -28.12 -23.09
CA THR A 697 11.50 -27.25 -21.92
C THR A 697 11.08 -25.85 -22.32
N LEU A 698 11.66 -25.31 -23.40
CA LEU A 698 11.28 -23.99 -23.86
C LEU A 698 9.81 -23.96 -24.27
N LYS A 699 9.35 -24.99 -24.99
CA LYS A 699 7.95 -25.03 -25.42
C LYS A 699 7.02 -24.99 -24.23
N TYR A 700 7.22 -25.89 -23.26
CA TYR A 700 6.27 -25.96 -22.16
C TYR A 700 6.43 -24.80 -21.18
N GLY A 701 7.64 -24.26 -21.03
CA GLY A 701 7.80 -23.07 -20.23
C GLY A 701 7.12 -21.86 -20.84
N THR A 702 7.26 -21.67 -22.15
CA THR A 702 6.57 -20.58 -22.82
C THR A 702 5.06 -20.75 -22.71
N GLN A 703 4.59 -21.99 -22.81
CA GLN A 703 3.16 -22.25 -22.59
C GLN A 703 2.74 -21.87 -21.17
N ALA A 704 3.59 -22.19 -20.19
CA ALA A 704 3.25 -21.90 -18.80
C ALA A 704 3.41 -20.43 -18.43
N ARG A 705 4.12 -19.65 -19.25
CA ARG A 705 4.23 -18.21 -18.98
C ARG A 705 2.95 -17.46 -19.31
N LYS A 706 1.99 -18.13 -19.96
CA LYS A 706 0.68 -17.54 -20.21
C LYS A 706 -0.28 -17.73 -19.03
N PHE A 707 0.18 -18.37 -17.96
CA PHE A 707 -0.64 -18.56 -16.77
C PHE A 707 -0.43 -17.41 -15.81
N ASP A 708 -1.17 -17.43 -14.70
CA ASP A 708 -1.01 -16.47 -13.62
C ASP A 708 -0.81 -17.27 -12.33
N VAL A 709 0.43 -17.36 -11.88
CA VAL A 709 0.72 -18.14 -10.68
C VAL A 709 0.06 -17.53 -9.45
N ASN A 710 0.11 -16.21 -9.33
CA ASN A 710 -0.47 -15.55 -8.15
C ASN A 710 -1.98 -15.73 -8.10
N GLN A 711 -2.66 -15.59 -9.24
CA GLN A 711 -4.11 -15.70 -9.29
C GLN A 711 -4.60 -17.13 -9.08
N LEU A 712 -3.70 -18.11 -9.12
CA LEU A 712 -4.09 -19.51 -8.94
C LEU A 712 -4.24 -19.79 -7.45
N GLN A 713 -5.46 -20.06 -7.01
CA GLN A 713 -5.73 -20.28 -5.59
C GLN A 713 -5.54 -21.76 -5.26
N ASN A 714 -4.30 -22.20 -5.39
CA ASN A 714 -3.89 -23.55 -5.05
C ASN A 714 -2.41 -23.49 -4.68
N THR A 715 -1.93 -24.57 -4.09
CA THR A 715 -0.54 -24.62 -3.65
C THR A 715 0.30 -25.56 -4.51
N THR A 716 -0.12 -26.82 -4.66
CA THR A 716 0.66 -27.77 -5.45
C THR A 716 0.71 -27.37 -6.91
N ILE A 717 -0.45 -27.04 -7.50
CA ILE A 717 -0.48 -26.66 -8.91
C ILE A 717 0.26 -25.35 -9.12
N LYS A 718 0.06 -24.38 -8.23
CA LYS A 718 0.77 -23.12 -8.36
C LYS A 718 2.27 -23.29 -8.19
N ARG A 719 2.69 -24.16 -7.27
CA ARG A 719 4.10 -24.45 -7.10
C ARG A 719 4.70 -25.08 -8.36
N ILE A 720 3.98 -26.04 -8.95
CA ILE A 720 4.46 -26.67 -10.18
C ILE A 720 4.57 -25.65 -11.30
N ILE A 721 3.56 -24.79 -11.43
CA ILE A 721 3.59 -23.78 -12.48
C ILE A 721 4.77 -22.83 -12.29
N LYS A 722 5.00 -22.39 -11.06
CA LYS A 722 6.13 -21.51 -10.79
C LYS A 722 7.45 -22.22 -11.07
N LYS A 723 7.55 -23.50 -10.73
CA LYS A 723 8.78 -24.25 -11.00
C LYS A 723 9.04 -24.37 -12.50
N VAL A 724 7.98 -24.57 -13.29
CA VAL A 724 8.16 -24.68 -14.74
C VAL A 724 8.18 -23.33 -15.43
N GLN A 725 8.00 -22.23 -14.70
CA GLN A 725 8.05 -20.91 -15.31
C GLN A 725 9.43 -20.62 -15.90
N ASP A 726 10.48 -20.97 -15.17
CA ASP A 726 11.84 -20.64 -15.59
C ASP A 726 12.40 -21.69 -16.53
N LEU A 727 12.99 -21.24 -17.63
CA LEU A 727 13.49 -22.13 -18.67
C LEU A 727 14.93 -22.57 -18.45
N GLU A 728 15.62 -21.99 -17.47
CA GLU A 728 17.03 -22.30 -17.19
C GLU A 728 17.82 -21.95 -18.45
N ARG A 729 18.64 -22.86 -18.98
CA ARG A 729 19.45 -22.55 -20.16
C ARG A 729 18.63 -22.45 -21.44
N ALA A 730 17.38 -22.91 -21.42
CA ALA A 730 16.55 -22.86 -22.62
C ALA A 730 16.10 -21.45 -22.96
N ALA A 731 16.25 -20.49 -22.04
CA ALA A 731 15.90 -19.11 -22.33
C ALA A 731 16.92 -18.41 -23.23
N LEU A 732 18.07 -19.03 -23.46
CA LEU A 732 19.07 -18.45 -24.34
C LEU A 732 18.61 -18.54 -25.79
N PRO A 733 19.11 -17.65 -26.65
CA PRO A 733 18.88 -17.81 -28.09
C PRO A 733 19.51 -19.11 -28.58
N ALA A 734 18.97 -19.62 -29.69
CA ALA A 734 19.40 -20.92 -30.19
C ALA A 734 20.89 -20.95 -30.50
N GLN A 735 21.41 -19.89 -31.12
CA GLN A 735 22.84 -19.82 -31.40
C GLN A 735 23.65 -19.77 -30.11
N GLU A 736 23.23 -18.91 -29.17
CA GLU A 736 23.94 -18.82 -27.90
C GLU A 736 23.72 -20.07 -27.06
N LEU A 737 22.56 -20.72 -27.18
CA LEU A 737 22.35 -21.98 -26.48
C LEU A 737 23.29 -23.06 -27.00
N GLU A 738 23.49 -23.12 -28.33
CA GLU A 738 24.44 -24.06 -28.89
C GLU A 738 25.85 -23.75 -28.42
N GLU A 739 26.21 -22.47 -28.40
CA GLU A 739 27.53 -22.08 -27.91
C GLU A 739 27.72 -22.47 -26.45
N TYR A 740 26.69 -22.25 -25.62
CA TYR A 740 26.78 -22.58 -24.21
C TYR A 740 26.91 -24.09 -23.99
N ASN A 741 26.13 -24.88 -24.73
CA ASN A 741 26.24 -26.33 -24.60
C ASN A 741 27.61 -26.82 -25.03
N LYS A 742 28.14 -26.25 -26.12
CA LYS A 742 29.49 -26.61 -26.55
C LYS A 742 30.52 -26.26 -25.49
N ILE A 743 30.40 -25.08 -24.89
CA ILE A 743 31.34 -24.66 -23.85
C ILE A 743 31.29 -25.61 -22.67
N LEU A 744 30.08 -25.95 -22.22
CA LEU A 744 29.93 -26.82 -21.05
C LEU A 744 30.51 -28.20 -21.33
N LEU A 745 30.20 -28.76 -22.50
CA LEU A 745 30.70 -30.10 -22.81
C LEU A 745 32.21 -30.09 -23.00
N ASP A 746 32.76 -29.03 -23.60
CA ASP A 746 34.20 -28.93 -23.76
C ASP A 746 34.89 -28.86 -22.41
N MET A 747 34.36 -28.08 -21.48
CA MET A 747 34.94 -27.99 -20.15
C MET A 747 34.88 -29.33 -19.43
N GLU A 748 33.73 -30.00 -19.48
CA GLU A 748 33.61 -31.31 -18.84
C GLU A 748 34.60 -32.31 -19.43
N THR A 749 34.70 -32.36 -20.75
CA THR A 749 35.57 -33.33 -21.40
C THR A 749 37.04 -33.04 -21.11
N THR A 750 37.45 -31.78 -21.23
CA THR A 750 38.86 -31.45 -20.99
C THR A 750 39.24 -31.60 -19.53
N TYR A 751 38.27 -31.56 -18.60
CA TYR A 751 38.60 -31.93 -17.24
C TYR A 751 38.71 -33.44 -17.08
N SER A 752 37.82 -34.19 -17.74
CA SER A 752 37.73 -35.63 -17.49
C SER A 752 38.88 -36.41 -18.12
N VAL A 753 39.51 -35.89 -19.17
CA VAL A 753 40.55 -36.61 -19.89
C VAL A 753 41.93 -36.04 -19.63
N ALA A 754 42.07 -35.15 -18.64
CA ALA A 754 43.34 -34.50 -18.38
C ALA A 754 44.24 -35.38 -17.53
N THR A 755 45.48 -35.58 -17.99
CA THR A 755 46.48 -36.34 -17.27
C THR A 755 47.78 -35.54 -17.23
N VAL A 756 48.55 -35.73 -16.16
CA VAL A 756 49.85 -35.08 -16.00
C VAL A 756 50.90 -36.16 -15.82
N CYS A 757 52.08 -35.93 -16.38
CA CYS A 757 53.15 -36.92 -16.28
C CYS A 757 54.50 -36.30 -16.60
N HIS A 758 55.54 -36.99 -16.15
CA HIS A 758 56.91 -36.65 -16.51
C HIS A 758 57.14 -36.95 -17.99
N PRO A 759 58.06 -36.22 -18.64
CA PRO A 759 58.39 -36.54 -20.04
C PRO A 759 58.99 -37.92 -20.24
N ASN A 760 59.21 -38.66 -19.14
CA ASN A 760 59.72 -40.01 -19.27
C ASN A 760 58.70 -40.94 -19.93
N GLY A 761 57.41 -40.71 -19.69
CA GLY A 761 56.38 -41.46 -20.39
C GLY A 761 55.24 -41.97 -19.52
N SER A 762 55.54 -42.31 -18.26
CA SER A 762 54.52 -42.88 -17.39
C SER A 762 53.53 -41.81 -16.96
N CYS A 763 52.28 -41.95 -17.40
CA CYS A 763 51.26 -40.93 -17.16
C CYS A 763 50.18 -41.45 -16.22
N LEU A 764 49.66 -40.54 -15.42
CA LEU A 764 48.71 -40.86 -14.35
C LEU A 764 47.45 -40.03 -14.49
N GLN A 765 46.33 -40.62 -14.07
CA GLN A 765 45.05 -39.95 -14.04
C GLN A 765 44.68 -39.59 -12.61
N LEU A 766 43.74 -38.67 -12.47
CA LEU A 766 43.38 -38.17 -11.15
C LEU A 766 42.80 -39.25 -10.26
N GLU A 767 41.62 -39.79 -10.61
CA GLU A 767 40.94 -40.72 -9.71
C GLU A 767 41.70 -42.01 -9.50
N PRO A 768 42.19 -42.71 -10.53
CA PRO A 768 42.89 -43.97 -10.28
C PRO A 768 44.22 -43.80 -9.55
N ASP A 769 45.07 -42.90 -10.04
CA ASP A 769 46.47 -42.84 -9.61
C ASP A 769 46.80 -41.60 -8.78
N LEU A 770 46.53 -40.41 -9.30
CA LEU A 770 47.01 -39.19 -8.65
C LEU A 770 46.42 -39.03 -7.25
N THR A 771 45.15 -39.38 -7.08
CA THR A 771 44.55 -39.34 -5.76
C THR A 771 45.26 -40.29 -4.80
N ASN A 772 45.62 -41.48 -5.28
CA ASN A 772 46.34 -42.43 -4.44
C ASN A 772 47.70 -41.86 -4.01
N VAL A 773 48.42 -41.24 -4.95
CA VAL A 773 49.70 -40.64 -4.61
C VAL A 773 49.53 -39.53 -3.58
N MET A 774 48.52 -38.68 -3.77
CA MET A 774 48.33 -37.57 -2.85
C MET A 774 47.94 -38.05 -1.46
N ALA A 775 47.16 -39.12 -1.38
CA ALA A 775 46.70 -39.64 -0.10
C ALA A 775 47.63 -40.66 0.51
N THR A 776 48.71 -41.05 -0.18
CA THR A 776 49.62 -42.06 0.34
C THR A 776 51.03 -41.53 0.55
N SER A 777 51.59 -40.81 -0.42
CA SER A 777 52.97 -40.37 -0.32
C SER A 777 53.16 -39.37 0.80
N ARG A 778 54.23 -39.55 1.58
CA ARG A 778 54.60 -38.61 2.63
C ARG A 778 55.84 -37.81 2.28
N LYS A 779 56.34 -37.93 1.06
CA LYS A 779 57.49 -37.16 0.61
C LYS A 779 57.03 -35.81 0.10
N TYR A 780 57.72 -34.75 0.52
CA TYR A 780 57.30 -33.40 0.13
C TYR A 780 57.40 -33.20 -1.38
N GLU A 781 58.49 -33.66 -1.99
CA GLU A 781 58.72 -33.38 -3.41
C GLU A 781 57.69 -34.07 -4.29
N ASP A 782 57.36 -35.33 -3.99
CA ASP A 782 56.39 -36.06 -4.82
C ASP A 782 54.99 -35.45 -4.69
N LEU A 783 54.58 -35.12 -3.46
CA LEU A 783 53.29 -34.47 -3.28
C LEU A 783 53.24 -33.13 -4.02
N LEU A 784 54.33 -32.36 -3.93
CA LEU A 784 54.36 -31.08 -4.64
C LEU A 784 54.28 -31.29 -6.15
N TRP A 785 54.99 -32.29 -6.67
CA TRP A 785 54.94 -32.55 -8.11
C TRP A 785 53.52 -32.89 -8.54
N ALA A 786 52.86 -33.79 -7.82
CA ALA A 786 51.51 -34.18 -8.21
C ALA A 786 50.55 -32.99 -8.14
N TRP A 787 50.62 -32.25 -7.03
CA TRP A 787 49.73 -31.11 -6.84
C TRP A 787 49.92 -30.07 -7.94
N GLU A 788 51.17 -29.65 -8.16
CA GLU A 788 51.45 -28.62 -9.16
C GLU A 788 51.09 -29.10 -10.55
N GLY A 789 51.44 -30.34 -10.91
CA GLY A 789 51.16 -30.82 -12.24
C GLY A 789 49.68 -30.91 -12.54
N TRP A 790 48.91 -31.50 -11.62
CA TRP A 790 47.48 -31.60 -11.85
C TRP A 790 46.85 -30.22 -11.93
N ARG A 791 47.21 -29.32 -11.00
CA ARG A 791 46.63 -28.00 -11.01
C ARG A 791 46.96 -27.27 -12.30
N ASP A 792 48.21 -27.35 -12.75
CA ASP A 792 48.61 -26.71 -14.00
C ASP A 792 47.78 -27.24 -15.15
N LYS A 793 47.75 -28.56 -15.34
CA LYS A 793 47.06 -29.12 -16.49
C LYS A 793 45.58 -28.75 -16.50
N ALA A 794 44.88 -29.07 -15.40
CA ALA A 794 43.44 -28.85 -15.38
C ALA A 794 43.08 -27.37 -15.43
N GLY A 795 43.78 -26.54 -14.64
CA GLY A 795 43.44 -25.13 -14.60
C GLY A 795 43.73 -24.42 -15.91
N ARG A 796 44.89 -24.67 -16.52
CA ARG A 796 45.18 -24.04 -17.79
C ARG A 796 44.32 -24.61 -18.91
N ALA A 797 43.74 -25.80 -18.72
CA ALA A 797 42.76 -26.26 -19.70
C ALA A 797 41.41 -25.56 -19.54
N ILE A 798 40.99 -25.28 -18.30
CA ILE A 798 39.66 -24.74 -18.08
C ILE A 798 39.61 -23.21 -18.19
N LEU A 799 40.71 -22.53 -17.92
CA LEU A 799 40.72 -21.06 -17.93
C LEU A 799 40.37 -20.51 -19.31
N GLN A 800 40.74 -21.23 -20.36
CA GLN A 800 40.43 -20.78 -21.71
C GLN A 800 38.93 -20.70 -21.94
N PHE A 801 38.15 -21.55 -21.26
CA PHE A 801 36.70 -21.58 -21.43
C PHE A 801 35.94 -20.77 -20.40
N TYR A 802 36.47 -20.62 -19.19
CA TYR A 802 35.62 -20.17 -18.08
C TYR A 802 34.97 -18.80 -18.28
N PRO A 803 35.65 -17.74 -18.74
CA PRO A 803 34.95 -16.45 -18.87
C PRO A 803 33.73 -16.49 -19.78
N LYS A 804 33.79 -17.23 -20.89
CA LYS A 804 32.64 -17.35 -21.76
C LYS A 804 31.49 -18.07 -21.07
N TYR A 805 31.81 -19.12 -20.31
CA TYR A 805 30.78 -19.82 -19.56
C TYR A 805 30.12 -18.90 -18.54
N VAL A 806 30.92 -18.09 -17.84
CA VAL A 806 30.38 -17.16 -16.87
C VAL A 806 29.43 -16.18 -17.55
N GLU A 807 29.86 -15.61 -18.67
CA GLU A 807 29.03 -14.64 -19.37
C GLU A 807 27.72 -15.27 -19.85
N LEU A 808 27.80 -16.48 -20.41
CA LEU A 808 26.61 -17.13 -20.95
C LEU A 808 25.63 -17.51 -19.85
N ILE A 809 26.13 -18.06 -18.73
CA ILE A 809 25.22 -18.44 -17.65
C ILE A 809 24.61 -17.20 -17.00
N ASN A 810 25.38 -16.12 -16.88
CA ASN A 810 24.82 -14.87 -16.39
C ASN A 810 23.71 -14.38 -17.31
N GLN A 811 23.93 -14.44 -18.62
CA GLN A 811 22.92 -14.00 -19.57
C GLN A 811 21.65 -14.85 -19.48
N ALA A 812 21.81 -16.17 -19.37
CA ALA A 812 20.65 -17.04 -19.27
C ALA A 812 19.86 -16.77 -18.00
N ALA A 813 20.55 -16.58 -16.87
CA ALA A 813 19.84 -16.31 -15.62
C ALA A 813 19.20 -14.93 -15.65
N ARG A 814 19.82 -13.96 -16.31
CA ARG A 814 19.22 -12.65 -16.45
C ARG A 814 17.94 -12.72 -17.28
N LEU A 815 17.95 -13.52 -18.35
CA LEU A 815 16.73 -13.71 -19.12
C LEU A 815 15.68 -14.46 -18.32
N ASN A 816 16.10 -15.33 -17.40
CA ASN A 816 15.15 -16.02 -16.53
C ASN A 816 14.56 -15.12 -15.46
N GLY A 817 15.08 -13.90 -15.29
CA GLY A 817 14.57 -12.97 -14.31
C GLY A 817 15.36 -12.85 -13.03
N TYR A 818 16.50 -13.53 -12.93
CA TYR A 818 17.34 -13.47 -11.75
C TYR A 818 18.40 -12.38 -11.93
N VAL A 819 19.38 -12.34 -11.03
CA VAL A 819 20.44 -11.35 -11.07
C VAL A 819 21.77 -12.09 -11.15
N ASP A 820 22.28 -12.25 -12.37
CA ASP A 820 23.65 -12.70 -12.61
C ASP A 820 23.95 -14.08 -12.01
N ALA A 821 22.97 -14.99 -12.09
CA ALA A 821 23.21 -16.43 -11.99
C ALA A 821 23.73 -16.90 -10.62
N GLY A 822 23.95 -15.98 -9.69
CA GLY A 822 24.24 -16.38 -8.34
C GLY A 822 22.93 -16.51 -7.59
N ASP A 823 22.06 -15.53 -7.79
CA ASP A 823 20.72 -15.59 -7.22
C ASP A 823 19.94 -16.76 -7.79
N SER A 824 20.17 -17.10 -9.06
CA SER A 824 19.50 -18.25 -9.66
C SER A 824 19.86 -19.54 -8.92
N TRP A 825 21.14 -19.70 -8.55
CA TRP A 825 21.56 -20.88 -7.83
C TRP A 825 21.11 -20.84 -6.38
N ARG A 826 21.08 -19.67 -5.77
CA ARG A 826 20.66 -19.55 -4.38
C ARG A 826 19.15 -19.64 -4.20
N SER A 827 18.39 -19.48 -5.29
CA SER A 827 16.93 -19.52 -5.18
C SER A 827 16.38 -20.92 -4.93
N MET A 828 17.18 -21.96 -5.10
CA MET A 828 16.71 -23.31 -4.82
C MET A 828 16.39 -23.52 -3.35
N TYR A 829 16.90 -22.65 -2.47
CA TYR A 829 16.65 -22.76 -1.04
C TYR A 829 15.47 -21.92 -0.58
N GLU A 830 14.90 -21.09 -1.45
CA GLU A 830 13.73 -20.27 -1.13
C GLU A 830 13.94 -19.42 0.12
N THR A 831 15.18 -19.10 0.42
CA THR A 831 15.51 -18.29 1.59
C THR A 831 16.16 -16.99 1.14
N PRO A 832 15.47 -15.84 1.22
CA PRO A 832 16.10 -14.58 0.84
C PRO A 832 17.29 -14.19 1.69
N SER A 833 17.39 -14.74 2.90
CA SER A 833 18.48 -14.45 3.82
C SER A 833 19.41 -15.66 4.00
N LEU A 834 19.66 -16.39 2.91
CA LEU A 834 20.49 -17.58 3.00
C LEU A 834 21.93 -17.24 3.34
N GLU A 835 22.48 -16.19 2.72
CA GLU A 835 23.89 -15.86 2.93
C GLU A 835 24.17 -15.52 4.38
N GLN A 836 23.30 -14.76 5.02
CA GLN A 836 23.49 -14.42 6.43
C GLN A 836 23.45 -15.66 7.30
N ASP A 837 22.52 -16.58 7.02
CA ASP A 837 22.43 -17.81 7.81
C ASP A 837 23.71 -18.64 7.66
N LEU A 838 24.22 -18.77 6.43
CA LEU A 838 25.44 -19.53 6.24
C LEU A 838 26.62 -18.86 6.93
N GLU A 839 26.69 -17.54 6.89
CA GLU A 839 27.76 -16.83 7.58
C GLU A 839 27.69 -17.07 9.09
N ARG A 840 26.47 -17.04 9.65
CA ARG A 840 26.31 -17.31 11.07
C ARG A 840 26.76 -18.72 11.43
N LEU A 841 26.38 -19.70 10.60
CA LEU A 841 26.77 -21.08 10.87
C LEU A 841 28.29 -21.24 10.81
N PHE A 842 28.94 -20.62 9.81
CA PHE A 842 30.39 -20.71 9.74
C PHE A 842 31.07 -20.02 10.91
N GLN A 843 30.51 -18.89 11.35
CA GLN A 843 31.04 -18.21 12.53
C GLN A 843 30.95 -19.12 13.75
N GLU A 844 29.84 -19.84 13.88
CA GLU A 844 29.69 -20.77 15.01
C GLU A 844 30.70 -21.91 14.92
N LEU A 845 30.94 -22.45 13.72
CA LEU A 845 31.88 -23.56 13.58
C LEU A 845 33.34 -23.14 13.58
N GLN A 846 33.64 -21.85 13.51
CA GLN A 846 35.04 -21.42 13.41
C GLN A 846 35.93 -21.91 14.54
N PRO A 847 35.57 -21.81 15.83
CA PRO A 847 36.55 -22.16 16.88
C PRO A 847 37.01 -23.61 16.87
N LEU A 848 36.10 -24.55 16.66
CA LEU A 848 36.48 -25.96 16.62
C LEU A 848 37.43 -26.23 15.46
N TYR A 849 37.15 -25.64 14.30
CA TYR A 849 38.05 -25.80 13.16
C TYR A 849 39.40 -25.18 13.45
N LEU A 850 39.43 -24.04 14.14
CA LEU A 850 40.71 -23.41 14.45
C LEU A 850 41.54 -24.28 15.38
N ASN A 851 40.91 -24.89 16.39
CA ASN A 851 41.63 -25.79 17.28
C ASN A 851 42.16 -27.00 16.53
N LEU A 852 41.33 -27.60 15.68
CA LEU A 852 41.78 -28.75 14.89
C LEU A 852 42.92 -28.37 13.95
N HIS A 853 42.82 -27.19 13.33
CA HIS A 853 43.86 -26.72 12.43
C HIS A 853 45.18 -26.52 13.16
N ALA A 854 45.13 -25.95 14.36
CA ALA A 854 46.34 -25.76 15.15
C ALA A 854 46.98 -27.10 15.51
N TYR A 855 46.16 -28.06 15.95
CA TYR A 855 46.71 -29.37 16.31
C TYR A 855 47.33 -30.07 15.10
N VAL A 856 46.64 -30.03 13.95
CA VAL A 856 47.16 -30.68 12.76
C VAL A 856 48.43 -30.00 12.27
N ARG A 857 48.49 -28.67 12.39
CA ARG A 857 49.71 -27.96 12.01
C ARG A 857 50.87 -28.36 12.91
N ARG A 858 50.61 -28.51 14.22
CA ARG A 858 51.67 -28.97 15.12
C ARG A 858 52.15 -30.37 14.73
N ALA A 859 51.23 -31.28 14.44
CA ALA A 859 51.63 -32.63 14.05
C ALA A 859 52.42 -32.64 12.75
N LEU A 860 51.99 -31.86 11.76
CA LEU A 860 52.69 -31.80 10.49
C LEU A 860 54.06 -31.15 10.64
N HIS A 861 54.19 -30.17 11.53
CA HIS A 861 55.51 -29.62 11.82
C HIS A 861 56.40 -30.67 12.48
N ARG A 862 55.82 -31.48 13.37
CA ARG A 862 56.57 -32.56 14.00
C ARG A 862 57.10 -33.54 12.96
N HIS A 863 56.31 -33.81 11.92
CA HIS A 863 56.75 -34.76 10.91
C HIS A 863 57.72 -34.14 9.91
N TYR A 864 57.26 -33.13 9.16
CA TYR A 864 58.03 -32.58 8.05
C TYR A 864 59.17 -31.67 8.50
N GLY A 865 59.17 -31.23 9.73
CA GLY A 865 60.20 -30.34 10.23
C GLY A 865 59.76 -28.89 10.26
N ALA A 866 60.76 -28.00 10.30
CA ALA A 866 60.51 -26.57 10.37
C ALA A 866 60.75 -25.83 9.07
N GLN A 867 61.42 -26.45 8.11
CA GLN A 867 61.70 -25.78 6.85
C GLN A 867 60.43 -25.59 6.03
N HIS A 868 59.49 -26.52 6.13
CA HIS A 868 58.30 -26.51 5.28
C HIS A 868 57.03 -26.12 6.01
N ILE A 869 57.01 -26.20 7.34
CA ILE A 869 55.83 -25.84 8.13
C ILE A 869 56.29 -25.17 9.41
N ASN A 870 55.73 -24.01 9.71
CA ASN A 870 56.03 -23.27 10.93
C ASN A 870 54.79 -23.19 11.80
N LEU A 871 55.02 -23.08 13.12
CA LEU A 871 53.92 -23.14 14.06
C LEU A 871 52.97 -21.97 13.90
N GLU A 872 53.49 -20.77 13.65
CA GLU A 872 52.68 -19.59 13.37
C GLU A 872 52.68 -19.37 11.87
N GLY A 873 51.55 -19.62 11.22
CA GLY A 873 51.45 -19.47 9.80
C GLY A 873 50.55 -20.53 9.19
N PRO A 874 50.19 -20.35 7.92
CA PRO A 874 49.30 -21.29 7.26
C PRO A 874 50.00 -22.61 6.97
N ILE A 875 49.20 -23.61 6.59
CA ILE A 875 49.73 -24.91 6.18
C ILE A 875 49.80 -24.93 4.65
N PRO A 876 50.88 -25.44 4.06
CA PRO A 876 50.88 -25.62 2.60
C PRO A 876 49.76 -26.56 2.18
N ALA A 877 49.16 -26.25 1.03
CA ALA A 877 47.91 -26.89 0.65
C ALA A 877 48.08 -28.34 0.22
N HIS A 878 49.29 -28.78 -0.08
CA HIS A 878 49.52 -30.11 -0.62
C HIS A 878 49.95 -31.13 0.42
N LEU A 879 50.09 -30.74 1.69
CA LEU A 879 50.59 -31.63 2.73
C LEU A 879 49.48 -32.30 3.52
N LEU A 880 48.23 -32.10 3.13
CA LEU A 880 47.08 -32.58 3.90
C LEU A 880 46.48 -33.86 3.35
N GLY A 881 47.18 -34.55 2.43
CA GLY A 881 46.73 -35.84 1.98
C GLY A 881 45.56 -35.82 1.02
N ASN A 882 45.14 -34.64 0.58
CA ASN A 882 44.05 -34.53 -0.39
C ASN A 882 44.46 -33.52 -1.45
N MET A 883 43.98 -33.74 -2.67
CA MET A 883 44.37 -32.87 -3.78
C MET A 883 43.83 -31.46 -3.56
N TRP A 884 42.61 -31.33 -3.06
CA TRP A 884 42.00 -30.03 -2.80
C TRP A 884 41.93 -29.70 -1.32
N ALA A 885 42.41 -30.58 -0.45
CA ALA A 885 42.40 -30.37 0.99
C ALA A 885 40.99 -30.07 1.50
N GLN A 886 40.01 -30.82 0.99
CA GLN A 886 38.64 -30.67 1.47
C GLN A 886 38.37 -31.55 2.68
N THR A 887 38.52 -32.87 2.52
CA THR A 887 38.51 -33.79 3.64
C THR A 887 39.95 -34.07 4.05
N TRP A 888 40.60 -33.03 4.55
CA TRP A 888 42.04 -33.06 4.70
C TRP A 888 42.46 -34.08 5.75
N SER A 889 43.65 -34.63 5.56
CA SER A 889 44.24 -35.61 6.48
C SER A 889 43.23 -36.67 6.88
N ASN A 890 42.50 -37.21 5.89
CA ASN A 890 41.74 -38.42 6.16
C ASN A 890 42.67 -39.54 6.58
N ILE A 891 43.92 -39.49 6.16
CA ILE A 891 44.97 -40.33 6.74
C ILE A 891 45.50 -39.63 7.99
N TYR A 892 45.27 -40.24 9.15
CA TYR A 892 45.59 -39.64 10.44
C TYR A 892 46.75 -40.35 11.14
N ASP A 893 47.55 -41.11 10.40
CA ASP A 893 48.70 -41.78 11.01
C ASP A 893 49.70 -40.78 11.58
N LEU A 894 49.75 -39.58 11.02
CA LEU A 894 50.61 -38.51 11.54
C LEU A 894 49.91 -37.63 12.56
N VAL A 895 48.61 -37.82 12.77
CA VAL A 895 47.82 -36.92 13.62
C VAL A 895 47.16 -37.66 14.77
N VAL A 896 47.15 -38.99 14.75
CA VAL A 896 46.46 -39.77 15.80
C VAL A 896 46.96 -39.37 17.17
N PRO A 897 46.07 -39.04 18.13
CA PRO A 897 46.53 -38.51 19.42
C PRO A 897 47.48 -39.43 20.18
N PHE A 898 47.01 -40.62 20.52
CA PHE A 898 47.84 -41.60 21.22
C PHE A 898 47.64 -42.97 20.60
N PRO A 899 48.71 -43.64 20.17
CA PRO A 899 48.55 -44.99 19.62
C PRO A 899 48.19 -46.01 20.67
N SER A 900 46.96 -46.50 20.64
CA SER A 900 46.47 -47.49 21.57
C SER A 900 46.46 -48.88 20.94
N ALA A 901 46.42 -49.90 21.79
CA ALA A 901 46.38 -51.28 21.30
C ALA A 901 45.16 -51.57 20.44
N PRO A 902 43.94 -51.21 20.82
CA PRO A 902 42.78 -51.48 19.97
C PRO A 902 42.62 -50.52 18.80
N SER A 903 43.63 -49.74 18.45
CA SER A 903 43.52 -48.78 17.37
C SER A 903 43.14 -49.47 16.06
N MET A 904 42.14 -48.94 15.39
CA MET A 904 41.63 -49.54 14.16
C MET A 904 42.42 -49.06 12.95
N ASP A 905 42.63 -49.97 12.01
CA ASP A 905 43.27 -49.65 10.74
C ASP A 905 42.36 -49.95 9.55
N THR A 906 41.71 -51.12 9.55
CA THR A 906 40.78 -51.56 8.51
C THR A 906 41.44 -51.70 7.14
N THR A 907 42.75 -51.49 7.05
CA THR A 907 43.44 -51.64 5.77
C THR A 907 43.54 -53.12 5.39
N GLU A 908 43.79 -53.99 6.35
CA GLU A 908 43.89 -55.42 6.09
C GLU A 908 42.63 -56.20 6.48
N ALA A 909 41.95 -55.78 7.55
CA ALA A 909 40.72 -56.45 7.97
C ALA A 909 39.60 -56.31 6.95
N MET A 910 39.72 -55.40 5.99
CA MET A 910 38.73 -55.20 4.95
C MET A 910 39.27 -55.52 3.57
N LEU A 911 40.50 -56.03 3.48
CA LEU A 911 41.06 -56.54 2.22
C LEU A 911 41.38 -58.02 2.25
N LYS A 912 41.39 -58.65 3.42
CA LYS A 912 41.61 -60.09 3.51
C LYS A 912 40.36 -60.90 3.20
N GLN A 913 39.19 -60.26 3.16
CA GLN A 913 37.94 -60.92 2.81
C GLN A 913 37.52 -60.64 1.38
N GLY A 914 38.41 -60.09 0.57
CA GLY A 914 38.07 -59.72 -0.80
C GLY A 914 37.39 -58.37 -0.88
N TRP A 915 36.16 -58.31 -0.36
CA TRP A 915 35.40 -57.06 -0.27
C TRP A 915 35.23 -56.41 -1.64
N THR A 916 34.51 -57.10 -2.51
CA THR A 916 34.14 -56.53 -3.79
C THR A 916 33.18 -55.37 -3.58
N PRO A 917 33.19 -54.37 -4.46
CA PRO A 917 32.24 -53.25 -4.31
C PRO A 917 30.79 -53.70 -4.35
N ARG A 918 30.50 -54.81 -5.05
CA ARG A 918 29.14 -55.33 -5.07
C ARG A 918 28.65 -55.69 -3.68
N ARG A 919 29.49 -56.38 -2.90
CA ARG A 919 29.09 -56.69 -1.52
C ARG A 919 29.04 -55.44 -0.66
N MET A 920 29.83 -54.42 -0.99
CA MET A 920 29.78 -53.16 -0.26
C MET A 920 28.42 -52.49 -0.43
N PHE A 921 27.97 -52.36 -1.68
CA PHE A 921 26.65 -51.78 -1.93
C PHE A 921 25.54 -52.70 -1.42
N LYS A 922 25.75 -54.02 -1.43
CA LYS A 922 24.77 -54.92 -0.85
C LYS A 922 24.64 -54.71 0.65
N GLU A 923 25.76 -54.48 1.33
CA GLU A 923 25.72 -54.18 2.76
C GLU A 923 25.03 -52.86 3.02
N ALA A 924 25.26 -51.86 2.16
CA ALA A 924 24.56 -50.59 2.29
C ALA A 924 23.05 -50.79 2.13
N ASP A 925 22.64 -51.60 1.15
CA ASP A 925 21.22 -51.89 0.96
C ASP A 925 20.66 -52.66 2.16
N ASP A 926 21.44 -53.56 2.73
CA ASP A 926 20.99 -54.29 3.91
C ASP A 926 20.77 -53.35 5.08
N PHE A 927 21.68 -52.38 5.26
CA PHE A 927 21.47 -51.37 6.29
C PHE A 927 20.20 -50.56 6.03
N PHE A 928 19.99 -50.18 4.76
CA PHE A 928 18.79 -49.40 4.43
C PHE A 928 17.51 -50.18 4.72
N THR A 929 17.50 -51.47 4.36
CA THR A 929 16.32 -52.30 4.63
C THR A 929 16.11 -52.50 6.12
N SER A 930 17.20 -52.75 6.87
CA SER A 930 17.09 -52.91 8.31
C SER A 930 16.61 -51.64 8.98
N LEU A 931 16.88 -50.48 8.37
CA LEU A 931 16.34 -49.23 8.89
C LEU A 931 14.84 -49.10 8.72
N GLY A 932 14.22 -49.98 7.94
CA GLY A 932 12.81 -49.92 7.69
C GLY A 932 12.40 -49.20 6.42
N LEU A 933 13.23 -49.25 5.37
CA LEU A 933 12.96 -48.56 4.13
C LEU A 933 13.01 -49.54 2.97
N LEU A 934 12.24 -49.24 1.93
CA LEU A 934 12.08 -50.19 0.83
C LEU A 934 13.37 -50.31 0.03
N PRO A 935 13.66 -51.50 -0.51
CA PRO A 935 14.96 -51.73 -1.18
C PRO A 935 15.00 -51.28 -2.62
N VAL A 936 16.12 -51.55 -3.29
CA VAL A 936 16.36 -51.14 -4.67
C VAL A 936 15.98 -52.29 -5.59
N PRO A 937 15.40 -52.02 -6.76
CA PRO A 937 15.05 -53.11 -7.66
C PRO A 937 16.28 -53.89 -8.11
N PRO A 938 16.13 -55.19 -8.36
CA PRO A 938 17.31 -56.02 -8.66
C PRO A 938 17.98 -55.72 -9.99
N GLU A 939 17.29 -55.07 -10.93
CA GLU A 939 17.92 -54.73 -12.20
C GLU A 939 19.06 -53.74 -12.04
N PHE A 940 19.09 -53.02 -10.91
CA PHE A 940 20.14 -52.04 -10.65
C PHE A 940 21.52 -52.68 -10.69
N TRP A 941 21.72 -53.76 -9.92
CA TRP A 941 23.06 -54.30 -9.75
C TRP A 941 23.63 -54.81 -11.07
N ASN A 942 22.82 -55.49 -11.87
CA ASN A 942 23.27 -55.98 -13.17
C ASN A 942 23.15 -54.94 -14.27
N LYS A 943 22.64 -53.75 -13.96
CA LYS A 943 22.52 -52.67 -14.94
C LYS A 943 23.53 -51.55 -14.75
N SER A 944 23.95 -51.30 -13.50
CA SER A 944 24.88 -50.21 -13.22
C SER A 944 26.32 -50.68 -13.40
N MET A 945 27.27 -49.78 -13.13
CA MET A 945 28.68 -50.12 -13.11
C MET A 945 29.35 -49.26 -12.07
N LEU A 946 30.12 -49.90 -11.18
CA LEU A 946 30.73 -49.19 -10.07
C LEU A 946 32.17 -49.63 -9.79
N GLU A 947 32.76 -50.46 -10.65
CA GLU A 947 34.09 -51.00 -10.42
C GLU A 947 35.03 -50.56 -11.55
N LYS A 948 36.28 -51.02 -11.47
CA LYS A 948 37.25 -50.74 -12.51
C LYS A 948 36.86 -51.48 -13.79
N PRO A 949 37.24 -50.94 -14.96
CA PRO A 949 36.74 -51.50 -16.22
C PRO A 949 37.59 -52.62 -16.78
N THR A 950 37.17 -53.14 -17.94
CA THR A 950 37.97 -54.08 -18.72
C THR A 950 38.62 -53.41 -19.92
N ASP A 951 38.47 -52.09 -20.06
CA ASP A 951 38.96 -51.38 -21.23
C ASP A 951 39.54 -50.05 -20.78
N GLY A 952 39.79 -49.16 -21.74
CA GLY A 952 40.39 -47.87 -21.45
C GLY A 952 39.38 -46.80 -21.07
N ARG A 953 38.41 -46.55 -21.93
CA ARG A 953 37.41 -45.51 -21.67
C ARG A 953 36.34 -46.08 -20.74
N GLU A 954 36.32 -45.61 -19.50
CA GLU A 954 35.44 -46.14 -18.48
C GLU A 954 34.42 -45.12 -17.98
N VAL A 955 34.88 -44.01 -17.39
CA VAL A 955 33.98 -43.09 -16.70
C VAL A 955 34.46 -41.65 -16.82
N VAL A 956 33.67 -40.72 -16.28
CA VAL A 956 34.17 -39.42 -15.85
C VAL A 956 34.69 -39.63 -14.43
N CYS A 957 35.49 -38.70 -13.93
CA CYS A 957 36.21 -38.92 -12.69
C CYS A 957 35.26 -39.17 -11.52
N HIS A 958 34.29 -38.29 -11.33
CA HIS A 958 33.41 -38.33 -10.16
C HIS A 958 31.98 -38.03 -10.60
N ALA A 959 31.03 -38.76 -10.02
CA ALA A 959 29.63 -38.58 -10.35
C ALA A 959 28.78 -38.96 -9.14
N SER A 960 27.48 -39.09 -9.35
CA SER A 960 26.53 -39.34 -8.26
C SER A 960 25.53 -40.38 -8.73
N ALA A 961 24.46 -40.54 -7.96
CA ALA A 961 23.39 -41.45 -8.31
C ALA A 961 22.52 -40.86 -9.42
N TRP A 962 21.89 -41.73 -10.19
CA TRP A 962 21.12 -41.34 -11.36
C TRP A 962 19.68 -41.81 -11.24
N ASP A 963 18.74 -40.91 -11.51
CA ASP A 963 17.32 -41.21 -11.56
C ASP A 963 16.79 -40.86 -12.94
N PHE A 964 15.93 -41.73 -13.48
CA PHE A 964 15.49 -41.63 -14.86
C PHE A 964 13.99 -41.33 -14.99
N TYR A 965 13.33 -40.98 -13.90
CA TYR A 965 11.96 -40.47 -13.89
C TYR A 965 10.93 -41.47 -14.42
N ASN A 966 11.32 -42.73 -14.63
CA ASN A 966 10.38 -43.77 -14.99
C ASN A 966 10.25 -44.85 -13.92
N GLY A 967 10.92 -44.69 -12.78
CA GLY A 967 10.77 -45.59 -11.66
C GLY A 967 11.49 -46.92 -11.79
N LYS A 968 12.37 -47.08 -12.78
CA LYS A 968 13.03 -48.36 -13.01
C LYS A 968 14.54 -48.26 -13.16
N ASP A 969 15.11 -47.06 -13.20
CA ASP A 969 16.55 -46.88 -13.35
C ASP A 969 17.09 -46.10 -12.16
N PHE A 970 17.95 -46.73 -11.39
CA PHE A 970 18.47 -46.17 -10.14
C PHE A 970 19.98 -46.38 -10.03
N ARG A 971 20.70 -45.99 -11.08
CA ARG A 971 22.14 -46.19 -11.14
C ARG A 971 22.91 -45.26 -10.19
N ILE A 972 24.12 -45.69 -9.85
CA ILE A 972 25.20 -44.79 -9.45
C ILE A 972 26.44 -45.16 -10.25
N LYS A 973 27.28 -44.17 -10.53
CA LYS A 973 28.45 -44.33 -11.39
C LYS A 973 29.78 -44.22 -10.65
N GLN A 974 29.77 -44.13 -9.33
CA GLN A 974 31.01 -43.96 -8.59
C GLN A 974 31.86 -45.21 -8.66
N CYS A 975 33.18 -45.01 -8.83
CA CYS A 975 34.11 -46.13 -8.93
C CYS A 975 35.48 -45.64 -8.46
N THR A 976 35.85 -46.00 -7.24
CA THR A 976 37.11 -45.54 -6.64
C THR A 976 37.82 -46.68 -5.92
N THR A 977 37.79 -47.87 -6.50
CA THR A 977 38.44 -49.09 -5.96
C THR A 977 37.74 -49.46 -4.66
N VAL A 978 38.47 -49.83 -3.61
CA VAL A 978 37.89 -50.33 -2.37
C VAL A 978 38.59 -49.66 -1.19
N ASN A 979 37.82 -48.99 -0.33
CA ASN A 979 38.38 -48.29 0.83
C ASN A 979 37.25 -48.01 1.82
N LEU A 980 37.63 -47.43 2.96
CA LEU A 980 36.63 -47.04 3.96
C LEU A 980 35.87 -45.80 3.52
N GLU A 981 36.57 -44.78 3.00
CA GLU A 981 35.88 -43.65 2.40
C GLU A 981 35.01 -44.10 1.25
N ASP A 982 35.38 -45.20 0.60
CA ASP A 982 34.52 -45.80 -0.41
C ASP A 982 33.23 -46.30 0.19
N LEU A 983 33.30 -46.90 1.38
CA LEU A 983 32.07 -47.32 2.06
C LEU A 983 31.21 -46.11 2.41
N VAL A 984 31.84 -45.03 2.88
CA VAL A 984 31.08 -43.83 3.23
C VAL A 984 30.39 -43.26 2.00
N VAL A 985 31.11 -43.15 0.89
CA VAL A 985 30.50 -42.59 -0.32
C VAL A 985 29.46 -43.55 -0.89
N ALA A 986 29.65 -44.86 -0.70
CA ALA A 986 28.64 -45.81 -1.14
C ALA A 986 27.35 -45.64 -0.35
N HIS A 987 27.45 -45.43 0.97
CA HIS A 987 26.26 -45.15 1.76
C HIS A 987 25.62 -43.83 1.33
N HIS A 988 26.44 -42.83 1.02
CA HIS A 988 25.91 -41.57 0.51
C HIS A 988 25.13 -41.76 -0.79
N GLU A 989 25.69 -42.54 -1.72
CA GLU A 989 25.01 -42.78 -2.99
C GLU A 989 23.75 -43.60 -2.79
N MET A 990 23.78 -44.56 -1.86
CA MET A 990 22.57 -45.33 -1.56
C MET A 990 21.48 -44.44 -0.98
N GLY A 991 21.86 -43.47 -0.15
CA GLY A 991 20.88 -42.51 0.33
C GLY A 991 20.33 -41.65 -0.80
N HIS A 992 21.20 -41.25 -1.73
CA HIS A 992 20.74 -40.56 -2.94
C HIS A 992 19.68 -41.38 -3.66
N ILE A 993 19.96 -42.66 -3.85
CA ILE A 993 19.05 -43.55 -4.58
C ILE A 993 17.73 -43.71 -3.81
N GLN A 994 17.80 -43.88 -2.49
CA GLN A 994 16.59 -44.05 -1.71
C GLN A 994 15.73 -42.79 -1.75
N TYR A 995 16.35 -41.62 -1.72
CA TYR A 995 15.60 -40.38 -1.89
C TYR A 995 14.98 -40.31 -3.28
N PHE A 996 15.73 -40.73 -4.30
CA PHE A 996 15.19 -40.77 -5.66
C PHE A 996 13.94 -41.64 -5.71
N MET A 997 13.97 -42.77 -5.02
CA MET A 997 12.94 -43.79 -5.09
C MET A 997 11.74 -43.49 -4.19
N GLN A 998 11.92 -42.68 -3.15
CA GLN A 998 10.84 -42.50 -2.18
C GLN A 998 9.73 -41.61 -2.72
N TYR A 999 10.07 -40.62 -3.54
CA TYR A 999 9.06 -39.72 -4.11
C TYR A 999 8.67 -40.11 -5.53
N LYS A 1000 8.61 -41.41 -5.83
CA LYS A 1000 8.21 -41.87 -7.15
C LYS A 1000 6.79 -41.43 -7.48
N ASP A 1001 5.88 -41.51 -6.52
CA ASP A 1001 4.48 -41.22 -6.77
C ASP A 1001 4.20 -39.73 -6.97
N LEU A 1002 5.17 -38.87 -6.72
CA LEU A 1002 4.98 -37.44 -6.89
C LEU A 1002 5.08 -37.04 -8.36
N PRO A 1003 4.47 -35.93 -8.75
CA PRO A 1003 4.63 -35.43 -10.12
C PRO A 1003 6.09 -35.11 -10.41
N VAL A 1004 6.46 -35.25 -11.68
CA VAL A 1004 7.87 -35.20 -12.07
C VAL A 1004 8.50 -33.84 -11.77
N ALA A 1005 7.71 -32.77 -11.76
CA ALA A 1005 8.28 -31.45 -11.48
C ALA A 1005 8.69 -31.30 -10.03
N LEU A 1006 8.10 -32.07 -9.13
CA LEU A 1006 8.41 -32.00 -7.70
C LEU A 1006 9.39 -33.09 -7.27
N ARG A 1007 10.04 -33.76 -8.22
CA ARG A 1007 11.01 -34.82 -7.90
C ARG A 1007 12.41 -34.21 -7.85
N GLU A 1008 12.62 -33.36 -6.85
CA GLU A 1008 13.89 -32.66 -6.73
C GLU A 1008 14.45 -32.74 -5.32
N GLY A 1009 13.61 -33.09 -4.36
CA GLY A 1009 14.04 -33.08 -2.97
C GLY A 1009 13.75 -31.74 -2.31
N ALA A 1010 13.49 -31.79 -1.01
CA ALA A 1010 13.04 -30.59 -0.29
C ALA A 1010 14.08 -29.48 -0.36
N ASN A 1011 15.35 -29.83 -0.50
CA ASN A 1011 16.43 -28.87 -0.56
C ASN A 1011 17.59 -29.53 -1.30
N PRO A 1012 18.41 -28.76 -2.02
CA PRO A 1012 19.58 -29.37 -2.67
C PRO A 1012 20.49 -30.08 -1.69
N GLY A 1013 20.63 -29.56 -0.48
CA GLY A 1013 21.42 -30.21 0.55
C GLY A 1013 20.72 -31.33 1.28
N PHE A 1014 19.40 -31.43 1.16
CA PHE A 1014 18.67 -32.51 1.82
C PHE A 1014 19.05 -33.86 1.24
N HIS A 1015 19.30 -33.92 -0.07
CA HIS A 1015 19.74 -35.15 -0.70
C HIS A 1015 20.97 -35.71 0.00
N GLU A 1016 22.02 -34.89 0.09
CA GLU A 1016 23.26 -35.33 0.70
C GLU A 1016 23.09 -35.58 2.20
N ALA A 1017 22.32 -34.74 2.88
CA ALA A 1017 22.13 -34.93 4.32
C ALA A 1017 21.47 -36.26 4.62
N ILE A 1018 20.41 -36.59 3.88
CA ILE A 1018 19.71 -37.85 4.12
C ILE A 1018 20.56 -39.04 3.69
N GLY A 1019 21.34 -38.88 2.62
CA GLY A 1019 22.25 -39.94 2.24
C GLY A 1019 23.35 -40.18 3.26
N ASP A 1020 23.78 -39.13 3.96
CA ASP A 1020 24.99 -39.18 4.77
C ASP A 1020 24.72 -39.34 6.27
N VAL A 1021 23.49 -39.14 6.72
CA VAL A 1021 23.20 -39.33 8.15
C VAL A 1021 23.44 -40.79 8.55
N LEU A 1022 22.93 -41.72 7.76
CA LEU A 1022 23.18 -43.13 8.04
C LEU A 1022 24.63 -43.52 7.78
N ALA A 1023 25.31 -42.85 6.85
CA ALA A 1023 26.74 -43.08 6.67
C ALA A 1023 27.52 -42.69 7.92
N LEU A 1024 27.11 -41.59 8.56
CA LEU A 1024 27.69 -41.22 9.84
C LEU A 1024 27.37 -42.25 10.91
N SER A 1025 26.12 -42.75 10.90
CA SER A 1025 25.72 -43.71 11.93
C SER A 1025 26.50 -45.02 11.82
N VAL A 1026 26.74 -45.51 10.60
CA VAL A 1026 27.37 -46.82 10.45
C VAL A 1026 28.84 -46.76 10.85
N SER A 1027 29.50 -45.61 10.66
CA SER A 1027 30.94 -45.52 10.90
C SER A 1027 31.31 -45.61 12.39
N THR A 1028 30.32 -45.59 13.28
CA THR A 1028 30.61 -45.70 14.71
C THR A 1028 31.31 -47.02 15.01
N PRO A 1029 32.22 -47.05 15.99
CA PRO A 1029 32.96 -48.29 16.27
C PRO A 1029 32.07 -49.45 16.70
N LYS A 1030 30.92 -49.20 17.30
CA LYS A 1030 30.02 -50.29 17.65
C LYS A 1030 29.49 -51.00 16.40
N HIS A 1031 29.10 -50.23 15.38
CA HIS A 1031 28.59 -50.83 14.16
C HIS A 1031 29.68 -51.56 13.40
N LEU A 1032 30.90 -51.03 13.41
CA LEU A 1032 32.03 -51.73 12.80
C LEU A 1032 32.33 -53.01 13.57
N HIS A 1033 32.17 -52.98 14.89
CA HIS A 1033 32.30 -54.20 15.69
C HIS A 1033 31.26 -55.23 15.28
N SER A 1034 30.02 -54.78 15.05
CA SER A 1034 28.94 -55.68 14.67
C SER A 1034 29.06 -56.20 13.25
N LEU A 1035 30.16 -55.91 12.54
CA LEU A 1035 30.30 -56.36 11.15
C LEU A 1035 31.80 -56.47 10.85
N ASN A 1036 32.31 -57.70 10.87
CA ASN A 1036 33.61 -58.15 10.39
C ASN A 1036 34.80 -57.67 11.22
N LEU A 1037 34.58 -56.85 12.26
CA LEU A 1037 35.68 -56.24 12.99
C LEU A 1037 35.49 -56.43 14.49
N LEU A 1038 36.62 -56.48 15.19
CA LEU A 1038 36.66 -56.55 16.65
C LEU A 1038 37.31 -55.27 17.17
N SER A 1039 36.61 -54.57 18.07
CA SER A 1039 37.09 -53.28 18.53
C SER A 1039 36.66 -53.07 19.97
N SER A 1040 37.37 -52.16 20.66
CA SER A 1040 36.99 -51.78 22.02
C SER A 1040 35.80 -50.83 22.04
N GLU A 1041 35.48 -50.20 20.92
CA GLU A 1041 34.36 -49.26 20.79
C GLU A 1041 34.60 -48.12 21.77
N GLY A 1042 33.67 -47.81 22.67
CA GLY A 1042 33.88 -46.76 23.64
C GLY A 1042 34.34 -47.29 24.98
N GLY A 1043 35.02 -48.44 24.96
CA GLY A 1043 35.51 -49.03 26.20
C GLY A 1043 36.48 -48.13 26.93
N SER A 1044 37.38 -47.48 26.19
CA SER A 1044 38.33 -46.53 26.75
C SER A 1044 38.05 -45.15 26.18
N ASP A 1045 38.20 -44.12 27.02
CA ASP A 1045 37.97 -42.76 26.56
C ASP A 1045 38.95 -42.35 25.48
N GLU A 1046 40.16 -42.89 25.52
CA GLU A 1046 41.14 -42.59 24.47
C GLU A 1046 40.68 -43.13 23.12
N HIS A 1047 40.04 -44.29 23.11
CA HIS A 1047 39.46 -44.81 21.87
C HIS A 1047 38.37 -43.88 21.36
N ASP A 1048 37.56 -43.35 22.26
CA ASP A 1048 36.52 -42.39 21.87
C ASP A 1048 37.15 -41.13 21.27
N ILE A 1049 38.23 -40.64 21.87
CA ILE A 1049 38.90 -39.45 21.33
C ILE A 1049 39.49 -39.76 19.97
N ASN A 1050 40.07 -40.95 19.80
CA ASN A 1050 40.62 -41.35 18.51
C ASN A 1050 39.54 -41.38 17.43
N PHE A 1051 38.41 -42.01 17.75
CA PHE A 1051 37.33 -42.10 16.76
C PHE A 1051 36.76 -40.73 16.45
N LEU A 1052 36.59 -39.88 17.47
CA LEU A 1052 36.08 -38.53 17.24
C LEU A 1052 37.03 -37.72 16.38
N MET A 1053 38.34 -37.87 16.59
CA MET A 1053 39.31 -37.18 15.76
C MET A 1053 39.25 -37.68 14.31
N LYS A 1054 39.11 -39.00 14.12
CA LYS A 1054 39.00 -39.53 12.77
C LYS A 1054 37.74 -39.01 12.09
N MET A 1055 36.63 -38.95 12.81
CA MET A 1055 35.37 -38.42 12.28
C MET A 1055 35.38 -36.90 12.17
N ALA A 1056 36.36 -36.23 12.76
CA ALA A 1056 36.48 -34.78 12.66
C ALA A 1056 37.46 -34.34 11.59
N LEU A 1057 38.41 -35.18 11.20
CA LEU A 1057 39.24 -34.84 10.06
C LEU A 1057 38.42 -34.81 8.77
N ASP A 1058 37.29 -35.50 8.76
CA ASP A 1058 36.22 -35.28 7.80
C ASP A 1058 35.08 -34.57 8.52
N LYS A 1059 34.20 -33.94 7.73
CA LYS A 1059 33.03 -33.23 8.24
C LYS A 1059 33.45 -31.99 9.03
N ILE A 1060 34.75 -31.86 9.27
CA ILE A 1060 35.37 -30.64 9.77
C ILE A 1060 36.69 -30.52 9.02
N ALA A 1061 37.03 -29.29 8.63
CA ALA A 1061 38.00 -28.94 7.61
C ALA A 1061 37.43 -29.13 6.21
N PHE A 1062 36.22 -29.69 6.08
CA PHE A 1062 35.48 -29.63 4.83
C PHE A 1062 34.45 -28.51 4.84
N ILE A 1063 33.98 -28.12 6.02
CA ILE A 1063 33.08 -26.97 6.12
C ILE A 1063 33.71 -25.71 5.53
N PRO A 1064 34.96 -25.34 5.87
CA PRO A 1064 35.55 -24.17 5.21
C PRO A 1064 35.63 -24.28 3.70
N PHE A 1065 35.97 -25.45 3.18
CA PHE A 1065 36.07 -25.61 1.73
C PHE A 1065 34.72 -25.48 1.06
N SER A 1066 33.68 -26.07 1.64
CA SER A 1066 32.34 -26.01 1.05
C SER A 1066 31.81 -24.58 1.08
N TYR A 1067 32.11 -23.83 2.14
CA TYR A 1067 31.77 -22.42 2.15
C TYR A 1067 32.56 -21.66 1.09
N LEU A 1068 33.85 -21.93 1.00
CA LEU A 1068 34.78 -21.16 0.18
C LEU A 1068 34.47 -21.28 -1.30
N VAL A 1069 34.18 -22.51 -1.77
CA VAL A 1069 34.02 -22.72 -3.20
C VAL A 1069 32.87 -21.89 -3.76
N ASP A 1070 31.70 -21.99 -3.11
CA ASP A 1070 30.58 -21.21 -3.61
C ASP A 1070 30.67 -19.74 -3.21
N GLN A 1071 31.45 -19.38 -2.19
CA GLN A 1071 31.74 -17.97 -1.99
C GLN A 1071 32.46 -17.39 -3.20
N TRP A 1072 33.52 -18.06 -3.64
CA TRP A 1072 34.26 -17.60 -4.82
C TRP A 1072 33.37 -17.59 -6.05
N ARG A 1073 32.56 -18.64 -6.25
CA ARG A 1073 31.74 -18.69 -7.46
C ARG A 1073 30.64 -17.62 -7.43
N TRP A 1074 30.06 -17.36 -6.27
CA TRP A 1074 29.06 -16.29 -6.19
C TRP A 1074 29.67 -14.94 -6.49
N ARG A 1075 30.87 -14.67 -5.97
CA ARG A 1075 31.51 -13.40 -6.26
C ARG A 1075 31.94 -13.31 -7.73
N VAL A 1076 32.25 -14.44 -8.36
CA VAL A 1076 32.60 -14.43 -9.78
C VAL A 1076 31.37 -14.13 -10.63
N PHE A 1077 30.24 -14.79 -10.31
CA PHE A 1077 29.03 -14.59 -11.08
C PHE A 1077 28.44 -13.20 -10.91
N ASP A 1078 28.80 -12.50 -9.83
CA ASP A 1078 28.27 -11.18 -9.54
C ASP A 1078 29.12 -10.06 -10.11
N GLY A 1079 30.23 -10.37 -10.77
CA GLY A 1079 31.10 -9.36 -11.33
C GLY A 1079 32.11 -8.79 -10.35
N SER A 1080 32.05 -9.18 -9.08
CA SER A 1080 33.02 -8.69 -8.10
C SER A 1080 34.43 -9.17 -8.44
N ILE A 1081 34.56 -10.41 -8.87
CA ILE A 1081 35.84 -10.98 -9.27
C ILE A 1081 35.90 -10.96 -10.79
N THR A 1082 36.95 -10.36 -11.33
CA THR A 1082 37.13 -10.25 -12.77
C THR A 1082 38.10 -11.33 -13.26
N LYS A 1083 38.24 -11.40 -14.59
CA LYS A 1083 39.04 -12.46 -15.19
C LYS A 1083 40.51 -12.35 -14.85
N GLU A 1084 40.99 -11.14 -14.54
CA GLU A 1084 42.41 -10.97 -14.25
C GLU A 1084 42.79 -11.56 -12.89
N ASN A 1085 41.86 -11.57 -11.94
CA ASN A 1085 42.16 -12.05 -10.58
C ASN A 1085 41.17 -13.14 -10.19
N TYR A 1086 40.96 -14.11 -11.08
CA TYR A 1086 40.23 -15.32 -10.71
C TYR A 1086 40.96 -16.10 -9.64
N ASN A 1087 42.29 -16.20 -9.78
CA ASN A 1087 43.13 -17.02 -8.92
C ASN A 1087 43.53 -16.29 -7.64
N GLN A 1088 43.79 -14.99 -7.73
CA GLN A 1088 44.22 -14.24 -6.56
C GLN A 1088 43.14 -14.22 -5.49
N GLU A 1089 41.88 -13.99 -5.89
CA GLU A 1089 40.79 -14.01 -4.91
C GLU A 1089 40.50 -15.41 -4.40
N TRP A 1090 40.67 -16.42 -5.24
CA TRP A 1090 40.51 -17.80 -4.79
C TRP A 1090 41.51 -18.11 -3.69
N TRP A 1091 42.77 -17.74 -3.88
CA TRP A 1091 43.77 -18.02 -2.85
C TRP A 1091 43.62 -17.10 -1.65
N SER A 1092 43.08 -15.91 -1.84
CA SER A 1092 42.73 -15.08 -0.69
C SER A 1092 41.67 -15.75 0.17
N LEU A 1093 40.66 -16.35 -0.46
CA LEU A 1093 39.65 -17.11 0.29
C LEU A 1093 40.25 -18.35 0.93
N ARG A 1094 41.16 -19.03 0.23
CA ARG A 1094 41.81 -20.20 0.79
C ARG A 1094 42.60 -19.84 2.03
N LEU A 1095 43.31 -18.71 2.01
CA LEU A 1095 44.05 -18.27 3.19
C LEU A 1095 43.12 -17.76 4.29
N LYS A 1096 41.98 -17.18 3.91
CA LYS A 1096 41.09 -16.59 4.90
C LYS A 1096 40.26 -17.65 5.62
N TYR A 1097 39.47 -18.41 4.87
CA TYR A 1097 38.56 -19.38 5.48
C TYR A 1097 39.30 -20.61 5.96
N GLN A 1098 39.98 -21.31 5.06
CA GLN A 1098 40.92 -22.34 5.47
C GLN A 1098 42.20 -21.67 5.96
N GLY A 1099 43.18 -22.48 6.34
CA GLY A 1099 44.45 -21.95 6.76
C GLY A 1099 45.55 -22.37 5.84
N LEU A 1100 45.29 -22.31 4.53
CA LEU A 1100 46.16 -22.90 3.53
C LEU A 1100 46.87 -21.83 2.71
N CYS A 1101 48.10 -22.12 2.32
CA CYS A 1101 48.90 -21.28 1.45
C CYS A 1101 49.42 -22.10 0.29
N PRO A 1102 49.62 -21.48 -0.87
CA PRO A 1102 50.11 -22.23 -2.03
C PRO A 1102 51.55 -22.69 -1.82
N PRO A 1103 51.84 -23.95 -2.11
CA PRO A 1103 53.23 -24.43 -1.96
C PRO A 1103 54.20 -23.70 -2.88
N VAL A 1104 53.75 -23.19 -4.00
CA VAL A 1104 54.60 -22.50 -4.97
C VAL A 1104 53.92 -21.20 -5.39
N PRO A 1105 54.66 -20.20 -5.86
CA PRO A 1105 54.01 -18.96 -6.32
C PRO A 1105 53.07 -19.23 -7.48
N ARG A 1106 51.80 -18.88 -7.28
CA ARG A 1106 50.75 -19.12 -8.27
C ARG A 1106 50.51 -17.82 -9.02
N THR A 1107 51.19 -17.66 -10.16
CA THR A 1107 51.01 -16.46 -10.96
C THR A 1107 49.62 -16.44 -11.59
N GLN A 1108 49.20 -15.25 -12.01
CA GLN A 1108 47.98 -15.14 -12.78
C GLN A 1108 48.14 -15.86 -14.11
N GLY A 1109 47.06 -16.43 -14.61
CA GLY A 1109 47.12 -17.35 -15.72
C GLY A 1109 47.01 -18.80 -15.32
N ASP A 1110 47.04 -19.08 -14.02
CA ASP A 1110 46.74 -20.40 -13.48
C ASP A 1110 45.34 -20.37 -12.91
N PHE A 1111 44.49 -21.30 -13.36
CA PHE A 1111 43.12 -21.39 -12.88
C PHE A 1111 43.05 -22.52 -11.84
N ASP A 1112 43.56 -22.22 -10.65
CA ASP A 1112 43.48 -23.19 -9.56
C ASP A 1112 42.06 -23.63 -9.25
N PRO A 1113 41.04 -22.77 -9.25
CA PRO A 1113 39.67 -23.27 -9.02
C PRO A 1113 39.20 -24.26 -10.06
N GLY A 1114 39.84 -24.30 -11.23
CA GLY A 1114 39.45 -25.24 -12.27
C GLY A 1114 39.87 -26.67 -11.99
N ALA A 1115 40.69 -26.91 -10.98
CA ALA A 1115 41.09 -28.27 -10.64
C ALA A 1115 39.96 -29.03 -9.93
N LYS A 1116 39.08 -28.31 -9.24
CA LYS A 1116 37.90 -28.95 -8.66
C LYS A 1116 37.00 -29.46 -9.77
N PHE A 1117 36.35 -30.59 -9.51
CA PHE A 1117 35.44 -31.15 -10.52
C PHE A 1117 34.21 -30.28 -10.69
N HIS A 1118 33.71 -29.71 -9.60
CA HIS A 1118 32.42 -29.01 -9.63
C HIS A 1118 32.47 -27.65 -10.29
N ILE A 1119 33.66 -27.12 -10.57
CA ILE A 1119 33.77 -25.79 -11.16
C ILE A 1119 33.55 -25.86 -12.68
N PRO A 1120 34.20 -26.78 -13.42
CA PRO A 1120 33.85 -26.92 -14.85
C PRO A 1120 32.53 -27.64 -15.06
N SER A 1121 32.21 -28.59 -14.18
CA SER A 1121 30.95 -29.30 -14.30
C SER A 1121 29.74 -28.41 -14.01
N SER A 1122 29.96 -27.21 -13.46
CA SER A 1122 28.89 -26.25 -13.17
C SER A 1122 27.84 -26.84 -12.23
N VAL A 1123 28.30 -27.42 -11.13
CA VAL A 1123 27.45 -27.99 -10.09
C VAL A 1123 27.55 -27.10 -8.86
N PRO A 1124 26.42 -26.65 -8.30
CA PRO A 1124 26.48 -25.83 -7.09
C PRO A 1124 27.13 -26.60 -5.95
N TYR A 1125 27.78 -25.86 -5.05
CA TYR A 1125 28.57 -26.47 -3.99
C TYR A 1125 28.08 -26.19 -2.59
N ILE A 1126 27.25 -25.18 -2.38
CA ILE A 1126 26.76 -24.88 -1.04
C ILE A 1126 25.84 -25.96 -0.51
N ARG A 1127 25.36 -26.85 -1.38
CA ARG A 1127 24.56 -27.98 -0.93
C ARG A 1127 25.36 -28.87 0.02
N TYR A 1128 26.66 -29.02 -0.23
CA TYR A 1128 27.47 -29.85 0.65
C TYR A 1128 27.66 -29.19 2.02
N PHE A 1129 27.85 -27.87 2.04
CA PHE A 1129 27.92 -27.17 3.32
C PHE A 1129 26.63 -27.32 4.11
N VAL A 1130 25.49 -27.11 3.44
CA VAL A 1130 24.20 -27.24 4.11
C VAL A 1130 23.99 -28.65 4.62
N SER A 1131 24.32 -29.65 3.79
CA SER A 1131 24.13 -31.04 4.19
C SER A 1131 25.02 -31.41 5.36
N PHE A 1132 26.27 -30.97 5.36
CA PHE A 1132 27.15 -31.28 6.48
C PHE A 1132 26.69 -30.57 7.74
N ILE A 1133 26.08 -29.40 7.61
CA ILE A 1133 25.56 -28.70 8.79
C ILE A 1133 24.35 -29.42 9.37
N ILE A 1134 23.41 -29.83 8.51
CA ILE A 1134 22.14 -30.35 9.00
C ILE A 1134 22.11 -31.87 9.16
N GLN A 1135 23.14 -32.58 8.69
CA GLN A 1135 23.18 -34.02 8.90
C GLN A 1135 23.33 -34.37 10.36
N PHE A 1136 24.03 -33.53 11.13
CA PHE A 1136 24.16 -33.79 12.56
C PHE A 1136 22.84 -33.50 13.28
N GLN A 1137 22.10 -32.50 12.82
CA GLN A 1137 20.76 -32.28 13.36
C GLN A 1137 19.85 -33.47 13.09
N PHE A 1138 19.89 -34.00 11.86
CA PHE A 1138 19.11 -35.19 11.54
C PHE A 1138 19.54 -36.37 12.39
N HIS A 1139 20.85 -36.54 12.58
CA HIS A 1139 21.36 -37.64 13.38
C HIS A 1139 20.91 -37.53 14.82
N GLU A 1140 20.95 -36.34 15.40
CA GLU A 1140 20.52 -36.16 16.78
C GLU A 1140 19.01 -36.38 16.91
N ALA A 1141 18.23 -35.92 15.94
CA ALA A 1141 16.79 -36.19 15.97
C ALA A 1141 16.50 -37.67 15.88
N LEU A 1142 17.21 -38.40 15.00
CA LEU A 1142 17.01 -39.83 14.88
C LEU A 1142 17.44 -40.56 16.15
N CYS A 1143 18.55 -40.12 16.77
CA CYS A 1143 19.02 -40.76 17.99
C CYS A 1143 18.06 -40.53 19.14
N GLN A 1144 17.46 -39.32 19.21
CA GLN A 1144 16.40 -39.09 20.18
C GLN A 1144 15.21 -39.99 19.89
N ALA A 1145 14.86 -40.16 18.62
CA ALA A 1145 13.79 -41.08 18.25
C ALA A 1145 14.20 -42.53 18.47
N ALA A 1146 15.50 -42.83 18.51
CA ALA A 1146 15.94 -44.20 18.76
C ALA A 1146 15.65 -44.64 20.19
N GLY A 1147 15.43 -43.70 21.11
CA GLY A 1147 15.08 -44.01 22.48
C GLY A 1147 16.21 -43.85 23.47
N HIS A 1148 17.46 -43.81 23.01
CA HIS A 1148 18.61 -43.65 23.88
C HIS A 1148 19.44 -42.47 23.42
N THR A 1149 19.93 -41.68 24.39
CA THR A 1149 20.72 -40.48 24.08
C THR A 1149 22.17 -40.63 24.56
N GLY A 1150 22.38 -40.81 25.86
CA GLY A 1150 23.69 -40.95 26.44
C GLY A 1150 24.75 -40.03 25.85
N PRO A 1151 25.91 -40.60 25.49
CA PRO A 1151 26.94 -39.83 24.80
C PRO A 1151 26.63 -39.72 23.31
N LEU A 1152 25.87 -38.69 22.94
CA LEU A 1152 25.26 -38.57 21.62
C LEU A 1152 26.23 -38.81 20.46
N HIS A 1153 27.54 -38.73 20.70
CA HIS A 1153 28.48 -38.91 19.61
C HIS A 1153 28.62 -40.35 19.17
N LYS A 1154 28.23 -41.31 20.01
CA LYS A 1154 28.39 -42.72 19.68
C LYS A 1154 27.07 -43.46 19.53
N CYS A 1155 25.95 -42.74 19.46
CA CYS A 1155 24.68 -43.39 19.22
C CYS A 1155 24.62 -43.94 17.80
N ASP A 1156 24.08 -45.14 17.66
CA ASP A 1156 23.97 -45.81 16.37
C ASP A 1156 22.51 -46.12 16.07
N ILE A 1157 22.11 -45.92 14.82
CA ILE A 1157 20.75 -46.20 14.37
C ILE A 1157 20.80 -47.49 13.57
N TYR A 1158 20.19 -48.53 14.11
CA TYR A 1158 20.22 -49.85 13.49
C TYR A 1158 19.04 -50.66 14.01
N GLN A 1159 18.38 -51.38 13.12
CA GLN A 1159 17.19 -52.17 13.43
C GLN A 1159 16.10 -51.31 14.09
N SER A 1160 16.13 -50.01 13.88
CA SER A 1160 15.16 -49.08 14.46
C SER A 1160 14.24 -48.61 13.33
N LYS A 1161 13.12 -49.32 13.18
CA LYS A 1161 12.18 -48.99 12.11
C LYS A 1161 11.50 -47.65 12.35
N GLU A 1162 11.44 -47.21 13.61
CA GLU A 1162 10.83 -45.91 13.91
C GLU A 1162 11.66 -44.77 13.35
N ALA A 1163 12.99 -44.85 13.46
CA ALA A 1163 13.85 -43.82 12.89
C ALA A 1163 13.73 -43.80 11.37
N GLY A 1164 13.70 -44.97 10.74
CA GLY A 1164 13.52 -45.03 9.30
C GLY A 1164 12.17 -44.46 8.88
N GLN A 1165 11.13 -44.73 9.66
CA GLN A 1165 9.82 -44.15 9.36
C GLN A 1165 9.84 -42.64 9.50
N ARG A 1166 10.50 -42.12 10.54
CA ARG A 1166 10.60 -40.68 10.71
C ARG A 1166 11.35 -40.03 9.56
N LEU A 1167 12.41 -40.68 9.08
CA LEU A 1167 13.13 -40.17 7.92
C LEU A 1167 12.27 -40.24 6.66
N ALA A 1168 11.50 -41.32 6.50
CA ALA A 1168 10.76 -41.54 5.26
C ALA A 1168 9.55 -40.62 5.15
N THR A 1169 8.86 -40.35 6.26
CA THR A 1169 7.66 -39.53 6.19
C THR A 1169 7.97 -38.09 5.80
N ALA A 1170 9.23 -37.66 5.91
CA ALA A 1170 9.66 -36.39 5.36
C ALA A 1170 10.36 -36.54 4.03
N MET A 1171 11.05 -37.66 3.80
CA MET A 1171 11.63 -37.93 2.49
C MET A 1171 10.55 -38.04 1.42
N LYS A 1172 9.40 -38.61 1.77
CA LYS A 1172 8.30 -38.77 0.82
C LYS A 1172 7.66 -37.44 0.46
N LEU A 1173 7.89 -36.40 1.24
CA LEU A 1173 7.30 -35.09 0.95
C LEU A 1173 7.85 -34.53 -0.37
N GLY A 1174 9.14 -34.70 -0.62
CA GLY A 1174 9.74 -34.20 -1.83
C GLY A 1174 9.80 -32.68 -1.84
N PHE A 1175 9.69 -32.11 -3.04
CA PHE A 1175 9.70 -30.67 -3.25
C PHE A 1175 8.33 -30.04 -3.12
N SER A 1176 7.32 -30.82 -2.72
CA SER A 1176 5.94 -30.31 -2.67
C SER A 1176 5.78 -29.23 -1.61
N ARG A 1177 6.61 -29.23 -0.59
CA ARG A 1177 6.52 -28.25 0.49
C ARG A 1177 7.90 -27.68 0.77
N PRO A 1178 7.98 -26.47 1.32
CA PRO A 1178 9.28 -25.85 1.58
C PRO A 1178 10.09 -26.64 2.60
N TRP A 1179 11.41 -26.49 2.51
CA TRP A 1179 12.30 -27.25 3.37
C TRP A 1179 12.12 -27.02 4.87
N PRO A 1180 11.69 -25.84 5.36
CA PRO A 1180 11.46 -25.74 6.81
C PRO A 1180 10.43 -26.73 7.33
N GLU A 1181 9.39 -27.04 6.54
CA GLU A 1181 8.40 -28.00 6.98
C GLU A 1181 9.01 -29.39 7.15
N ALA A 1182 9.82 -29.83 6.19
CA ALA A 1182 10.47 -31.13 6.32
C ALA A 1182 11.47 -31.13 7.48
N MET A 1183 12.16 -30.01 7.69
CA MET A 1183 13.09 -29.91 8.81
C MET A 1183 12.36 -30.03 10.14
N GLN A 1184 11.21 -29.37 10.27
CA GLN A 1184 10.40 -29.48 11.47
C GLN A 1184 9.85 -30.89 11.62
N LEU A 1185 9.53 -31.54 10.51
CA LEU A 1185 9.04 -32.91 10.55
C LEU A 1185 10.10 -33.88 11.06
N ILE A 1186 11.36 -33.68 10.66
CA ILE A 1186 12.41 -34.60 11.08
C ILE A 1186 12.89 -34.25 12.49
N THR A 1187 13.13 -32.97 12.76
CA THR A 1187 13.72 -32.53 14.02
C THR A 1187 12.72 -31.81 14.92
N GLY A 1188 12.07 -30.77 14.40
CA GLY A 1188 11.16 -29.98 15.21
C GLY A 1188 11.45 -28.50 15.10
N GLN A 1189 12.73 -28.15 15.02
CA GLN A 1189 13.13 -26.77 14.81
C GLN A 1189 13.01 -26.43 13.34
N PRO A 1190 12.26 -25.38 12.97
CA PRO A 1190 12.12 -25.05 11.54
C PRO A 1190 13.42 -24.71 10.85
N ASN A 1191 14.37 -24.09 11.54
CA ASN A 1191 15.57 -23.56 10.92
C ASN A 1191 16.78 -24.42 11.24
N MET A 1192 17.83 -24.25 10.44
CA MET A 1192 19.08 -24.96 10.66
C MET A 1192 19.84 -24.38 11.85
N SER A 1193 20.71 -25.19 12.42
CA SER A 1193 21.52 -24.77 13.55
C SER A 1193 22.75 -25.67 13.63
N ALA A 1194 23.78 -25.16 14.30
CA ALA A 1194 25.01 -25.90 14.50
C ALA A 1194 25.14 -26.45 15.92
N SER A 1195 24.08 -26.37 16.72
CA SER A 1195 24.16 -26.86 18.09
C SER A 1195 24.39 -28.36 18.13
N ALA A 1196 23.69 -29.12 17.28
CA ALA A 1196 23.88 -30.56 17.25
C ALA A 1196 25.29 -30.92 16.80
N MET A 1197 25.81 -30.23 15.78
CA MET A 1197 27.16 -30.49 15.31
C MET A 1197 28.20 -30.17 16.38
N LEU A 1198 28.00 -29.08 17.12
CA LEU A 1198 28.94 -28.73 18.17
C LEU A 1198 28.86 -29.71 19.33
N SER A 1199 27.66 -30.18 19.66
CA SER A 1199 27.51 -31.15 20.75
C SER A 1199 28.04 -32.52 20.36
N TYR A 1200 28.08 -32.83 19.06
CA TYR A 1200 28.69 -34.08 18.62
C TYR A 1200 30.17 -34.12 18.93
N PHE A 1201 30.87 -33.01 18.73
CA PHE A 1201 32.32 -32.94 18.85
C PHE A 1201 32.78 -32.34 20.18
N LYS A 1202 31.87 -32.18 21.14
CA LYS A 1202 32.21 -31.53 22.39
C LYS A 1202 33.38 -32.18 23.12
N PRO A 1203 33.41 -33.51 23.32
CA PRO A 1203 34.61 -34.09 23.96
C PRO A 1203 35.89 -33.79 23.22
N LEU A 1204 35.86 -33.87 21.88
CA LEU A 1204 37.05 -33.59 21.10
C LEU A 1204 37.43 -32.12 21.18
N LEU A 1205 36.43 -31.23 21.19
CA LEU A 1205 36.75 -29.81 21.32
C LEU A 1205 37.42 -29.52 22.66
N ASP A 1206 36.91 -30.12 23.74
CA ASP A 1206 37.52 -29.92 25.05
C ASP A 1206 38.94 -30.47 25.07
N TRP A 1207 39.14 -31.68 24.54
CA TRP A 1207 40.48 -32.27 24.54
C TRP A 1207 41.44 -31.46 23.70
N LEU A 1208 40.99 -30.96 22.55
CA LEU A 1208 41.84 -30.16 21.69
C LEU A 1208 42.22 -28.84 22.35
N ARG A 1209 41.26 -28.21 23.03
CA ARG A 1209 41.58 -26.98 23.76
C ARG A 1209 42.62 -27.25 24.83
N THR A 1210 42.45 -28.34 25.60
CA THR A 1210 43.41 -28.67 26.64
C THR A 1210 44.79 -28.92 26.06
N GLU A 1211 44.87 -29.71 24.98
CA GLU A 1211 46.16 -30.05 24.39
C GLU A 1211 46.84 -28.84 23.78
N ASN A 1212 46.07 -27.97 23.12
CA ASN A 1212 46.65 -26.77 22.53
C ASN A 1212 47.15 -25.81 23.59
N GLU A 1213 46.41 -25.65 24.68
CA GLU A 1213 46.89 -24.83 25.78
C GLU A 1213 48.15 -25.41 26.39
N LEU A 1214 48.20 -26.74 26.56
CA LEU A 1214 49.39 -27.37 27.11
C LEU A 1214 50.60 -27.19 26.20
N HIS A 1215 50.41 -27.31 24.89
CA HIS A 1215 51.51 -27.18 23.94
C HIS A 1215 51.83 -25.74 23.59
N GLY A 1216 51.04 -24.78 24.05
CA GLY A 1216 51.28 -23.39 23.69
C GLY A 1216 50.91 -23.02 22.28
N GLU A 1217 50.04 -23.80 21.64
CA GLU A 1217 49.62 -23.49 20.28
C GLU A 1217 48.74 -22.25 20.26
N LYS A 1218 48.96 -21.40 19.26
CA LYS A 1218 48.16 -20.20 19.06
C LYS A 1218 47.22 -20.44 17.89
N LEU A 1219 45.92 -20.33 18.14
CA LEU A 1219 44.93 -20.56 17.10
C LEU A 1219 45.04 -19.50 16.02
N GLY A 1220 44.78 -19.92 14.79
CA GLY A 1220 44.92 -19.02 13.65
C GLY A 1220 46.30 -19.08 13.04
N TRP A 1221 46.51 -18.19 12.09
CA TRP A 1221 47.77 -18.09 11.35
C TRP A 1221 48.23 -16.64 11.40
N PRO A 1222 48.90 -16.24 12.49
CA PRO A 1222 49.32 -14.84 12.61
C PRO A 1222 50.25 -14.39 11.49
N GLN A 1223 51.13 -15.25 11.01
CA GLN A 1223 52.03 -14.90 9.91
C GLN A 1223 51.40 -15.34 8.59
N TYR A 1224 50.32 -14.63 8.23
CA TYR A 1224 49.55 -14.98 7.05
C TYR A 1224 50.34 -14.83 5.76
N ASN A 1225 51.37 -14.00 5.75
CA ASN A 1225 52.18 -13.79 4.56
C ASN A 1225 53.24 -14.85 4.35
N TRP A 1226 53.34 -15.80 5.28
CA TRP A 1226 54.33 -16.87 5.17
C TRP A 1226 54.00 -17.79 3.99
N THR A 1227 55.05 -18.39 3.43
CA THR A 1227 54.92 -19.29 2.30
C THR A 1227 56.12 -20.22 2.33
N PRO A 1228 55.93 -21.53 2.15
CA PRO A 1228 57.06 -22.46 2.30
C PRO A 1228 58.22 -22.19 1.37
N ASN A 1229 57.97 -21.65 0.18
CA ASN A 1229 59.06 -21.35 -0.76
C ASN A 1229 60.02 -20.32 -0.16
N SER A 1230 59.48 -19.23 0.38
CA SER A 1230 60.28 -18.17 1.02
C SER A 1230 61.38 -17.67 0.08
N ALA A 1231 61.02 -17.50 -1.19
CA ALA A 1231 61.95 -17.05 -2.23
C ALA A 1231 63.16 -17.97 -2.33
N ASP B 31 -50.50 13.66 45.69
CA ASP B 31 -51.23 14.85 46.13
C ASP B 31 -52.61 14.89 45.49
N PRO B 32 -53.64 15.17 46.30
CA PRO B 32 -55.01 15.22 45.76
C PRO B 32 -55.19 16.25 44.66
N GLY B 33 -54.51 17.39 44.75
CA GLY B 33 -54.59 18.38 43.69
C GLY B 33 -54.01 17.87 42.38
N LEU B 34 -52.95 17.07 42.46
CA LEU B 34 -52.36 16.50 41.26
C LEU B 34 -53.33 15.57 40.55
N GLN B 35 -54.20 14.90 41.30
CA GLN B 35 -55.20 14.04 40.68
C GLN B 35 -56.35 14.88 40.15
N PRO B 36 -56.67 14.79 38.85
CA PRO B 36 -57.81 15.53 38.32
C PRO B 36 -59.11 15.07 38.96
N GLY B 37 -60.05 16.00 39.10
CA GLY B 37 -61.36 15.72 39.62
C GLY B 37 -62.33 15.31 38.53
N ASN B 38 -63.60 15.63 38.75
CA ASN B 38 -64.64 15.37 37.77
C ASN B 38 -64.95 16.65 37.02
N PHE B 39 -65.01 16.57 35.69
CA PHE B 39 -65.21 17.72 34.84
C PHE B 39 -66.26 17.41 33.77
N SER B 40 -66.89 18.46 33.26
CA SER B 40 -67.92 18.33 32.25
C SER B 40 -67.31 17.92 30.91
N ALA B 41 -68.18 17.64 29.95
CA ALA B 41 -67.77 17.27 28.60
C ALA B 41 -68.13 18.35 27.58
N ASP B 42 -68.31 19.59 28.03
CA ASP B 42 -68.64 20.72 27.16
C ASP B 42 -67.44 21.66 27.08
N GLU B 43 -67.64 22.79 26.41
CA GLU B 43 -66.57 23.77 26.29
C GLU B 43 -66.18 24.35 27.65
N ALA B 44 -67.17 24.68 28.48
CA ALA B 44 -66.88 25.22 29.80
C ALA B 44 -66.17 24.20 30.67
N GLY B 45 -66.57 22.93 30.59
CA GLY B 45 -65.87 21.89 31.32
C GLY B 45 -64.42 21.78 30.89
N ALA B 46 -64.16 21.89 29.58
CA ALA B 46 -62.79 21.87 29.10
C ALA B 46 -62.01 23.09 29.58
N GLN B 47 -62.67 24.25 29.66
CA GLN B 47 -62.01 25.43 30.18
C GLN B 47 -61.59 25.23 31.64
N LEU B 48 -62.49 24.68 32.46
CA LEU B 48 -62.15 24.40 33.85
C LEU B 48 -61.03 23.36 33.94
N PHE B 49 -61.09 22.36 33.07
CA PHE B 49 -60.00 21.39 32.93
C PHE B 49 -58.67 22.11 32.72
N ALA B 50 -58.64 23.06 31.79
CA ALA B 50 -57.42 23.79 31.50
C ALA B 50 -56.95 24.61 32.69
N GLN B 51 -57.87 25.29 33.38
CA GLN B 51 -57.48 26.09 34.54
C GLN B 51 -56.88 25.23 35.64
N SER B 52 -57.52 24.09 35.95
CA SER B 52 -56.98 23.21 36.98
C SER B 52 -55.64 22.62 36.54
N TYR B 53 -55.50 22.30 35.26
CA TYR B 53 -54.23 21.79 34.76
C TYR B 53 -53.12 22.81 34.94
N ASN B 54 -53.40 24.08 34.61
CA ASN B 54 -52.42 25.12 34.85
C ASN B 54 -52.09 25.22 36.34
N SER B 55 -53.11 25.17 37.19
CA SER B 55 -52.90 25.36 38.62
C SER B 55 -51.98 24.29 39.19
N SER B 56 -52.18 23.02 38.81
CA SER B 56 -51.32 21.97 39.32
C SER B 56 -49.95 21.99 38.65
N ALA B 57 -49.92 22.17 37.32
CA ALA B 57 -48.68 22.08 36.58
C ALA B 57 -47.73 23.23 36.89
N GLU B 58 -48.23 24.38 37.33
CA GLU B 58 -47.32 25.45 37.72
C GLU B 58 -46.45 25.03 38.89
N GLN B 59 -47.07 24.48 39.94
CA GLN B 59 -46.31 23.99 41.09
C GLN B 59 -45.41 22.83 40.69
N VAL B 60 -45.91 21.91 39.86
CA VAL B 60 -45.10 20.77 39.47
C VAL B 60 -43.86 21.23 38.70
N LEU B 61 -44.04 22.14 37.75
CA LEU B 61 -42.92 22.67 36.99
C LEU B 61 -41.96 23.44 37.88
N PHE B 62 -42.48 24.20 38.85
CA PHE B 62 -41.62 24.93 39.75
C PHE B 62 -40.71 23.98 40.52
N GLN B 63 -41.28 22.93 41.11
CA GLN B 63 -40.44 22.01 41.87
C GLN B 63 -39.48 21.25 40.96
N SER B 64 -39.92 20.91 39.75
CA SER B 64 -39.04 20.19 38.83
C SER B 64 -37.84 21.03 38.43
N VAL B 65 -38.07 22.29 38.05
CA VAL B 65 -36.96 23.15 37.66
C VAL B 65 -36.09 23.50 38.85
N ALA B 66 -36.67 23.59 40.05
CA ALA B 66 -35.85 23.82 41.24
C ALA B 66 -34.92 22.64 41.49
N ALA B 67 -35.43 21.41 41.36
CA ALA B 67 -34.57 20.24 41.51
C ALA B 67 -33.50 20.19 40.44
N SER B 68 -33.87 20.50 39.19
CA SER B 68 -32.89 20.49 38.11
C SER B 68 -31.80 21.52 38.33
N TRP B 69 -32.18 22.71 38.81
CA TRP B 69 -31.19 23.74 39.13
C TRP B 69 -30.28 23.29 40.26
N ALA B 70 -30.85 22.72 41.32
CA ALA B 70 -30.06 22.24 42.43
C ALA B 70 -29.16 21.07 42.04
N HIS B 71 -29.47 20.41 40.94
CA HIS B 71 -28.63 19.33 40.44
C HIS B 71 -27.33 19.91 39.88
N ASP B 72 -26.33 20.05 40.74
CA ASP B 72 -25.00 20.51 40.35
C ASP B 72 -24.00 19.44 40.75
N THR B 73 -23.41 18.78 39.75
CA THR B 73 -22.47 17.66 39.94
C THR B 73 -23.21 16.59 40.75
N ASN B 74 -22.62 16.04 41.81
CA ASN B 74 -23.29 15.05 42.64
C ASN B 74 -23.30 15.40 44.12
N ILE B 75 -22.43 16.30 44.58
CA ILE B 75 -22.39 16.64 45.99
C ILE B 75 -23.68 17.31 46.42
N THR B 76 -24.19 18.23 45.61
CA THR B 76 -25.38 18.99 45.97
C THR B 76 -26.65 18.31 45.48
N ALA B 77 -27.68 18.33 46.32
CA ALA B 77 -29.02 17.85 45.98
C ALA B 77 -29.02 16.36 45.65
N GLU B 78 -28.52 15.55 46.59
CA GLU B 78 -28.65 14.09 46.58
C GLU B 78 -28.33 13.50 45.20
N ASN B 79 -27.12 13.78 44.75
CA ASN B 79 -26.54 13.25 43.51
C ASN B 79 -27.54 13.42 42.36
N ALA B 80 -27.50 12.51 41.39
CA ALA B 80 -28.49 12.49 40.32
C ALA B 80 -29.77 11.78 40.73
N ARG B 81 -29.76 11.09 41.87
CA ARG B 81 -30.95 10.37 42.30
C ARG B 81 -32.09 11.32 42.64
N ARG B 82 -31.78 12.46 43.27
CA ARG B 82 -32.83 13.43 43.58
C ARG B 82 -33.46 13.99 42.32
N GLN B 83 -32.64 14.33 41.32
CA GLN B 83 -33.18 14.84 40.06
C GLN B 83 -33.99 13.76 39.34
N GLU B 84 -33.51 12.52 39.37
CA GLU B 84 -34.25 11.43 38.72
C GLU B 84 -35.59 11.19 39.40
N GLU B 85 -35.64 11.28 40.74
CA GLU B 85 -36.92 11.07 41.42
C GLU B 85 -37.86 12.26 41.22
N ALA B 86 -37.31 13.47 41.10
CA ALA B 86 -38.16 14.61 40.74
C ALA B 86 -38.74 14.42 39.34
N ALA B 87 -37.92 13.94 38.40
CA ALA B 87 -38.42 13.63 37.07
C ALA B 87 -39.44 12.50 37.10
N LEU B 88 -39.25 11.53 38.00
CA LEU B 88 -40.21 10.45 38.16
C LEU B 88 -41.57 11.00 38.61
N LEU B 89 -41.55 11.91 39.58
CA LEU B 89 -42.80 12.54 40.00
C LEU B 89 -43.41 13.35 38.87
N SER B 90 -42.57 14.03 38.09
CA SER B 90 -43.08 14.82 36.97
C SER B 90 -43.75 13.92 35.93
N GLN B 91 -43.14 12.78 35.61
CA GLN B 91 -43.71 11.91 34.58
C GLN B 91 -44.92 11.15 35.09
N GLU B 92 -44.94 10.76 36.37
CA GLU B 92 -46.16 10.16 36.91
C GLU B 92 -47.27 11.20 37.06
N PHE B 93 -46.92 12.48 37.09
CA PHE B 93 -47.92 13.52 36.92
C PHE B 93 -48.32 13.63 35.45
N ALA B 94 -49.51 14.19 35.23
CA ALA B 94 -50.01 14.61 33.92
C ALA B 94 -50.43 13.41 33.06
N GLU B 95 -50.11 12.19 33.48
CA GLU B 95 -50.65 11.03 32.76
C GLU B 95 -52.14 10.88 33.06
N ALA B 96 -52.52 11.09 34.32
CA ALA B 96 -53.93 11.11 34.68
C ALA B 96 -54.66 12.20 33.93
N TRP B 97 -54.05 13.38 33.83
CA TRP B 97 -54.63 14.47 33.06
C TRP B 97 -54.80 14.07 31.60
N GLY B 98 -53.79 13.39 31.04
CA GLY B 98 -53.87 12.99 29.65
C GLY B 98 -54.99 11.99 29.38
N GLN B 99 -55.11 10.94 30.21
CA GLN B 99 -56.19 10.00 29.97
C GLN B 99 -57.55 10.63 30.24
N LYS B 100 -57.62 11.54 31.22
CA LYS B 100 -58.88 12.26 31.45
C LYS B 100 -59.27 13.07 30.23
N ALA B 101 -58.31 13.79 29.63
CA ALA B 101 -58.60 14.57 28.44
C ALA B 101 -59.00 13.67 27.28
N LYS B 102 -58.33 12.53 27.12
CA LYS B 102 -58.68 11.62 26.04
C LYS B 102 -60.06 11.00 26.24
N GLU B 103 -60.46 10.80 27.49
CA GLU B 103 -61.78 10.25 27.78
C GLU B 103 -62.87 11.30 27.83
N LEU B 104 -62.52 12.58 27.82
CA LEU B 104 -63.53 13.63 27.92
C LEU B 104 -63.63 14.53 26.71
N TYR B 105 -62.50 15.00 26.17
CA TYR B 105 -62.52 16.08 25.19
C TYR B 105 -61.90 15.69 23.84
N GLU B 106 -61.98 14.40 23.47
CA GLU B 106 -61.57 14.03 22.13
C GLU B 106 -62.45 14.69 21.06
N PRO B 107 -63.78 14.61 21.12
CA PRO B 107 -64.58 15.40 20.17
C PRO B 107 -64.38 16.89 20.32
N ILE B 108 -64.12 17.37 21.54
CA ILE B 108 -63.83 18.80 21.73
C ILE B 108 -62.50 19.15 21.08
N TRP B 109 -61.49 18.30 21.24
CA TRP B 109 -60.19 18.56 20.63
C TRP B 109 -60.29 18.58 19.11
N GLN B 110 -61.04 17.64 18.53
CA GLN B 110 -61.13 17.54 17.08
C GLN B 110 -62.20 18.44 16.46
N ASN B 111 -63.06 19.06 17.28
CA ASN B 111 -64.19 19.83 16.75
C ASN B 111 -64.16 21.30 17.17
N PHE B 112 -63.96 21.59 18.45
CA PHE B 112 -64.00 22.96 18.94
C PHE B 112 -62.78 23.71 18.41
N THR B 113 -63.01 24.71 17.56
CA THR B 113 -61.94 25.35 16.81
C THR B 113 -61.37 26.59 17.48
N ASP B 114 -61.79 26.91 18.71
CA ASP B 114 -61.19 28.04 19.39
C ASP B 114 -59.73 27.74 19.72
N PRO B 115 -58.83 28.72 19.55
CA PRO B 115 -57.39 28.41 19.54
C PRO B 115 -56.83 27.94 20.88
N GLN B 116 -57.11 28.67 21.95
CA GLN B 116 -56.47 28.37 23.23
C GLN B 116 -56.85 26.98 23.73
N LEU B 117 -58.13 26.62 23.64
CA LEU B 117 -58.55 25.29 24.06
C LEU B 117 -57.98 24.22 23.14
N ARG B 118 -57.93 24.51 21.84
CA ARG B 118 -57.32 23.58 20.89
C ARG B 118 -55.90 23.24 21.32
N ARG B 119 -55.08 24.27 21.55
CA ARG B 119 -53.69 24.04 21.94
C ARG B 119 -53.59 23.34 23.29
N ILE B 120 -54.41 23.76 24.26
CA ILE B 120 -54.35 23.18 25.59
C ILE B 120 -54.63 21.68 25.53
N ILE B 121 -55.73 21.31 24.88
CA ILE B 121 -56.14 19.91 24.83
C ILE B 121 -55.18 19.10 23.97
N GLY B 122 -54.67 19.69 22.89
CA GLY B 122 -53.70 18.97 22.08
C GLY B 122 -52.42 18.67 22.84
N ALA B 123 -51.93 19.63 23.62
CA ALA B 123 -50.72 19.40 24.40
C ALA B 123 -50.97 18.39 25.51
N VAL B 124 -52.12 18.49 26.20
CA VAL B 124 -52.38 17.61 27.34
C VAL B 124 -52.63 16.19 26.88
N ARG B 125 -53.35 16.03 25.77
CA ARG B 125 -53.79 14.70 25.32
C ARG B 125 -52.63 13.79 24.99
N THR B 126 -51.53 14.34 24.48
CA THR B 126 -50.35 13.55 24.12
C THR B 126 -49.71 12.99 25.38
N LEU B 127 -49.90 11.70 25.63
CA LEU B 127 -49.25 11.06 26.77
C LEU B 127 -47.75 10.96 26.55
N GLY B 128 -47.34 10.47 25.39
CA GLY B 128 -45.94 10.25 25.11
C GLY B 128 -45.42 8.94 25.67
N SER B 129 -44.56 9.03 26.67
CA SER B 129 -43.90 7.87 27.26
C SER B 129 -44.72 7.23 28.37
N ALA B 130 -45.92 7.73 28.64
CA ALA B 130 -46.78 7.15 29.66
C ALA B 130 -47.69 6.06 29.12
N ASN B 131 -47.76 5.87 27.80
CA ASN B 131 -48.65 4.89 27.22
C ASN B 131 -48.17 3.46 27.39
N LEU B 132 -46.89 3.25 27.64
CA LEU B 132 -46.37 1.90 27.75
C LEU B 132 -46.81 1.27 29.06
N PRO B 133 -46.80 -0.07 29.15
CA PRO B 133 -47.05 -0.73 30.44
C PRO B 133 -45.98 -0.40 31.46
N LEU B 134 -46.16 -0.90 32.70
CA LEU B 134 -45.24 -0.55 33.77
C LEU B 134 -43.81 -1.00 33.45
N ALA B 135 -43.66 -2.28 33.08
CA ALA B 135 -42.33 -2.81 32.81
C ALA B 135 -41.68 -2.12 31.62
N LYS B 136 -42.45 -1.89 30.55
CA LYS B 136 -41.91 -1.23 29.38
C LYS B 136 -41.51 0.21 29.69
N ARG B 137 -42.33 0.93 30.46
CA ARG B 137 -41.99 2.31 30.81
C ARG B 137 -40.75 2.37 31.70
N GLN B 138 -40.63 1.44 32.65
CA GLN B 138 -39.44 1.40 33.48
C GLN B 138 -38.20 1.10 32.66
N GLN B 139 -38.31 0.16 31.71
CA GLN B 139 -37.19 -0.13 30.83
C GLN B 139 -36.84 1.07 29.95
N TYR B 140 -37.85 1.82 29.51
CA TYR B 140 -37.62 3.02 28.71
C TYR B 140 -36.85 4.07 29.49
N ASN B 141 -37.26 4.32 30.74
CA ASN B 141 -36.55 5.29 31.56
C ASN B 141 -35.14 4.83 31.86
N ALA B 142 -34.96 3.53 32.14
CA ALA B 142 -33.63 3.00 32.36
C ALA B 142 -32.76 3.13 31.12
N LEU B 143 -33.36 2.96 29.95
CA LEU B 143 -32.62 3.11 28.70
C LEU B 143 -32.15 4.55 28.52
N LEU B 144 -33.04 5.52 28.78
CA LEU B 144 -32.65 6.92 28.65
C LEU B 144 -31.53 7.27 29.62
N SER B 145 -31.65 6.83 30.88
CA SER B 145 -30.63 7.11 31.86
C SER B 145 -29.30 6.45 31.49
N ASN B 146 -29.34 5.19 31.05
CA ASN B 146 -28.14 4.49 30.66
C ASN B 146 -27.45 5.18 29.49
N MET B 147 -28.23 5.60 28.49
CA MET B 147 -27.65 6.23 27.31
C MET B 147 -27.02 7.56 27.65
N SER B 148 -27.72 8.39 28.42
CA SER B 148 -27.15 9.68 28.83
C SER B 148 -25.89 9.48 29.66
N ARG B 149 -25.91 8.52 30.59
CA ARG B 149 -24.73 8.25 31.41
C ARG B 149 -23.58 7.78 30.55
N ILE B 150 -23.82 6.82 29.67
CA ILE B 150 -22.74 6.27 28.84
C ILE B 150 -22.11 7.36 28.00
N TYR B 151 -22.93 8.29 27.48
CA TYR B 151 -22.34 9.43 26.79
C TYR B 151 -21.51 10.29 27.75
N SER B 152 -22.01 10.49 28.98
CA SER B 152 -21.33 11.39 29.91
C SER B 152 -19.97 10.83 30.33
N THR B 153 -19.94 9.58 30.79
CA THR B 153 -18.70 8.99 31.30
C THR B 153 -17.94 8.22 30.22
N ALA B 154 -17.68 8.88 29.10
CA ALA B 154 -16.91 8.29 28.01
C ALA B 154 -15.54 8.97 27.95
N LYS B 155 -14.49 8.16 27.92
CA LYS B 155 -13.13 8.68 27.95
C LYS B 155 -12.25 7.92 26.98
N VAL B 156 -11.22 8.60 26.49
CA VAL B 156 -10.23 8.01 25.59
C VAL B 156 -8.85 8.38 26.11
N CYS B 157 -7.92 7.42 26.05
CA CYS B 157 -6.56 7.69 26.49
C CYS B 157 -5.56 6.89 25.68
N LEU B 158 -4.30 7.33 25.76
CA LEU B 158 -3.25 6.83 24.89
C LEU B 158 -2.91 5.38 25.21
N PRO B 159 -2.26 4.69 24.26
CA PRO B 159 -1.92 3.27 24.50
C PRO B 159 -0.99 3.05 25.67
N ASN B 160 -0.28 4.07 26.14
CA ASN B 160 0.61 3.90 27.29
C ASN B 160 -0.14 3.57 28.57
N LYS B 161 -1.47 3.74 28.58
CA LYS B 161 -2.32 3.40 29.73
C LYS B 161 -1.89 4.18 30.98
N THR B 162 -1.73 5.49 30.81
CA THR B 162 -1.40 6.34 31.94
C THR B 162 -2.62 6.51 32.85
N ALA B 163 -2.38 7.08 34.03
CA ALA B 163 -3.42 7.18 35.06
C ALA B 163 -4.57 8.09 34.65
N THR B 164 -4.39 8.94 33.64
CA THR B 164 -5.42 9.86 33.19
C THR B 164 -5.91 9.48 31.81
N CYS B 165 -7.17 9.78 31.53
CA CYS B 165 -7.75 9.58 30.21
C CYS B 165 -8.48 10.85 29.79
N TRP B 166 -8.34 11.21 28.52
CA TRP B 166 -8.99 12.41 28.01
C TRP B 166 -10.50 12.25 28.01
N SER B 167 -11.20 13.30 28.41
CA SER B 167 -12.65 13.36 28.31
C SER B 167 -13.04 14.32 27.20
N LEU B 168 -14.34 14.32 26.87
CA LEU B 168 -14.82 15.19 25.80
C LEU B 168 -14.57 16.66 26.12
N ASP B 169 -14.92 17.07 27.33
CA ASP B 169 -14.75 18.46 27.74
C ASP B 169 -13.89 18.51 28.99
N PRO B 170 -12.87 19.38 29.06
CA PRO B 170 -12.43 20.30 28.01
C PRO B 170 -11.21 19.76 27.26
N ASP B 171 -10.94 18.46 27.34
CA ASP B 171 -9.71 17.90 26.80
C ASP B 171 -9.78 17.66 25.29
N LEU B 172 -10.72 16.82 24.85
CA LEU B 172 -10.80 16.47 23.44
C LEU B 172 -11.19 17.66 22.58
N THR B 173 -12.11 18.49 23.06
CA THR B 173 -12.50 19.66 22.29
C THR B 173 -11.32 20.61 22.10
N ASN B 174 -10.55 20.84 23.16
CA ASN B 174 -9.37 21.69 23.04
C ASN B 174 -8.33 21.08 22.11
N ILE B 175 -8.15 19.75 22.18
CA ILE B 175 -7.19 19.10 21.30
C ILE B 175 -7.60 19.27 19.84
N LEU B 176 -8.89 19.10 19.54
CA LEU B 176 -9.34 19.20 18.16
C LEU B 176 -9.41 20.64 17.69
N ALA B 177 -9.56 21.61 18.59
CA ALA B 177 -9.61 23.00 18.19
C ALA B 177 -8.24 23.67 18.14
N SER B 178 -7.22 23.07 18.76
CA SER B 178 -5.91 23.70 18.86
C SER B 178 -4.82 22.98 18.09
N SER B 179 -4.76 21.66 18.17
CA SER B 179 -3.64 20.91 17.62
C SER B 179 -3.78 20.78 16.10
N ARG B 180 -2.80 21.31 15.37
CA ARG B 180 -2.72 21.13 13.92
C ARG B 180 -1.83 19.95 13.55
N SER B 181 -2.08 18.79 14.15
CA SER B 181 -1.34 17.57 13.84
C SER B 181 -2.32 16.54 13.33
N TYR B 182 -2.08 16.02 12.12
CA TYR B 182 -3.00 15.05 11.55
C TYR B 182 -3.10 13.80 12.41
N ALA B 183 -1.96 13.32 12.92
CA ALA B 183 -1.96 12.10 13.71
C ALA B 183 -2.71 12.30 15.02
N MET B 184 -2.47 13.42 15.70
CA MET B 184 -3.13 13.65 16.99
C MET B 184 -4.62 13.92 16.82
N LEU B 185 -4.97 14.72 15.82
CA LEU B 185 -6.38 14.97 15.54
C LEU B 185 -7.09 13.66 15.20
N LEU B 186 -6.48 12.82 14.36
CA LEU B 186 -7.09 11.55 14.00
C LEU B 186 -7.21 10.64 15.20
N PHE B 187 -6.19 10.60 16.06
CA PHE B 187 -6.28 9.77 17.26
C PHE B 187 -7.43 10.22 18.15
N ALA B 188 -7.55 11.52 18.38
CA ALA B 188 -8.63 12.03 19.22
C ALA B 188 -10.00 11.73 18.61
N TRP B 189 -10.16 11.99 17.32
CA TRP B 189 -11.43 11.77 16.65
C TRP B 189 -11.83 10.31 16.70
N GLU B 190 -10.93 9.42 16.26
CA GLU B 190 -11.24 7.99 16.23
C GLU B 190 -11.49 7.44 17.63
N GLY B 191 -10.66 7.83 18.60
CA GLY B 191 -10.85 7.33 19.95
C GLY B 191 -12.17 7.77 20.55
N TRP B 192 -12.51 9.06 20.41
CA TRP B 192 -13.78 9.52 20.97
C TRP B 192 -14.95 8.84 20.29
N HIS B 193 -14.91 8.72 18.97
CA HIS B 193 -16.05 8.14 18.27
C HIS B 193 -16.23 6.68 18.65
N ASN B 194 -15.14 5.92 18.71
CA ASN B 194 -15.24 4.54 19.18
C ASN B 194 -15.81 4.47 20.58
N ALA B 195 -15.22 5.23 21.52
CA ALA B 195 -15.60 5.13 22.92
C ALA B 195 -17.06 5.51 23.14
N ALA B 196 -17.53 6.57 22.49
CA ALA B 196 -18.88 7.05 22.72
C ALA B 196 -19.91 6.40 21.81
N GLY B 197 -19.51 5.65 20.78
CA GLY B 197 -20.50 5.05 19.91
C GLY B 197 -20.65 3.56 20.05
N ILE B 198 -19.54 2.83 20.22
CA ILE B 198 -19.62 1.37 20.21
C ILE B 198 -20.51 0.82 21.31
N PRO B 199 -20.42 1.26 22.56
CA PRO B 199 -21.31 0.72 23.61
C PRO B 199 -22.72 1.28 23.61
N LEU B 200 -23.09 2.13 22.64
CA LEU B 200 -24.39 2.76 22.62
C LEU B 200 -25.37 2.16 21.63
N LYS B 201 -24.90 1.28 20.72
CA LYS B 201 -25.78 0.79 19.66
C LYS B 201 -26.97 0.00 20.20
N PRO B 202 -26.78 -1.05 21.01
CA PRO B 202 -27.96 -1.82 21.45
C PRO B 202 -28.95 -0.99 22.24
N LEU B 203 -28.44 -0.07 23.07
CA LEU B 203 -29.32 0.79 23.85
C LEU B 203 -30.16 1.67 22.92
N TYR B 204 -29.56 2.19 21.85
CA TYR B 204 -30.33 3.03 20.94
C TYR B 204 -31.35 2.23 20.15
N GLU B 205 -31.00 1.00 19.76
CA GLU B 205 -31.99 0.16 19.06
C GLU B 205 -33.19 -0.12 19.96
N ASP B 206 -32.93 -0.48 21.22
CA ASP B 206 -34.02 -0.74 22.16
C ASP B 206 -34.83 0.53 22.41
N PHE B 207 -34.16 1.67 22.56
CA PHE B 207 -34.89 2.92 22.77
C PHE B 207 -35.76 3.26 21.57
N THR B 208 -35.26 3.03 20.36
CA THR B 208 -36.06 3.30 19.17
C THR B 208 -37.30 2.43 19.15
N ALA B 209 -37.15 1.14 19.45
CA ALA B 209 -38.32 0.26 19.50
C ALA B 209 -39.34 0.74 20.53
N LEU B 210 -38.87 1.04 21.74
CA LEU B 210 -39.79 1.45 22.82
C LEU B 210 -40.49 2.77 22.48
N SER B 211 -39.74 3.74 21.96
CA SER B 211 -40.32 5.03 21.63
C SER B 211 -41.33 4.91 20.51
N ASN B 212 -41.03 4.10 19.49
CA ASN B 212 -41.98 3.89 18.42
C ASN B 212 -43.26 3.25 18.93
N GLU B 213 -43.13 2.27 19.83
CA GLU B 213 -44.32 1.65 20.43
C GLU B 213 -45.15 2.69 21.18
N ALA B 214 -44.49 3.51 22.01
CA ALA B 214 -45.20 4.49 22.82
C ALA B 214 -45.94 5.49 21.95
N TYR B 215 -45.25 6.04 20.95
CA TYR B 215 -45.88 7.09 20.15
C TYR B 215 -46.83 6.53 19.10
N LYS B 216 -46.74 5.24 18.77
CA LYS B 216 -47.77 4.63 17.95
C LYS B 216 -49.04 4.38 18.76
N GLN B 217 -48.88 3.99 20.03
CA GLN B 217 -50.03 3.91 20.92
C GLN B 217 -50.64 5.28 21.14
N ASP B 218 -49.81 6.33 21.14
CA ASP B 218 -50.32 7.69 21.32
C ASP B 218 -51.21 8.11 20.15
N GLY B 219 -50.86 7.72 18.93
CA GLY B 219 -51.64 8.08 17.77
C GLY B 219 -50.83 8.43 16.55
N PHE B 220 -49.61 8.91 16.76
CA PHE B 220 -48.72 9.21 15.64
C PHE B 220 -48.15 7.92 15.08
N THR B 221 -47.79 7.95 13.80
CA THR B 221 -47.23 6.76 13.18
C THR B 221 -45.82 6.46 13.66
N ASP B 222 -45.07 7.49 14.09
CA ASP B 222 -43.67 7.36 14.42
C ASP B 222 -43.34 8.30 15.58
N THR B 223 -42.12 8.19 16.09
CA THR B 223 -41.58 9.27 16.90
C THR B 223 -41.13 10.43 16.04
N GLY B 224 -40.58 10.14 14.86
CA GLY B 224 -40.18 11.20 13.95
C GLY B 224 -41.36 12.02 13.45
N ALA B 225 -42.48 11.34 13.18
CA ALA B 225 -43.69 12.08 12.79
C ALA B 225 -44.16 12.97 13.92
N TYR B 226 -44.08 12.50 15.17
CA TYR B 226 -44.44 13.34 16.30
C TYR B 226 -43.52 14.54 16.40
N TRP B 227 -42.22 14.33 16.18
CA TRP B 227 -41.28 15.45 16.22
C TRP B 227 -41.58 16.47 15.14
N ARG B 228 -41.92 16.00 13.94
CA ARG B 228 -42.28 16.92 12.86
C ARG B 228 -43.62 17.57 13.10
N SER B 229 -44.47 17.00 13.95
CA SER B 229 -45.80 17.54 14.18
C SER B 229 -45.79 18.92 14.83
N TRP B 230 -44.72 19.28 15.54
CA TRP B 230 -44.70 20.57 16.23
C TRP B 230 -44.74 21.73 15.25
N TYR B 231 -44.05 21.60 14.12
CA TYR B 231 -43.96 22.70 13.17
C TYR B 231 -45.24 22.92 12.38
N ASN B 232 -46.18 21.99 12.43
CA ASN B 232 -47.51 22.15 11.84
C ASN B 232 -47.41 22.48 10.35
N SER B 233 -46.86 21.54 9.58
CA SER B 233 -46.76 21.70 8.15
C SER B 233 -46.84 20.34 7.46
N PRO B 234 -47.85 20.12 6.61
CA PRO B 234 -47.93 18.83 5.90
C PRO B 234 -46.75 18.57 4.99
N THR B 235 -46.13 19.61 4.45
CA THR B 235 -45.01 19.48 3.51
C THR B 235 -43.70 19.97 4.12
N PHE B 236 -43.52 19.76 5.43
CA PHE B 236 -42.37 20.31 6.13
C PHE B 236 -41.05 19.86 5.51
N GLU B 237 -40.93 18.57 5.19
CA GLU B 237 -39.70 18.06 4.61
C GLU B 237 -39.44 18.68 3.24
N ASP B 238 -40.49 18.89 2.44
CA ASP B 238 -40.30 19.46 1.12
C ASP B 238 -39.85 20.92 1.19
N ASP B 239 -40.46 21.71 2.09
CA ASP B 239 -39.99 23.08 2.29
C ASP B 239 -38.56 23.11 2.79
N LEU B 240 -38.21 22.18 3.69
CA LEU B 240 -36.83 22.11 4.17
C LEU B 240 -35.86 21.80 3.03
N GLU B 241 -36.23 20.86 2.16
CA GLU B 241 -35.37 20.51 1.04
C GLU B 241 -35.20 21.67 0.07
N HIS B 242 -36.28 22.39 -0.23
CA HIS B 242 -36.16 23.57 -1.08
C HIS B 242 -35.29 24.62 -0.42
N LEU B 243 -35.46 24.81 0.89
CA LEU B 243 -34.66 25.78 1.63
C LEU B 243 -33.18 25.46 1.54
N TYR B 244 -32.83 24.19 1.71
CA TYR B 244 -31.41 23.83 1.62
C TYR B 244 -30.89 23.93 0.19
N GLN B 245 -31.70 23.56 -0.79
CA GLN B 245 -31.26 23.70 -2.17
C GLN B 245 -31.07 25.15 -2.55
N GLN B 246 -31.69 26.08 -1.82
CA GLN B 246 -31.42 27.49 -2.04
C GLN B 246 -30.05 27.90 -1.50
N LEU B 247 -29.61 27.29 -0.40
CA LEU B 247 -28.39 27.68 0.29
C LEU B 247 -27.18 26.84 -0.08
N GLU B 248 -27.32 25.91 -1.03
CA GLU B 248 -26.21 25.03 -1.38
C GLU B 248 -25.01 25.75 -1.96
N PRO B 249 -25.15 26.70 -2.90
CA PRO B 249 -23.94 27.33 -3.48
C PRO B 249 -23.06 28.05 -2.47
N LEU B 250 -23.64 28.67 -1.45
CA LEU B 250 -22.85 29.32 -0.42
C LEU B 250 -21.92 28.33 0.26
N TYR B 251 -22.49 27.22 0.72
CA TYR B 251 -21.68 26.20 1.38
C TYR B 251 -20.69 25.57 0.41
N LEU B 252 -21.05 25.45 -0.86
CA LEU B 252 -20.12 24.86 -1.84
C LEU B 252 -18.90 25.75 -2.01
N ASN B 253 -19.10 27.07 -2.14
CA ASN B 253 -17.97 27.98 -2.26
C ASN B 253 -17.12 27.99 -0.99
N LEU B 254 -17.77 28.04 0.17
CA LEU B 254 -17.01 28.03 1.42
C LEU B 254 -16.23 26.73 1.58
N HIS B 255 -16.84 25.61 1.23
CA HIS B 255 -16.17 24.32 1.31
C HIS B 255 -14.97 24.26 0.39
N ALA B 256 -15.10 24.76 -0.84
CA ALA B 256 -13.97 24.77 -1.75
C ALA B 256 -12.83 25.64 -1.23
N PHE B 257 -13.16 26.82 -0.71
CA PHE B 257 -12.14 27.72 -0.18
C PHE B 257 -11.39 27.08 0.99
N VAL B 258 -12.14 26.53 1.96
CA VAL B 258 -11.52 25.93 3.14
C VAL B 258 -10.72 24.69 2.74
N ARG B 259 -11.21 23.93 1.76
CA ARG B 259 -10.50 22.75 1.31
C ARG B 259 -9.18 23.13 0.65
N ARG B 260 -9.17 24.22 -0.12
CA ARG B 260 -7.91 24.70 -0.71
C ARG B 260 -6.93 25.13 0.37
N ALA B 261 -7.41 25.87 1.38
CA ALA B 261 -6.51 26.27 2.47
C ALA B 261 -5.96 25.06 3.21
N LEU B 262 -6.81 24.09 3.52
CA LEU B 262 -6.36 22.89 4.21
C LEU B 262 -5.42 22.07 3.33
N HIS B 263 -5.59 22.11 2.01
CA HIS B 263 -4.65 21.44 1.13
C HIS B 263 -3.28 22.10 1.18
N ARG B 264 -3.25 23.43 1.19
CA ARG B 264 -1.98 24.13 1.33
C ARG B 264 -1.33 23.82 2.68
N ARG B 265 -2.13 23.57 3.71
CA ARG B 265 -1.57 23.30 5.03
C ARG B 265 -1.06 21.86 5.14
N TYR B 266 -1.94 20.88 4.97
CA TYR B 266 -1.63 19.48 5.24
C TYR B 266 -1.09 18.73 4.04
N GLY B 267 -0.90 19.38 2.91
CA GLY B 267 -0.33 18.71 1.75
C GLY B 267 -1.36 18.03 0.88
N ASP B 268 -0.85 17.25 -0.07
CA ASP B 268 -1.67 16.58 -1.05
C ASP B 268 -1.87 15.09 -0.77
N ARG B 269 -1.12 14.53 0.17
CA ARG B 269 -1.29 13.11 0.48
C ARG B 269 -2.55 12.88 1.28
N TYR B 270 -2.88 13.79 2.20
CA TYR B 270 -4.01 13.62 3.10
C TYR B 270 -5.25 14.36 2.64
N ILE B 271 -5.14 15.24 1.66
CA ILE B 271 -6.26 16.07 1.22
C ILE B 271 -6.36 16.03 -0.30
N ASN B 272 -7.55 15.72 -0.80
CA ASN B 272 -7.82 15.68 -2.23
C ASN B 272 -8.52 16.97 -2.64
N LEU B 273 -8.05 17.59 -3.71
CA LEU B 273 -8.61 18.86 -4.16
C LEU B 273 -9.92 18.69 -4.91
N ARG B 274 -10.36 17.46 -5.16
CA ARG B 274 -11.67 17.20 -5.72
C ARG B 274 -12.52 16.26 -4.89
N GLY B 275 -11.99 15.72 -3.79
CA GLY B 275 -12.76 14.87 -2.93
C GLY B 275 -13.31 15.61 -1.73
N PRO B 276 -13.87 14.88 -0.78
CA PRO B 276 -14.32 15.50 0.47
C PRO B 276 -13.18 15.72 1.44
N ILE B 277 -13.37 16.67 2.34
CA ILE B 277 -12.41 16.95 3.40
C ILE B 277 -12.45 15.83 4.42
N PRO B 278 -11.33 15.43 5.01
CA PRO B 278 -11.40 14.53 6.17
C PRO B 278 -12.17 15.18 7.31
N ALA B 279 -12.87 14.37 8.09
CA ALA B 279 -13.89 14.86 9.01
C ALA B 279 -13.31 15.33 10.34
N HIS B 280 -11.98 15.45 10.41
CA HIS B 280 -11.33 15.83 11.66
C HIS B 280 -10.42 17.04 11.54
N LEU B 281 -10.09 17.49 10.33
CA LEU B 281 -9.10 18.54 10.13
C LEU B 281 -9.67 19.93 10.30
N LEU B 282 -10.95 20.07 10.57
CA LEU B 282 -11.63 21.36 10.53
C LEU B 282 -12.48 21.57 11.78
N GLY B 283 -12.11 22.57 12.57
CA GLY B 283 -12.98 23.05 13.63
C GLY B 283 -13.28 22.02 14.68
N ASP B 284 -14.57 21.77 14.88
CA ASP B 284 -15.08 20.91 15.94
C ASP B 284 -14.80 19.44 15.62
N MET B 285 -15.24 18.56 16.52
CA MET B 285 -15.09 17.13 16.28
C MET B 285 -16.13 16.62 15.28
N TRP B 286 -17.33 17.18 15.32
CA TRP B 286 -18.38 16.85 14.38
C TRP B 286 -18.39 17.76 13.16
N ALA B 287 -17.42 18.66 13.05
CA ALA B 287 -17.32 19.58 11.92
C ALA B 287 -18.56 20.44 11.75
N GLN B 288 -19.25 20.71 12.86
CA GLN B 288 -20.45 21.55 12.80
C GLN B 288 -20.11 23.01 12.61
N SER B 289 -19.05 23.48 13.28
CA SER B 289 -18.61 24.86 13.17
C SER B 289 -17.12 24.89 12.86
N TRP B 290 -16.72 25.80 11.97
CA TRP B 290 -15.34 25.86 11.50
C TRP B 290 -14.60 27.08 12.04
N GLU B 291 -15.05 27.61 13.18
CA GLU B 291 -14.44 28.84 13.70
C GLU B 291 -12.96 28.64 14.02
N ASN B 292 -12.60 27.49 14.59
CA ASN B 292 -11.21 27.24 14.96
C ASN B 292 -10.30 27.08 13.76
N ILE B 293 -10.85 26.97 12.55
CA ILE B 293 -10.04 26.94 11.34
C ILE B 293 -9.68 28.35 10.89
N TYR B 294 -10.39 29.37 11.39
CA TYR B 294 -10.22 30.73 10.90
C TYR B 294 -8.80 31.24 11.03
N ASP B 295 -8.00 30.66 11.92
CA ASP B 295 -6.62 31.11 12.09
C ASP B 295 -5.83 30.96 10.79
N MET B 296 -6.04 29.86 10.07
CA MET B 296 -5.25 29.55 8.89
C MET B 296 -5.98 29.88 7.59
N VAL B 297 -7.14 30.52 7.65
CA VAL B 297 -7.93 30.77 6.44
C VAL B 297 -8.35 32.24 6.39
N VAL B 298 -7.61 33.10 7.09
CA VAL B 298 -7.95 34.53 7.10
C VAL B 298 -7.83 35.06 5.68
N PRO B 299 -8.82 35.82 5.20
CA PRO B 299 -8.72 36.37 3.83
C PRO B 299 -7.60 37.38 3.69
N PHE B 300 -7.55 38.36 4.60
CA PHE B 300 -6.52 39.40 4.59
C PHE B 300 -5.83 39.41 5.94
N PRO B 301 -4.74 38.67 6.10
CA PRO B 301 -4.10 38.56 7.42
C PRO B 301 -3.28 39.78 7.82
N ASP B 302 -3.11 40.76 6.94
CA ASP B 302 -2.34 41.94 7.31
C ASP B 302 -3.03 42.73 8.41
N LYS B 303 -4.34 42.94 8.29
CA LYS B 303 -5.06 43.64 9.34
C LYS B 303 -5.21 42.76 10.57
N PRO B 304 -5.30 43.36 11.76
CA PRO B 304 -5.52 42.55 12.96
C PRO B 304 -6.99 42.21 13.12
N ASN B 305 -7.24 40.95 13.47
CA ASN B 305 -8.61 40.48 13.66
C ASN B 305 -9.24 41.15 14.88
N LEU B 306 -10.52 41.51 14.75
CA LEU B 306 -11.24 42.15 15.84
C LEU B 306 -11.75 41.08 16.81
N ASP B 307 -10.78 40.45 17.49
CA ASP B 307 -11.05 39.50 18.56
C ASP B 307 -10.03 39.80 19.65
N VAL B 308 -10.39 40.71 20.55
CA VAL B 308 -9.45 41.26 21.53
C VAL B 308 -10.09 41.19 22.91
N THR B 309 -9.33 40.68 23.89
CA THR B 309 -9.75 40.67 25.28
C THR B 309 -9.07 41.74 26.12
N SER B 310 -7.92 42.25 25.68
CA SER B 310 -7.20 43.25 26.47
C SER B 310 -7.95 44.57 26.54
N THR B 311 -8.71 44.91 25.51
CA THR B 311 -9.48 46.15 25.52
C THR B 311 -10.53 46.14 26.62
N MET B 312 -11.15 44.98 26.86
CA MET B 312 -12.12 44.87 27.94
C MET B 312 -11.47 45.06 29.30
N LEU B 313 -10.29 44.45 29.49
CA LEU B 313 -9.62 44.53 30.79
C LEU B 313 -9.06 45.92 31.05
N GLN B 314 -8.59 46.61 30.01
CA GLN B 314 -7.99 47.93 30.19
C GLN B 314 -9.01 48.92 30.71
N GLN B 315 -10.24 48.88 30.20
CA GLN B 315 -11.29 49.79 30.64
C GLN B 315 -11.87 49.43 32.00
N GLY B 316 -11.30 48.45 32.69
CA GLY B 316 -11.75 48.08 34.02
C GLY B 316 -13.15 47.49 34.07
N TRP B 317 -13.49 46.64 33.11
CA TRP B 317 -14.80 46.01 33.11
C TRP B 317 -14.92 45.01 34.26
N ASN B 318 -16.08 45.00 34.89
CA ASN B 318 -16.36 44.03 35.94
C ASN B 318 -16.57 42.65 35.34
N ALA B 319 -16.84 41.68 36.22
CA ALA B 319 -17.30 40.37 35.78
C ALA B 319 -18.81 40.28 35.67
N THR B 320 -19.54 41.32 36.12
CA THR B 320 -20.99 41.33 36.08
C THR B 320 -21.57 42.59 35.48
N HIS B 321 -20.77 43.64 35.26
CA HIS B 321 -21.30 44.87 34.67
C HIS B 321 -21.68 44.67 33.20
N MET B 322 -21.12 43.67 32.53
CA MET B 322 -21.52 43.39 31.16
C MET B 322 -22.99 42.99 31.09
N PHE B 323 -23.48 42.30 32.12
CA PHE B 323 -24.90 42.00 32.18
C PHE B 323 -25.72 43.28 32.30
N ARG B 324 -25.24 44.25 33.09
CA ARG B 324 -25.97 45.49 33.24
C ARG B 324 -26.00 46.30 31.95
N VAL B 325 -24.89 46.37 31.23
CA VAL B 325 -24.89 47.14 29.98
C VAL B 325 -25.72 46.42 28.92
N ALA B 326 -25.71 45.08 28.92
CA ALA B 326 -26.59 44.34 28.03
C ALA B 326 -28.06 44.60 28.39
N GLU B 327 -28.37 44.71 29.68
CA GLU B 327 -29.73 45.03 30.10
C GLU B 327 -30.13 46.42 29.66
N GLU B 328 -29.22 47.39 29.74
CA GLU B 328 -29.54 48.74 29.27
C GLU B 328 -29.69 48.77 27.75
N PHE B 329 -28.94 47.92 27.04
CA PHE B 329 -29.15 47.80 25.60
C PHE B 329 -30.53 47.22 25.31
N PHE B 330 -30.97 46.24 26.10
CA PHE B 330 -32.33 45.72 25.97
C PHE B 330 -33.36 46.82 26.22
N THR B 331 -33.16 47.60 27.29
CA THR B 331 -34.11 48.63 27.68
C THR B 331 -34.10 49.81 26.72
N SER B 332 -33.05 49.95 25.91
CA SER B 332 -32.99 51.06 24.97
C SER B 332 -34.15 51.02 23.99
N LEU B 333 -34.49 49.84 23.49
CA LEU B 333 -35.64 49.68 22.59
C LEU B 333 -36.92 49.36 23.36
N GLU B 334 -37.21 50.19 24.37
CA GLU B 334 -38.38 50.07 25.26
C GLU B 334 -38.70 48.62 25.58
N LEU B 335 -37.67 47.88 25.98
CA LEU B 335 -37.84 46.49 26.37
C LEU B 335 -37.26 46.26 27.76
N SER B 336 -37.14 45.00 28.15
CA SER B 336 -36.57 44.60 29.43
C SER B 336 -37.38 45.12 30.62
N PRO B 337 -38.62 44.66 30.81
CA PRO B 337 -39.30 44.90 32.10
C PRO B 337 -38.73 43.99 33.18
N MET B 338 -37.48 44.22 33.52
CA MET B 338 -36.69 43.21 34.23
C MET B 338 -37.06 43.19 35.70
N PRO B 339 -37.30 42.01 36.30
CA PRO B 339 -37.67 41.96 37.70
C PRO B 339 -36.48 42.28 38.59
N PRO B 340 -36.71 42.82 39.79
CA PRO B 340 -35.61 43.04 40.73
C PRO B 340 -35.09 41.75 41.36
N GLU B 341 -35.81 40.63 41.21
CA GLU B 341 -35.38 39.38 41.82
C GLU B 341 -34.09 38.86 41.19
N PHE B 342 -33.81 39.23 39.95
CA PHE B 342 -32.69 38.65 39.22
C PHE B 342 -31.37 38.83 39.98
N TRP B 343 -30.95 40.09 40.13
CA TRP B 343 -29.63 40.36 40.69
C TRP B 343 -29.52 39.88 42.13
N GLU B 344 -30.63 39.86 42.87
CA GLU B 344 -30.66 39.36 44.23
C GLU B 344 -31.07 37.90 44.33
N GLY B 345 -31.28 37.23 43.19
CA GLY B 345 -31.68 35.84 43.21
C GLY B 345 -31.03 35.01 42.11
N SER B 346 -30.09 35.59 41.38
CA SER B 346 -29.37 34.89 40.34
C SER B 346 -27.88 35.22 40.45
N MET B 347 -27.04 34.23 40.17
CA MET B 347 -25.60 34.40 40.15
C MET B 347 -25.10 34.25 38.71
N LEU B 348 -24.20 35.15 38.31
CA LEU B 348 -23.56 35.12 37.00
C LEU B 348 -22.06 35.27 37.24
N GLU B 349 -21.41 34.13 37.55
CA GLU B 349 -20.01 34.14 37.95
C GLU B 349 -19.54 32.70 38.14
N LYS B 350 -18.24 32.45 37.98
CA LYS B 350 -17.69 31.13 38.22
C LYS B 350 -17.83 30.78 39.71
N PRO B 351 -17.96 29.48 40.03
CA PRO B 351 -18.16 29.10 41.43
C PRO B 351 -16.99 29.48 42.33
N ALA B 352 -17.21 30.42 43.24
CA ALA B 352 -16.17 30.82 44.17
C ALA B 352 -15.95 29.77 45.25
N ASP B 353 -17.03 29.19 45.77
CA ASP B 353 -16.96 28.16 46.79
C ASP B 353 -17.99 27.09 46.49
N GLY B 354 -17.69 25.85 46.89
CA GLY B 354 -18.56 24.73 46.61
C GLY B 354 -18.27 24.09 45.27
N ARG B 355 -18.62 22.82 45.12
CA ARG B 355 -18.41 22.10 43.86
C ARG B 355 -19.72 22.05 43.07
N GLU B 356 -20.12 23.22 42.56
CA GLU B 356 -21.26 23.30 41.68
C GLU B 356 -20.82 23.02 40.24
N VAL B 357 -21.69 23.31 39.28
CA VAL B 357 -21.36 23.11 37.87
C VAL B 357 -20.19 24.01 37.48
N VAL B 358 -19.32 23.49 36.63
CA VAL B 358 -18.15 24.26 36.21
C VAL B 358 -18.55 25.37 35.24
N CYS B 359 -19.15 24.99 34.11
CA CYS B 359 -19.56 25.96 33.11
C CYS B 359 -20.58 25.29 32.18
N HIS B 360 -21.52 26.10 31.69
CA HIS B 360 -22.49 25.67 30.70
C HIS B 360 -23.09 26.90 30.04
N ALA B 361 -24.10 26.69 29.19
CA ALA B 361 -24.74 27.75 28.42
C ALA B 361 -26.25 27.63 28.50
N SER B 362 -26.77 27.43 29.71
CA SER B 362 -28.20 27.33 29.94
C SER B 362 -28.67 28.42 30.88
N ALA B 363 -29.97 28.70 30.83
CA ALA B 363 -30.61 29.68 31.70
C ALA B 363 -31.84 29.04 32.33
N TRP B 364 -31.64 28.36 33.45
CA TRP B 364 -32.75 27.74 34.16
C TRP B 364 -33.59 28.81 34.85
N ASP B 365 -34.91 28.72 34.69
CA ASP B 365 -35.82 29.70 35.26
C ASP B 365 -36.50 29.14 36.50
N PHE B 366 -36.63 29.99 37.53
CA PHE B 366 -37.36 29.60 38.72
C PHE B 366 -38.84 29.41 38.45
N TYR B 367 -39.35 29.96 37.34
CA TYR B 367 -40.76 29.91 36.97
C TYR B 367 -41.58 30.59 38.06
N ASN B 368 -42.60 29.95 38.63
CA ASN B 368 -43.49 30.53 39.64
C ASN B 368 -44.22 31.76 39.14
N ARG B 369 -44.15 32.05 37.83
CA ARG B 369 -44.82 33.19 37.22
C ARG B 369 -44.32 34.53 37.77
N LYS B 370 -43.27 34.50 38.60
CA LYS B 370 -42.77 35.74 39.18
C LYS B 370 -41.25 35.87 39.21
N ASP B 371 -40.48 34.80 39.00
CA ASP B 371 -39.03 34.88 39.16
C ASP B 371 -38.33 33.94 38.20
N PHE B 372 -37.20 34.39 37.67
CA PHE B 372 -36.39 33.63 36.72
C PHE B 372 -34.93 33.71 37.13
N ARG B 373 -34.08 33.01 36.39
CA ARG B 373 -32.68 32.88 36.80
C ARG B 373 -31.82 32.52 35.61
N ILE B 374 -30.51 32.73 35.77
CA ILE B 374 -29.49 32.23 34.84
C ILE B 374 -28.38 31.57 35.67
N LYS B 375 -27.90 30.43 35.18
CA LYS B 375 -26.71 29.79 35.72
C LYS B 375 -25.68 29.76 34.60
N GLN B 376 -24.71 30.67 34.64
CA GLN B 376 -23.73 30.80 33.58
C GLN B 376 -22.48 31.46 34.13
N CYS B 377 -21.33 31.03 33.63
CA CYS B 377 -20.05 31.62 34.03
C CYS B 377 -19.89 32.99 33.41
N THR B 378 -18.79 33.65 33.76
CA THR B 378 -18.45 34.96 33.22
C THR B 378 -16.97 35.00 32.87
N ARG B 379 -16.64 35.69 31.78
CA ARG B 379 -15.27 35.87 31.35
C ARG B 379 -15.12 37.29 30.84
N VAL B 380 -14.00 37.57 30.16
CA VAL B 380 -13.74 38.87 29.58
C VAL B 380 -13.66 38.83 28.06
N THR B 381 -13.99 37.69 27.45
CA THR B 381 -13.93 37.57 26.00
C THR B 381 -15.19 38.14 25.35
N MET B 382 -15.09 38.45 24.06
CA MET B 382 -16.26 38.89 23.31
C MET B 382 -17.24 37.75 23.10
N ASP B 383 -16.75 36.51 22.98
CA ASP B 383 -17.65 35.37 22.86
C ASP B 383 -18.53 35.23 24.10
N GLN B 384 -17.96 35.48 25.27
CA GLN B 384 -18.75 35.48 26.49
C GLN B 384 -19.81 36.56 26.45
N LEU B 385 -19.49 37.75 25.93
CA LEU B 385 -20.47 38.81 25.81
C LEU B 385 -21.61 38.42 24.88
N SER B 386 -21.27 37.81 23.74
CA SER B 386 -22.30 37.37 22.80
C SER B 386 -23.19 36.30 23.43
N THR B 387 -22.59 35.35 24.15
CA THR B 387 -23.39 34.33 24.80
C THR B 387 -24.26 34.93 25.90
N VAL B 388 -23.77 35.98 26.57
CA VAL B 388 -24.57 36.67 27.57
C VAL B 388 -25.79 37.31 26.92
N HIS B 389 -25.59 37.96 25.77
CA HIS B 389 -26.72 38.55 25.07
C HIS B 389 -27.70 37.48 24.61
N HIS B 390 -27.19 36.34 24.16
CA HIS B 390 -28.05 35.24 23.75
C HIS B 390 -28.89 34.74 24.93
N GLU B 391 -28.26 34.55 26.09
CA GLU B 391 -28.98 34.05 27.25
C GLU B 391 -30.00 35.06 27.75
N MET B 392 -29.68 36.35 27.69
CA MET B 392 -30.67 37.32 28.12
C MET B 392 -31.79 37.48 27.10
N GLY B 393 -31.53 37.20 25.82
CA GLY B 393 -32.63 37.06 24.88
C GLY B 393 -33.54 35.91 25.23
N HIS B 394 -32.95 34.78 25.64
CA HIS B 394 -33.74 33.66 26.13
C HIS B 394 -34.59 34.05 27.34
N ILE B 395 -33.99 34.79 28.28
CA ILE B 395 -34.73 35.25 29.45
C ILE B 395 -35.86 36.18 29.04
N GLN B 396 -35.60 37.09 28.09
CA GLN B 396 -36.64 37.98 27.61
C GLN B 396 -37.79 37.20 27.00
N TYR B 397 -37.49 36.15 26.23
CA TYR B 397 -38.55 35.29 25.74
C TYR B 397 -39.33 34.68 26.90
N TYR B 398 -38.62 34.21 27.93
CA TYR B 398 -39.29 33.67 29.11
C TYR B 398 -40.21 34.70 29.76
N LEU B 399 -39.85 35.99 29.69
CA LEU B 399 -40.64 37.02 30.36
C LEU B 399 -41.95 37.31 29.62
N GLN B 400 -41.91 37.34 28.29
CA GLN B 400 -43.03 37.91 27.54
C GLN B 400 -44.26 37.02 27.48
N TYR B 401 -44.16 35.75 27.85
CA TYR B 401 -45.31 34.85 27.85
C TYR B 401 -45.66 34.37 29.26
N LYS B 402 -45.39 35.19 30.28
CA LYS B 402 -45.76 34.82 31.64
C LYS B 402 -47.26 34.67 31.79
N ASP B 403 -48.03 35.53 31.10
CA ASP B 403 -49.47 35.52 31.24
C ASP B 403 -50.13 34.28 30.64
N LEU B 404 -49.42 33.58 29.76
CA LEU B 404 -49.99 32.42 29.08
C LEU B 404 -50.03 31.21 30.01
N PRO B 405 -50.90 30.22 29.70
CA PRO B 405 -50.98 29.02 30.54
C PRO B 405 -49.71 28.20 30.54
N VAL B 406 -49.68 27.12 31.33
CA VAL B 406 -48.46 26.36 31.52
C VAL B 406 -48.03 25.68 30.22
N SER B 407 -48.97 25.03 29.53
CA SER B 407 -48.61 24.33 28.32
C SER B 407 -48.26 25.29 27.19
N LEU B 408 -48.84 26.49 27.20
CA LEU B 408 -48.52 27.51 26.20
C LEU B 408 -47.37 28.40 26.68
N ARG B 409 -46.28 27.77 27.09
CA ARG B 409 -45.07 28.48 27.48
C ARG B 409 -44.00 28.47 26.40
N ARG B 410 -43.79 27.32 25.74
CA ARG B 410 -42.81 27.26 24.66
C ARG B 410 -43.21 28.22 23.54
N GLY B 411 -42.22 28.92 22.99
CA GLY B 411 -42.50 29.98 22.04
C GLY B 411 -42.61 29.53 20.60
N ALA B 412 -43.85 29.35 20.13
CA ALA B 412 -44.14 29.02 18.74
C ALA B 412 -43.34 27.82 18.26
N ASN B 413 -42.58 28.00 17.19
CA ASN B 413 -41.71 26.95 16.70
C ASN B 413 -40.62 26.65 17.72
N PRO B 414 -40.19 25.39 17.81
CA PRO B 414 -39.09 25.06 18.73
C PRO B 414 -37.79 25.79 18.40
N GLY B 415 -37.62 26.29 17.18
CA GLY B 415 -36.46 27.08 16.83
C GLY B 415 -36.56 28.55 17.12
N PHE B 416 -37.75 29.03 17.51
CA PHE B 416 -37.93 30.46 17.78
C PHE B 416 -37.08 30.91 18.96
N HIS B 417 -36.89 30.04 19.96
CA HIS B 417 -36.07 30.40 21.10
C HIS B 417 -34.65 30.76 20.66
N GLU B 418 -34.01 29.87 19.90
CA GLU B 418 -32.65 30.15 19.43
C GLU B 418 -32.63 31.31 18.45
N ALA B 419 -33.68 31.45 17.63
CA ALA B 419 -33.71 32.57 16.68
C ALA B 419 -33.71 33.91 17.43
N ILE B 420 -34.55 34.03 18.45
CA ILE B 420 -34.62 35.26 19.22
C ILE B 420 -33.34 35.48 20.02
N GLY B 421 -32.75 34.39 20.53
CA GLY B 421 -31.51 34.53 21.26
C GLY B 421 -30.33 34.92 20.39
N ASP B 422 -30.39 34.56 19.11
CA ASP B 422 -29.25 34.77 18.21
C ASP B 422 -29.35 36.01 17.36
N VAL B 423 -30.55 36.53 17.12
CA VAL B 423 -30.65 37.79 16.37
C VAL B 423 -30.00 38.92 17.15
N LEU B 424 -30.21 38.95 18.47
CA LEU B 424 -29.57 39.96 19.31
C LEU B 424 -28.06 39.77 19.35
N ALA B 425 -27.60 38.53 19.40
CA ALA B 425 -26.16 38.27 19.35
C ALA B 425 -25.56 38.76 18.05
N LEU B 426 -26.27 38.55 16.94
CA LEU B 426 -25.84 39.11 15.65
C LEU B 426 -25.74 40.62 15.74
N SER B 427 -26.79 41.27 16.28
CA SER B 427 -26.81 42.73 16.36
C SER B 427 -25.81 43.29 17.36
N VAL B 428 -25.22 42.46 18.21
CA VAL B 428 -24.31 42.92 19.24
C VAL B 428 -22.85 42.79 18.83
N SER B 429 -22.47 41.67 18.23
CA SER B 429 -21.06 41.42 17.93
C SER B 429 -20.52 42.28 16.78
N THR B 430 -21.37 43.05 16.11
CA THR B 430 -20.91 43.88 15.01
C THR B 430 -19.97 44.96 15.54
N PRO B 431 -18.90 45.29 14.80
CA PRO B 431 -17.92 46.27 15.32
C PRO B 431 -18.51 47.65 15.59
N GLU B 432 -19.46 48.09 14.78
CA GLU B 432 -19.97 49.45 14.93
C GLU B 432 -20.78 49.61 16.21
N HIS B 433 -21.53 48.58 16.61
CA HIS B 433 -22.18 48.62 17.92
C HIS B 433 -21.16 48.73 19.04
N LEU B 434 -20.05 48.00 18.94
CA LEU B 434 -19.00 48.09 19.95
C LEU B 434 -18.41 49.49 19.98
N HIS B 435 -18.21 50.11 18.82
CA HIS B 435 -17.67 51.46 18.78
C HIS B 435 -18.62 52.45 19.42
N LYS B 436 -19.91 52.36 19.10
CA LYS B 436 -20.87 53.33 19.63
C LYS B 436 -21.27 53.04 21.07
N ILE B 437 -20.96 51.86 21.59
CA ILE B 437 -21.22 51.57 23.00
C ILE B 437 -20.02 51.94 23.88
N GLY B 438 -18.89 52.32 23.28
CA GLY B 438 -17.72 52.71 24.03
C GLY B 438 -16.64 51.64 24.13
N LEU B 439 -16.83 50.48 23.49
CA LEU B 439 -15.85 49.41 23.56
C LEU B 439 -14.82 49.47 22.45
N LEU B 440 -14.96 50.37 21.47
CA LEU B 440 -14.00 50.52 20.40
C LEU B 440 -13.79 52.00 20.11
N ASP B 441 -12.58 52.33 19.64
CA ASP B 441 -12.26 53.73 19.38
C ASP B 441 -13.07 54.27 18.22
N ARG B 442 -13.07 53.57 17.08
CA ARG B 442 -13.77 54.01 15.90
C ARG B 442 -13.95 52.84 14.95
N VAL B 443 -14.87 53.00 14.00
CA VAL B 443 -15.18 51.96 13.04
C VAL B 443 -14.14 51.94 11.94
N THR B 444 -13.72 50.74 11.54
CA THR B 444 -12.81 50.56 10.41
C THR B 444 -13.67 50.29 9.17
N ASN B 445 -14.11 51.38 8.55
CA ASN B 445 -15.02 51.31 7.40
C ASN B 445 -14.24 50.93 6.14
N ASP B 446 -13.67 49.73 6.19
CA ASP B 446 -12.82 49.22 5.13
C ASP B 446 -13.37 47.89 4.62
N THR B 447 -13.14 47.62 3.33
CA THR B 447 -13.65 46.40 2.71
C THR B 447 -13.00 45.16 3.31
N GLU B 448 -11.70 45.21 3.56
CA GLU B 448 -10.99 44.03 4.03
C GLU B 448 -11.47 43.60 5.41
N SER B 449 -11.70 44.56 6.31
CA SER B 449 -12.22 44.23 7.63
C SER B 449 -13.61 43.62 7.53
N ASP B 450 -14.45 44.16 6.65
CA ASP B 450 -15.78 43.59 6.45
C ASP B 450 -15.70 42.16 5.95
N ILE B 451 -14.80 41.90 5.00
CA ILE B 451 -14.66 40.54 4.47
C ILE B 451 -14.17 39.60 5.56
N ASN B 452 -13.21 40.04 6.37
CA ASN B 452 -12.70 39.19 7.45
C ASN B 452 -13.81 38.86 8.44
N TYR B 453 -14.59 39.88 8.84
CA TYR B 453 -15.66 39.66 9.81
C TYR B 453 -16.73 38.72 9.24
N LEU B 454 -17.10 38.92 7.98
CA LEU B 454 -18.16 38.09 7.40
C LEU B 454 -17.68 36.67 7.12
N LEU B 455 -16.38 36.49 6.86
CA LEU B 455 -15.88 35.13 6.70
C LEU B 455 -15.77 34.43 8.04
N LYS B 456 -15.45 35.16 9.10
CA LYS B 456 -15.47 34.58 10.44
C LYS B 456 -16.89 34.18 10.82
N MET B 457 -17.87 35.02 10.49
CA MET B 457 -19.25 34.69 10.81
C MET B 457 -19.78 33.55 9.94
N ALA B 458 -19.36 33.49 8.69
CA ALA B 458 -19.78 32.44 7.78
C ALA B 458 -19.12 31.10 8.07
N LEU B 459 -18.12 31.07 8.95
CA LEU B 459 -17.49 29.82 9.32
C LEU B 459 -18.27 29.08 10.41
N GLU B 460 -19.34 29.67 10.93
CA GLU B 460 -20.16 29.02 11.95
C GLU B 460 -21.64 29.04 11.57
N LYS B 461 -22.06 30.09 10.85
CA LYS B 461 -23.45 30.21 10.45
C LYS B 461 -23.75 29.59 9.09
N ILE B 462 -22.73 29.19 8.35
CA ILE B 462 -22.91 28.52 7.07
C ILE B 462 -22.41 27.08 7.11
N ALA B 463 -21.30 26.83 7.80
CA ALA B 463 -20.79 25.48 7.95
C ALA B 463 -21.71 24.60 8.77
N PHE B 464 -22.64 25.18 9.53
CA PHE B 464 -23.58 24.40 10.32
C PHE B 464 -24.84 24.03 9.54
N LEU B 465 -25.11 24.69 8.41
CA LEU B 465 -26.35 24.42 7.68
C LEU B 465 -26.47 22.98 7.22
N PRO B 466 -25.44 22.33 6.65
CA PRO B 466 -25.59 20.90 6.35
C PRO B 466 -25.88 20.06 7.58
N PHE B 467 -25.28 20.40 8.72
CA PHE B 467 -25.62 19.76 9.98
C PHE B 467 -27.00 20.22 10.42
N GLY B 468 -27.56 19.52 11.40
CA GLY B 468 -28.93 19.77 11.78
C GLY B 468 -29.87 19.12 10.80
N TYR B 469 -29.87 19.62 9.57
CA TYR B 469 -30.55 18.95 8.47
C TYR B 469 -30.12 17.50 8.37
N LEU B 470 -28.80 17.28 8.31
CA LEU B 470 -28.24 15.94 8.26
C LEU B 470 -28.69 15.09 9.45
N VAL B 471 -28.55 15.64 10.65
CA VAL B 471 -28.77 14.86 11.87
C VAL B 471 -30.23 14.41 11.95
N ASP B 472 -31.16 15.34 11.78
CA ASP B 472 -32.55 14.96 11.91
C ASP B 472 -33.05 14.16 10.72
N GLN B 473 -32.43 14.31 9.54
CA GLN B 473 -32.76 13.42 8.44
C GLN B 473 -32.38 11.98 8.78
N TRP B 474 -31.19 11.79 9.34
CA TRP B 474 -30.78 10.44 9.74
C TRP B 474 -31.72 9.90 10.81
N ARG B 475 -32.10 10.73 11.79
CA ARG B 475 -32.94 10.23 12.86
C ARG B 475 -34.36 9.92 12.38
N TRP B 476 -34.89 10.74 11.47
CA TRP B 476 -36.19 10.41 10.87
C TRP B 476 -36.13 9.11 10.10
N GLY B 477 -35.04 8.89 9.36
CA GLY B 477 -34.89 7.62 8.67
C GLY B 477 -34.82 6.45 9.61
N VAL B 478 -34.12 6.61 10.74
CA VAL B 478 -34.02 5.53 11.72
C VAL B 478 -35.39 5.23 12.32
N PHE B 479 -36.13 6.27 12.68
CA PHE B 479 -37.45 6.05 13.28
C PHE B 479 -38.43 5.43 12.29
N SER B 480 -38.35 5.82 11.02
CA SER B 480 -39.27 5.31 10.02
C SER B 480 -39.08 3.83 9.71
N GLY B 481 -37.96 3.24 10.11
CA GLY B 481 -37.62 1.90 9.70
C GLY B 481 -36.87 1.80 8.40
N ARG B 482 -36.69 2.92 7.69
CA ARG B 482 -35.87 2.92 6.48
C ARG B 482 -34.41 2.62 6.80
N THR B 483 -33.99 2.85 8.04
CA THR B 483 -32.62 2.55 8.47
C THR B 483 -32.66 1.51 9.57
N PRO B 484 -32.49 0.24 9.24
CA PRO B 484 -32.48 -0.81 10.27
C PRO B 484 -31.18 -0.74 11.06
N PRO B 485 -31.08 -1.47 12.17
CA PRO B 485 -29.83 -1.44 12.96
C PRO B 485 -28.61 -1.91 12.19
N SER B 486 -28.79 -2.55 11.04
CA SER B 486 -27.69 -2.97 10.20
C SER B 486 -27.25 -1.90 9.20
N ARG B 487 -27.87 -0.71 9.25
CA ARG B 487 -27.56 0.36 8.32
C ARG B 487 -27.43 1.71 9.02
N TYR B 488 -27.11 1.72 10.31
CA TYR B 488 -26.96 2.98 11.03
C TYR B 488 -25.78 3.77 10.49
N ASN B 489 -24.58 3.19 10.55
CA ASN B 489 -23.38 3.89 10.09
C ASN B 489 -23.43 4.16 8.60
N PHE B 490 -23.97 3.21 7.83
CA PHE B 490 -24.02 3.37 6.38
C PHE B 490 -24.80 4.62 5.99
N ASP B 491 -26.02 4.74 6.51
CA ASP B 491 -26.85 5.90 6.17
C ASP B 491 -26.28 7.16 6.80
N TRP B 492 -25.71 7.07 8.01
CA TRP B 492 -25.13 8.24 8.63
C TRP B 492 -24.02 8.83 7.77
N TRP B 493 -23.09 7.99 7.32
CA TRP B 493 -21.98 8.51 6.54
C TRP B 493 -22.38 8.86 5.11
N TYR B 494 -23.39 8.18 4.56
CA TYR B 494 -23.93 8.63 3.28
C TYR B 494 -24.47 10.05 3.39
N LEU B 495 -25.21 10.34 4.45
CA LEU B 495 -25.74 11.69 4.64
C LEU B 495 -24.62 12.68 4.94
N ARG B 496 -23.59 12.25 5.67
CA ARG B 496 -22.50 13.14 5.99
C ARG B 496 -21.71 13.55 4.75
N THR B 497 -21.44 12.60 3.86
CA THR B 497 -20.74 12.92 2.62
C THR B 497 -21.64 13.64 1.63
N LYS B 498 -22.93 13.32 1.60
CA LYS B 498 -23.83 13.89 0.61
C LYS B 498 -24.09 15.36 0.87
N TYR B 499 -24.26 15.75 2.13
CA TYR B 499 -24.60 17.12 2.49
C TYR B 499 -23.38 17.91 2.95
N GLN B 500 -22.68 17.42 3.96
CA GLN B 500 -21.56 18.16 4.52
C GLN B 500 -20.35 18.06 3.62
N GLY B 501 -20.15 16.94 2.96
CA GLY B 501 -19.02 16.77 2.07
C GLY B 501 -17.73 16.46 2.78
N ILE B 502 -17.79 15.57 3.77
CA ILE B 502 -16.62 15.16 4.54
C ILE B 502 -16.56 13.64 4.56
N CYS B 503 -15.38 13.10 4.54
CA CYS B 503 -15.19 11.67 4.57
C CYS B 503 -14.54 11.24 5.89
N PRO B 504 -14.78 10.03 6.36
CA PRO B 504 -14.17 9.58 7.61
C PRO B 504 -12.67 9.44 7.46
N PRO B 505 -11.90 9.93 8.42
CA PRO B 505 -10.44 9.76 8.35
C PRO B 505 -10.00 8.31 8.35
N VAL B 506 -10.73 7.45 9.05
CA VAL B 506 -10.41 6.02 9.11
C VAL B 506 -11.53 5.23 8.45
N THR B 507 -11.36 3.91 8.37
CA THR B 507 -12.35 3.05 7.76
C THR B 507 -13.40 2.69 8.79
N ARG B 508 -14.67 2.98 8.48
CA ARG B 508 -15.78 2.65 9.36
C ARG B 508 -16.59 1.51 8.79
N ASN B 509 -17.38 0.90 9.66
CA ASN B 509 -18.13 -0.31 9.36
C ASN B 509 -19.19 -0.52 10.43
N GLU B 510 -20.04 -1.52 10.24
CA GLU B 510 -21.28 -1.63 11.01
C GLU B 510 -21.03 -1.87 12.50
N THR B 511 -19.80 -2.20 12.90
CA THR B 511 -19.49 -2.30 14.32
C THR B 511 -19.70 -0.95 15.01
N HIS B 512 -19.32 0.13 14.34
CA HIS B 512 -19.35 1.46 14.94
C HIS B 512 -20.76 2.05 14.91
N PHE B 513 -20.97 3.03 15.79
CA PHE B 513 -22.19 3.85 15.82
C PHE B 513 -21.71 5.29 15.90
N ASP B 514 -21.43 5.89 14.73
CA ASP B 514 -20.84 7.23 14.73
C ASP B 514 -21.88 8.30 15.03
N ALA B 515 -23.15 8.04 14.75
CA ALA B 515 -24.19 8.98 15.10
C ALA B 515 -24.35 9.12 16.60
N GLY B 516 -23.84 8.15 17.37
CA GLY B 516 -23.94 8.18 18.82
C GLY B 516 -22.90 9.02 19.51
N ALA B 517 -21.87 9.46 18.79
CA ALA B 517 -20.90 10.37 19.38
C ALA B 517 -21.44 11.79 19.49
N LYS B 518 -22.43 12.14 18.67
CA LYS B 518 -23.11 13.41 18.82
C LYS B 518 -23.92 13.42 20.11
N PHE B 519 -23.96 14.56 20.78
CA PHE B 519 -24.60 14.63 22.09
C PHE B 519 -26.10 14.40 22.00
N HIS B 520 -26.74 14.92 20.96
CA HIS B 520 -28.20 14.97 20.92
C HIS B 520 -28.84 13.66 20.52
N VAL B 521 -28.06 12.66 20.09
CA VAL B 521 -28.64 11.37 19.72
C VAL B 521 -28.92 10.55 20.97
N PRO B 522 -27.94 10.30 21.88
CA PRO B 522 -28.29 9.61 23.12
C PRO B 522 -29.20 10.43 24.02
N ASN B 523 -28.80 11.64 24.36
CA ASN B 523 -29.70 12.56 25.06
C ASN B 523 -30.72 13.05 24.05
N VAL B 524 -31.90 12.44 24.07
CA VAL B 524 -32.81 12.54 22.93
C VAL B 524 -33.43 13.92 22.85
N THR B 525 -32.86 14.77 21.99
CA THR B 525 -33.36 16.12 21.75
C THR B 525 -33.40 16.30 20.24
N PRO B 526 -34.51 16.76 19.68
CA PRO B 526 -34.56 17.03 18.25
C PRO B 526 -33.56 18.10 17.84
N TYR B 527 -33.01 17.95 16.63
CA TYR B 527 -31.93 18.80 16.16
C TYR B 527 -32.29 19.68 14.98
N ILE B 528 -33.48 19.53 14.40
CA ILE B 528 -33.88 20.39 13.29
C ILE B 528 -34.23 21.78 13.78
N ARG B 529 -34.43 21.95 15.09
CA ARG B 529 -34.69 23.27 15.64
C ARG B 529 -33.53 24.21 15.38
N TYR B 530 -32.30 23.70 15.43
CA TYR B 530 -31.14 24.54 15.22
C TYR B 530 -31.04 25.00 13.77
N PHE B 531 -31.32 24.10 12.81
CA PHE B 531 -31.34 24.52 11.42
C PHE B 531 -32.43 25.55 11.16
N VAL B 532 -33.63 25.31 11.71
CA VAL B 532 -34.72 26.27 11.53
C VAL B 532 -34.36 27.61 12.13
N SER B 533 -33.76 27.61 13.31
CA SER B 533 -33.38 28.87 13.97
C SER B 533 -32.27 29.59 13.20
N PHE B 534 -31.31 28.85 12.66
CA PHE B 534 -30.25 29.48 11.89
C PHE B 534 -30.80 30.14 10.64
N VAL B 535 -31.78 29.49 9.99
CA VAL B 535 -32.41 30.12 8.83
C VAL B 535 -33.25 31.32 9.27
N LEU B 536 -33.91 31.21 10.42
CA LEU B 536 -34.89 32.21 10.86
C LEU B 536 -34.25 33.47 11.42
N GLN B 537 -33.06 33.37 12.03
CA GLN B 537 -32.49 34.53 12.70
C GLN B 537 -32.11 35.62 11.71
N PHE B 538 -31.67 35.24 10.51
CA PHE B 538 -31.37 36.25 9.50
C PHE B 538 -32.64 36.87 8.93
N GLN B 539 -33.72 36.09 8.84
CA GLN B 539 -35.01 36.66 8.47
C GLN B 539 -35.46 37.69 9.50
N PHE B 540 -35.31 37.38 10.78
CA PHE B 540 -35.67 38.32 11.83
C PHE B 540 -34.79 39.57 11.78
N HIS B 541 -33.49 39.38 11.56
CA HIS B 541 -32.57 40.51 11.46
C HIS B 541 -32.97 41.41 10.30
N GLU B 542 -33.27 40.83 9.14
CA GLU B 542 -33.67 41.62 7.98
C GLU B 542 -34.99 42.36 8.26
N ALA B 543 -35.94 41.68 8.90
CA ALA B 543 -37.21 42.34 9.20
C ALA B 543 -37.03 43.51 10.14
N LEU B 544 -36.25 43.34 11.20
CA LEU B 544 -36.00 44.43 12.13
C LEU B 544 -35.24 45.56 11.46
N CYS B 545 -34.26 45.24 10.61
CA CYS B 545 -33.47 46.27 9.95
C CYS B 545 -34.32 47.08 8.98
N LYS B 546 -35.12 46.41 8.15
CA LYS B 546 -36.04 47.12 7.27
C LYS B 546 -37.04 47.92 8.07
N GLU B 547 -37.43 47.44 9.25
CA GLU B 547 -38.32 48.18 10.12
C GLU B 547 -37.58 49.16 11.03
N ALA B 548 -36.26 49.18 11.00
CA ALA B 548 -35.45 50.15 11.72
C ALA B 548 -35.07 51.36 10.88
N GLY B 549 -35.48 51.41 9.61
CA GLY B 549 -35.21 52.55 8.78
C GLY B 549 -33.80 52.68 8.24
N TYR B 550 -33.02 51.60 8.25
CA TYR B 550 -31.66 51.61 7.72
C TYR B 550 -31.57 50.57 6.61
N GLU B 551 -31.73 51.01 5.37
CA GLU B 551 -31.68 50.12 4.21
C GLU B 551 -30.29 50.17 3.58
N GLY B 552 -29.33 49.62 4.31
CA GLY B 552 -27.96 49.51 3.84
C GLY B 552 -27.44 48.09 3.96
N PRO B 553 -26.12 47.95 4.07
CA PRO B 553 -25.55 46.62 4.31
C PRO B 553 -26.07 46.04 5.63
N LEU B 554 -26.33 44.74 5.62
CA LEU B 554 -26.98 44.09 6.75
C LEU B 554 -26.04 43.76 7.89
N HIS B 555 -24.72 43.85 7.68
CA HIS B 555 -23.78 43.49 8.74
C HIS B 555 -23.80 44.53 9.86
N GLN B 556 -23.45 45.77 9.54
CA GLN B 556 -23.46 46.86 10.52
C GLN B 556 -24.86 47.46 10.59
N CYS B 557 -25.79 46.64 11.08
CA CYS B 557 -27.21 46.95 11.09
C CYS B 557 -27.83 46.64 12.44
N ASP B 558 -27.21 47.11 13.52
CA ASP B 558 -27.74 46.80 14.85
C ASP B 558 -29.07 47.49 15.06
N ILE B 559 -29.83 46.97 16.02
CA ILE B 559 -31.15 47.49 16.35
C ILE B 559 -31.11 48.38 17.59
N TYR B 560 -29.93 48.90 17.94
CA TYR B 560 -29.81 49.78 19.09
C TYR B 560 -30.59 51.08 18.84
N ARG B 561 -31.29 51.53 19.86
CA ARG B 561 -32.09 52.76 19.80
C ARG B 561 -33.11 52.70 18.67
N SER B 562 -33.68 51.51 18.45
CA SER B 562 -34.71 51.29 17.44
C SER B 562 -36.01 50.98 18.18
N THR B 563 -36.84 52.01 18.35
CA THR B 563 -38.09 51.84 19.10
C THR B 563 -39.04 50.90 18.38
N LYS B 564 -39.20 51.08 17.07
CA LYS B 564 -40.15 50.27 16.31
C LYS B 564 -39.70 48.81 16.25
N ALA B 565 -38.40 48.57 16.12
CA ALA B 565 -37.88 47.21 16.12
C ALA B 565 -38.16 46.52 17.45
N GLY B 566 -37.95 47.23 18.56
CA GLY B 566 -38.28 46.67 19.86
C GLY B 566 -39.75 46.40 20.01
N ALA B 567 -40.59 47.29 19.47
CA ALA B 567 -42.03 47.07 19.52
C ALA B 567 -42.43 45.81 18.76
N LYS B 568 -41.87 45.62 17.56
CA LYS B 568 -42.18 44.42 16.78
C LYS B 568 -41.67 43.17 17.49
N LEU B 569 -40.47 43.24 18.07
CA LEU B 569 -39.92 42.11 18.79
C LEU B 569 -40.81 41.74 19.97
N ARG B 570 -41.26 42.73 20.73
CA ARG B 570 -42.17 42.46 21.84
C ARG B 570 -43.49 41.87 21.36
N LYS B 571 -44.03 42.41 20.26
CA LYS B 571 -45.31 41.93 19.75
C LYS B 571 -45.21 40.46 19.34
N VAL B 572 -44.10 40.07 18.72
CA VAL B 572 -43.90 38.66 18.40
C VAL B 572 -43.72 37.84 19.68
N LEU B 573 -42.93 38.37 20.63
CA LEU B 573 -42.62 37.62 21.85
C LEU B 573 -43.84 37.40 22.74
N GLN B 574 -44.88 38.23 22.59
CA GLN B 574 -46.02 38.15 23.51
C GLN B 574 -46.73 36.80 23.40
N ALA B 575 -46.90 36.29 22.18
CA ALA B 575 -47.68 35.08 21.95
C ALA B 575 -46.72 33.89 21.77
N GLY B 576 -46.68 33.01 22.77
CA GLY B 576 -45.90 31.81 22.69
C GLY B 576 -46.75 30.57 22.50
N SER B 577 -46.76 30.03 21.28
CA SER B 577 -47.52 28.84 20.91
C SER B 577 -49.02 29.04 21.04
N SER B 578 -49.46 30.26 21.37
CA SER B 578 -50.89 30.55 21.37
C SER B 578 -51.45 30.49 19.95
N ARG B 579 -50.70 31.01 18.98
CA ARG B 579 -51.08 31.01 17.58
C ARG B 579 -50.06 30.22 16.77
N PRO B 580 -50.47 29.69 15.61
CA PRO B 580 -49.50 29.02 14.74
C PRO B 580 -48.36 29.95 14.34
N TRP B 581 -47.17 29.37 14.21
CA TRP B 581 -45.98 30.18 13.97
C TRP B 581 -46.01 30.89 12.62
N GLN B 582 -46.78 30.36 11.66
CA GLN B 582 -46.81 30.97 10.34
C GLN B 582 -47.41 32.37 10.39
N GLU B 583 -48.49 32.55 11.14
CA GLU B 583 -49.09 33.88 11.26
C GLU B 583 -48.16 34.85 11.98
N VAL B 584 -47.46 34.38 13.01
CA VAL B 584 -46.51 35.26 13.71
C VAL B 584 -45.39 35.68 12.77
N LEU B 585 -44.86 34.74 11.98
CA LEU B 585 -43.80 35.06 11.04
C LEU B 585 -44.28 36.04 9.98
N LYS B 586 -45.50 35.84 9.47
CA LYS B 586 -46.04 36.79 8.50
C LYS B 586 -46.22 38.16 9.12
N ASP B 587 -46.70 38.21 10.36
CA ASP B 587 -46.90 39.49 11.03
C ASP B 587 -45.59 40.24 11.22
N MET B 588 -44.51 39.51 11.54
CA MET B 588 -43.23 40.16 11.73
C MET B 588 -42.54 40.45 10.40
N VAL B 589 -42.29 39.41 9.62
CA VAL B 589 -41.52 39.56 8.38
C VAL B 589 -42.40 40.08 7.26
N GLY B 590 -43.42 39.32 6.89
CA GLY B 590 -44.27 39.69 5.78
C GLY B 590 -44.72 38.50 4.96
N LEU B 591 -44.15 37.33 5.23
CA LEU B 591 -44.57 36.08 4.60
C LEU B 591 -44.67 35.00 5.66
N ASP B 592 -45.51 34.01 5.38
CA ASP B 592 -45.85 32.99 6.36
C ASP B 592 -44.97 31.74 6.27
N ALA B 593 -43.97 31.73 5.39
CA ALA B 593 -43.12 30.57 5.21
C ALA B 593 -41.67 30.94 5.41
N LEU B 594 -40.84 29.92 5.69
CA LEU B 594 -39.41 30.12 5.84
C LEU B 594 -38.81 30.56 4.52
N ASP B 595 -37.90 31.53 4.58
CA ASP B 595 -37.25 32.06 3.38
C ASP B 595 -35.75 32.10 3.61
N ALA B 596 -35.00 31.67 2.61
CA ALA B 596 -33.54 31.69 2.66
C ALA B 596 -32.95 32.94 2.02
N GLN B 597 -33.79 33.80 1.44
CA GLN B 597 -33.28 35.01 0.78
C GLN B 597 -32.56 35.96 1.73
N PRO B 598 -33.08 36.27 2.93
CA PRO B 598 -32.32 37.14 3.84
C PRO B 598 -30.96 36.58 4.21
N LEU B 599 -30.83 35.26 4.35
CA LEU B 599 -29.53 34.69 4.68
C LEU B 599 -28.55 34.91 3.53
N LEU B 600 -29.00 34.76 2.29
CA LEU B 600 -28.14 35.04 1.15
C LEU B 600 -27.77 36.51 1.08
N LYS B 601 -28.73 37.40 1.35
CA LYS B 601 -28.47 38.83 1.30
C LYS B 601 -27.46 39.25 2.36
N TYR B 602 -27.55 38.64 3.55
CA TYR B 602 -26.63 38.99 4.63
C TYR B 602 -25.19 38.67 4.25
N PHE B 603 -24.96 37.53 3.60
CA PHE B 603 -23.62 37.08 3.24
C PHE B 603 -23.26 37.40 1.78
N GLN B 604 -23.96 38.36 1.17
CA GLN B 604 -23.72 38.65 -0.25
C GLN B 604 -22.30 39.10 -0.55
N PRO B 605 -21.71 40.06 0.17
CA PRO B 605 -20.33 40.46 -0.19
C PRO B 605 -19.31 39.35 -0.03
N VAL B 606 -19.36 38.60 1.07
CA VAL B 606 -18.43 37.50 1.24
C VAL B 606 -18.73 36.39 0.23
N THR B 607 -19.99 36.24 -0.17
CA THR B 607 -20.30 35.26 -1.21
C THR B 607 -19.64 35.65 -2.53
N GLN B 608 -19.75 36.91 -2.93
CA GLN B 608 -19.11 37.37 -4.15
C GLN B 608 -17.59 37.20 -4.06
N TRP B 609 -17.02 37.55 -2.90
CA TRP B 609 -15.57 37.41 -2.72
C TRP B 609 -15.15 35.95 -2.85
N LEU B 610 -15.92 35.03 -2.26
CA LEU B 610 -15.57 33.62 -2.32
C LEU B 610 -15.68 33.07 -3.73
N GLN B 611 -16.74 33.44 -4.45
CA GLN B 611 -16.86 32.99 -5.84
C GLN B 611 -15.72 33.51 -6.69
N GLU B 612 -15.38 34.80 -6.54
CA GLU B 612 -14.27 35.36 -7.32
C GLU B 612 -12.95 34.68 -6.99
N GLN B 613 -12.68 34.45 -5.70
CA GLN B 613 -11.42 33.83 -5.32
C GLN B 613 -11.35 32.39 -5.79
N ASN B 614 -12.46 31.66 -5.75
CA ASN B 614 -12.49 30.30 -6.26
C ASN B 614 -12.25 30.28 -7.76
N GLN B 615 -12.86 31.22 -8.49
CA GLN B 615 -12.64 31.28 -9.93
C GLN B 615 -11.18 31.60 -10.26
N GLN B 616 -10.57 32.52 -9.50
CA GLN B 616 -9.16 32.82 -9.73
C GLN B 616 -8.29 31.61 -9.41
N ASN B 617 -8.59 30.89 -8.33
CA ASN B 617 -7.82 29.70 -8.00
C ASN B 617 -8.18 28.52 -8.89
N GLY B 618 -9.35 28.53 -9.51
CA GLY B 618 -9.72 27.50 -10.46
C GLY B 618 -9.88 26.12 -9.87
N GLU B 619 -10.90 25.93 -9.03
CA GLU B 619 -11.15 24.65 -8.38
C GLU B 619 -12.60 24.25 -8.56
N VAL B 620 -12.84 22.94 -8.52
CA VAL B 620 -14.20 22.42 -8.59
C VAL B 620 -14.95 22.80 -7.32
N LEU B 621 -16.27 22.93 -7.43
CA LEU B 621 -17.06 23.41 -6.31
C LEU B 621 -17.11 22.39 -5.18
N GLY B 622 -17.41 21.14 -5.49
CA GLY B 622 -17.44 20.17 -4.41
C GLY B 622 -17.67 18.71 -4.79
N TRP B 623 -16.80 17.86 -4.27
CA TRP B 623 -16.88 16.39 -4.35
C TRP B 623 -17.36 15.86 -5.71
N PRO B 624 -16.68 16.18 -6.81
CA PRO B 624 -16.87 15.39 -8.03
C PRO B 624 -16.19 14.05 -7.97
N GLU B 625 -15.37 13.82 -6.94
CA GLU B 625 -14.64 12.56 -6.75
C GLU B 625 -14.94 12.08 -5.34
N TYR B 626 -16.07 11.41 -5.16
CA TYR B 626 -16.39 10.77 -3.90
C TYR B 626 -15.61 9.45 -3.84
N GLN B 627 -15.93 8.61 -2.86
CA GLN B 627 -15.27 7.33 -2.64
C GLN B 627 -13.81 7.49 -2.23
N TRP B 628 -13.34 8.72 -2.09
CA TRP B 628 -11.95 8.99 -1.71
C TRP B 628 -11.85 9.08 -0.20
N HIS B 629 -10.88 8.37 0.37
CA HIS B 629 -10.60 8.43 1.79
C HIS B 629 -9.12 8.67 2.00
N PRO B 630 -8.76 9.41 3.06
CA PRO B 630 -7.35 9.71 3.27
C PRO B 630 -6.57 8.47 3.64
N PRO B 631 -5.31 8.37 3.22
CA PRO B 631 -4.48 7.25 3.66
C PRO B 631 -4.16 7.37 5.15
N LEU B 632 -3.95 6.23 5.77
CA LEU B 632 -3.60 6.23 7.18
C LEU B 632 -2.25 6.91 7.38
N PRO B 633 -2.09 7.71 8.42
CA PRO B 633 -0.87 8.50 8.58
C PRO B 633 0.25 7.70 9.22
N ASP B 634 0.18 6.36 9.11
CA ASP B 634 0.95 5.44 9.96
C ASP B 634 0.48 5.56 11.40
N ASN B 635 -0.85 5.43 11.59
CA ASN B 635 -1.53 5.69 12.84
C ASN B 635 -1.39 4.55 13.84
N TYR B 636 -0.45 3.63 13.64
CA TYR B 636 -0.16 2.70 14.73
C TYR B 636 0.26 3.55 15.92
N PRO B 637 -0.57 3.61 16.96
CA PRO B 637 -0.58 4.78 17.85
C PRO B 637 0.59 4.86 18.82
N GLU B 638 1.77 5.25 18.32
CA GLU B 638 2.84 5.75 19.16
C GLU B 638 3.54 6.97 18.59
N GLY B 639 3.34 7.30 17.32
CA GLY B 639 3.96 8.46 16.71
C GLY B 639 2.99 9.61 16.49
N ILE B 640 2.11 9.84 17.46
CA ILE B 640 1.10 10.89 17.35
C ILE B 640 1.54 12.18 18.03
N ASP B 641 2.58 12.15 18.85
CA ASP B 641 3.05 13.33 19.57
C ASP B 641 4.16 14.07 18.83
N LEU B 642 4.51 13.65 17.62
CA LEU B 642 5.54 14.32 16.84
C LEU B 642 4.94 15.56 16.17
N VAL B 643 5.39 16.74 16.59
CA VAL B 643 4.85 17.99 16.08
C VAL B 643 5.18 18.13 14.60
N THR B 644 4.17 18.47 13.79
CA THR B 644 4.32 18.65 12.35
C THR B 644 3.72 19.99 11.93
N ASP B 645 4.05 21.05 12.67
CA ASP B 645 3.50 22.37 12.42
C ASP B 645 4.55 23.25 11.74
N GLU B 646 4.13 23.98 10.71
CA GLU B 646 5.05 24.84 9.97
C GLU B 646 5.61 25.95 10.84
N ALA B 647 4.75 26.58 11.65
CA ALA B 647 5.20 27.71 12.47
C ALA B 647 6.20 27.26 13.53
N GLU B 648 5.91 26.15 14.21
CA GLU B 648 6.81 25.66 15.25
C GLU B 648 8.15 25.23 14.64
N ALA B 649 8.11 24.57 13.49
CA ALA B 649 9.35 24.17 12.83
C ALA B 649 10.16 25.39 12.43
N SER B 650 9.51 26.42 11.88
CA SER B 650 10.24 27.63 11.51
C SER B 650 10.86 28.29 12.74
N LYS B 651 10.11 28.39 13.83
CA LYS B 651 10.63 29.04 15.03
C LYS B 651 11.83 28.26 15.57
N PHE B 652 11.74 26.93 15.61
CA PHE B 652 12.86 26.12 16.06
C PHE B 652 14.06 26.31 15.15
N VAL B 653 13.84 26.38 13.84
CA VAL B 653 14.93 26.53 12.89
C VAL B 653 15.66 27.86 13.13
N GLU B 654 14.89 28.94 13.29
CA GLU B 654 15.53 30.25 13.52
C GLU B 654 16.27 30.27 14.86
N GLU B 655 15.68 29.71 15.91
CA GLU B 655 16.37 29.68 17.20
C GLU B 655 17.66 28.87 17.11
N TYR B 656 17.61 27.72 16.44
CA TYR B 656 18.82 26.92 16.27
C TYR B 656 19.86 27.68 15.47
N ASP B 657 19.46 28.37 14.41
CA ASP B 657 20.40 29.17 13.63
C ASP B 657 21.09 30.20 14.50
N ARG B 658 20.31 30.97 15.27
CA ARG B 658 20.89 32.09 16.01
C ARG B 658 21.77 31.61 17.16
N THR B 659 21.42 30.50 17.82
CA THR B 659 22.30 30.03 18.88
C THR B 659 23.52 29.29 18.31
N SER B 660 23.35 28.58 17.20
CA SER B 660 24.45 27.85 16.60
C SER B 660 25.51 28.79 16.06
N GLN B 661 25.09 29.92 15.51
CA GLN B 661 26.07 30.89 14.99
C GLN B 661 27.06 31.27 16.08
N VAL B 662 26.56 31.70 17.25
CA VAL B 662 27.45 32.18 18.30
C VAL B 662 28.25 31.04 18.91
N VAL B 663 27.60 29.88 19.16
CA VAL B 663 28.34 28.80 19.81
C VAL B 663 29.44 28.27 18.89
N TRP B 664 29.16 28.15 17.59
CA TRP B 664 30.15 27.67 16.64
C TRP B 664 31.25 28.71 16.40
N ASN B 665 30.92 30.00 16.45
CA ASN B 665 31.96 31.01 16.39
C ASN B 665 32.90 30.92 17.59
N GLU B 666 32.35 30.73 18.78
CA GLU B 666 33.21 30.58 19.95
C GLU B 666 34.08 29.34 19.84
N TYR B 667 33.51 28.24 19.35
CA TYR B 667 34.32 27.03 19.17
C TYR B 667 35.43 27.24 18.15
N ALA B 668 35.12 27.92 17.05
CA ALA B 668 36.13 28.17 16.03
C ALA B 668 37.24 29.07 16.56
N GLU B 669 36.89 30.08 17.34
CA GLU B 669 37.90 30.94 17.94
C GLU B 669 38.78 30.16 18.89
N ALA B 670 38.19 29.28 19.71
CA ALA B 670 38.99 28.47 20.61
C ALA B 670 39.92 27.53 19.85
N ASN B 671 39.43 26.93 18.77
CA ASN B 671 40.26 26.05 17.95
C ASN B 671 41.41 26.82 17.31
N TRP B 672 41.14 28.03 16.81
CA TRP B 672 42.19 28.84 16.22
C TRP B 672 43.23 29.24 17.27
N ASN B 673 42.79 29.59 18.48
CA ASN B 673 43.74 29.92 19.53
C ASN B 673 44.59 28.72 19.91
N TYR B 674 43.99 27.53 19.96
CA TYR B 674 44.74 26.33 20.32
C TYR B 674 45.75 25.95 19.24
N ASN B 675 45.33 25.96 17.97
CA ASN B 675 46.21 25.48 16.92
C ASN B 675 47.31 26.48 16.59
N THR B 676 47.02 27.78 16.66
CA THR B 676 48.02 28.79 16.37
C THR B 676 49.13 28.79 17.41
N ASN B 677 48.81 28.44 18.66
CA ASN B 677 49.78 28.44 19.75
C ASN B 677 49.43 27.27 20.67
N ILE B 678 50.09 26.13 20.46
CA ILE B 678 49.85 24.97 21.32
C ILE B 678 50.35 25.21 22.74
N THR B 679 51.16 26.25 22.95
CA THR B 679 51.62 26.64 24.28
C THR B 679 50.52 27.46 24.96
N THR B 680 50.87 28.13 26.06
CA THR B 680 50.01 29.00 26.86
C THR B 680 48.71 28.30 27.31
N GLU B 681 48.66 26.97 27.23
CA GLU B 681 47.57 26.18 27.77
C GLU B 681 46.21 26.60 27.23
N THR B 682 46.11 26.66 25.89
CA THR B 682 44.83 26.88 25.24
C THR B 682 44.00 25.61 25.14
N SER B 683 44.58 24.46 25.51
CA SER B 683 43.85 23.21 25.47
C SER B 683 42.67 23.23 26.44
N LYS B 684 42.78 23.94 27.55
CA LYS B 684 41.66 24.04 28.48
C LYS B 684 40.49 24.79 27.85
N ILE B 685 40.77 25.89 27.17
CA ILE B 685 39.71 26.64 26.49
C ILE B 685 39.12 25.79 25.37
N LEU B 686 39.97 25.05 24.66
CA LEU B 686 39.48 24.16 23.61
C LEU B 686 38.54 23.11 24.18
N LEU B 687 38.90 22.53 25.33
CA LEU B 687 38.05 21.54 25.97
C LEU B 687 36.72 22.15 26.43
N GLN B 688 36.77 23.36 26.97
CA GLN B 688 35.55 24.04 27.38
C GLN B 688 34.62 24.25 26.19
N LYS B 689 35.17 24.72 25.07
CA LYS B 689 34.36 24.93 23.89
C LYS B 689 33.84 23.62 23.31
N ASN B 690 34.63 22.55 23.39
CA ASN B 690 34.16 21.24 22.97
C ASN B 690 32.99 20.77 23.81
N MET B 691 33.06 20.96 25.13
CA MET B 691 31.95 20.60 26.00
C MET B 691 30.71 21.41 25.68
N GLN B 692 30.88 22.72 25.45
CA GLN B 692 29.76 23.57 25.09
C GLN B 692 29.10 23.09 23.80
N ILE B 693 29.91 22.79 22.78
CA ILE B 693 29.37 22.33 21.51
C ILE B 693 28.66 20.99 21.68
N ALA B 694 29.25 20.08 22.46
CA ALA B 694 28.64 18.77 22.65
C ALA B 694 27.29 18.87 23.33
N ASN B 695 27.21 19.65 24.42
CA ASN B 695 25.93 19.73 25.12
C ASN B 695 24.89 20.48 24.30
N HIS B 696 25.29 21.53 23.59
CA HIS B 696 24.37 22.24 22.72
C HIS B 696 23.83 21.33 21.62
N THR B 697 24.72 20.56 20.99
CA THR B 697 24.28 19.65 19.94
C THR B 697 23.34 18.60 20.48
N LEU B 698 23.64 18.04 21.65
CA LEU B 698 22.75 17.04 22.23
C LEU B 698 21.38 17.63 22.52
N LYS B 699 21.35 18.82 23.14
CA LYS B 699 20.07 19.43 23.50
C LYS B 699 19.23 19.75 22.27
N TYR B 700 19.83 20.38 21.25
CA TYR B 700 19.04 20.77 20.09
C TYR B 700 18.69 19.56 19.22
N GLY B 701 19.53 18.52 19.21
CA GLY B 701 19.17 17.32 18.50
C GLY B 701 18.01 16.58 19.15
N THR B 702 17.99 16.54 20.49
CA THR B 702 16.84 15.95 21.18
C THR B 702 15.59 16.79 20.95
N GLN B 703 15.75 18.11 20.88
CA GLN B 703 14.61 18.98 20.59
C GLN B 703 14.08 18.74 19.19
N ALA B 704 14.97 18.54 18.22
CA ALA B 704 14.55 18.31 16.84
C ALA B 704 14.10 16.88 16.58
N ARG B 705 14.41 15.94 17.48
CA ARG B 705 13.90 14.58 17.32
C ARG B 705 12.41 14.50 17.60
N LYS B 706 11.86 15.45 18.36
CA LYS B 706 10.42 15.51 18.59
C LYS B 706 9.66 15.98 17.36
N PHE B 707 10.35 16.55 16.37
CA PHE B 707 9.70 16.99 15.14
C PHE B 707 9.55 15.80 14.21
N ASP B 708 9.21 16.07 12.95
CA ASP B 708 9.16 15.05 11.92
C ASP B 708 9.84 15.59 10.67
N VAL B 709 10.01 14.72 9.68
CA VAL B 709 10.65 15.06 8.42
C VAL B 709 9.69 14.87 7.24
N ASN B 710 9.06 13.69 7.16
CA ASN B 710 8.22 13.39 6.01
C ASN B 710 7.01 14.31 5.93
N GLN B 711 6.40 14.60 7.07
CA GLN B 711 5.16 15.37 7.10
C GLN B 711 5.40 16.88 7.02
N LEU B 712 6.65 17.33 6.96
CA LEU B 712 6.94 18.76 6.86
C LEU B 712 6.74 19.24 5.43
N GLN B 713 5.93 20.29 5.29
CA GLN B 713 5.59 20.83 3.96
C GLN B 713 6.51 21.99 3.60
N ASN B 714 7.81 21.70 3.56
CA ASN B 714 8.80 22.67 3.12
C ASN B 714 10.04 21.91 2.67
N THR B 715 10.93 22.63 1.99
CA THR B 715 12.20 22.06 1.55
C THR B 715 13.34 22.46 2.47
N THR B 716 13.55 23.76 2.67
CA THR B 716 14.65 24.23 3.52
C THR B 716 14.47 23.79 4.97
N ILE B 717 13.26 23.95 5.50
CA ILE B 717 13.00 23.58 6.89
C ILE B 717 13.14 22.07 7.06
N LYS B 718 12.61 21.30 6.11
CA LYS B 718 12.75 19.85 6.17
C LYS B 718 14.21 19.42 6.15
N ARG B 719 15.00 20.03 5.27
CA ARG B 719 16.42 19.73 5.19
C ARG B 719 17.13 20.05 6.49
N ILE B 720 16.86 21.22 7.06
CA ILE B 720 17.51 21.63 8.31
C ILE B 720 17.13 20.68 9.44
N ILE B 721 15.85 20.33 9.55
CA ILE B 721 15.40 19.45 10.62
C ILE B 721 16.04 18.07 10.48
N LYS B 722 16.10 17.56 9.24
CA LYS B 722 16.74 16.27 9.02
C LYS B 722 18.22 16.31 9.38
N LYS B 723 18.91 17.38 8.99
CA LYS B 723 20.34 17.48 9.27
C LYS B 723 20.64 17.75 10.74
N VAL B 724 19.66 18.23 11.50
CA VAL B 724 19.88 18.43 12.93
C VAL B 724 19.47 17.20 13.73
N GLN B 725 18.56 16.37 13.19
CA GLN B 725 18.04 15.23 13.94
C GLN B 725 19.11 14.21 14.29
N ASP B 726 20.22 14.18 13.56
CA ASP B 726 21.26 13.20 13.80
C ASP B 726 22.39 13.81 14.64
N LEU B 727 22.79 13.09 15.68
CA LEU B 727 23.90 13.48 16.53
C LEU B 727 25.11 12.65 16.13
N GLU B 728 26.17 13.31 15.68
CA GLU B 728 27.32 12.58 15.16
C GLU B 728 27.92 11.67 16.23
N ARG B 729 28.07 12.17 17.45
CA ARG B 729 28.60 11.37 18.53
C ARG B 729 27.85 11.56 19.85
N ALA B 730 26.87 12.45 19.90
CA ALA B 730 26.14 12.73 21.13
C ALA B 730 25.01 11.75 21.40
N ALA B 731 24.75 10.82 20.48
CA ALA B 731 23.69 9.84 20.68
C ALA B 731 24.10 8.78 21.70
N LEU B 732 25.38 8.58 21.93
CA LEU B 732 25.84 7.60 22.89
C LEU B 732 25.53 8.06 24.31
N PRO B 733 25.39 7.12 25.25
CA PRO B 733 25.27 7.50 26.66
C PRO B 733 26.51 8.22 27.14
N ALA B 734 26.41 8.80 28.34
CA ALA B 734 27.50 9.64 28.85
C ALA B 734 28.79 8.85 29.02
N GLN B 735 28.71 7.64 29.58
CA GLN B 735 29.90 6.84 29.78
C GLN B 735 30.53 6.45 28.44
N GLU B 736 29.70 5.98 27.50
CA GLU B 736 30.21 5.60 26.18
C GLU B 736 30.72 6.81 25.43
N LEU B 737 30.06 7.97 25.57
CA LEU B 737 30.55 9.17 24.91
C LEU B 737 31.91 9.58 25.46
N GLU B 738 32.09 9.51 26.78
CA GLU B 738 33.40 9.84 27.35
C GLU B 738 34.45 8.85 26.87
N GLU B 739 34.11 7.56 26.82
CA GLU B 739 35.07 6.56 26.34
C GLU B 739 35.44 6.81 24.89
N TYR B 740 34.45 7.16 24.06
CA TYR B 740 34.73 7.45 22.65
C TYR B 740 35.64 8.65 22.50
N ASN B 741 35.37 9.71 23.26
CA ASN B 741 36.23 10.89 23.21
C ASN B 741 37.65 10.55 23.62
N LYS B 742 37.79 9.78 24.70
CA LYS B 742 39.12 9.40 25.17
C LYS B 742 39.85 8.54 24.13
N ILE B 743 39.14 7.61 23.50
CA ILE B 743 39.76 6.75 22.49
C ILE B 743 40.23 7.58 21.31
N LEU B 744 39.38 8.50 20.83
CA LEU B 744 39.76 9.32 19.69
C LEU B 744 40.96 10.21 20.02
N LEU B 745 40.96 10.83 21.20
CA LEU B 745 42.08 11.68 21.58
C LEU B 745 43.36 10.86 21.74
N ASP B 746 43.24 9.64 22.30
CA ASP B 746 44.41 8.78 22.44
C ASP B 746 44.99 8.41 21.09
N MET B 747 44.13 8.04 20.13
CA MET B 747 44.61 7.67 18.81
C MET B 747 45.31 8.85 18.14
N GLU B 748 44.69 10.03 18.20
CA GLU B 748 45.28 11.20 17.54
C GLU B 748 46.61 11.59 18.18
N THR B 749 46.68 11.58 19.51
CA THR B 749 47.92 11.95 20.19
C THR B 749 49.01 10.92 19.93
N THR B 750 48.66 9.63 19.94
CA THR B 750 49.64 8.58 19.70
C THR B 750 50.19 8.64 18.28
N TYR B 751 49.34 8.97 17.31
CA TYR B 751 49.84 9.15 15.95
C TYR B 751 50.74 10.38 15.85
N SER B 752 50.33 11.49 16.47
CA SER B 752 51.07 12.74 16.31
C SER B 752 52.36 12.79 17.10
N VAL B 753 52.61 11.83 17.98
CA VAL B 753 53.78 11.85 18.86
C VAL B 753 54.82 10.82 18.45
N ALA B 754 54.38 9.67 17.93
CA ALA B 754 55.28 8.55 17.69
C ALA B 754 56.36 8.92 16.67
N THR B 755 57.61 8.62 17.01
CA THR B 755 58.75 8.80 16.12
C THR B 755 59.58 7.52 16.11
N VAL B 756 60.21 7.26 14.96
CA VAL B 756 61.11 6.12 14.81
C VAL B 756 62.46 6.65 14.35
N CYS B 757 63.53 5.94 14.73
CA CYS B 757 64.88 6.40 14.45
C CYS B 757 65.89 5.33 14.84
N HIS B 758 67.14 5.56 14.42
CA HIS B 758 68.23 4.65 14.66
C HIS B 758 68.57 4.61 16.16
N PRO B 759 69.23 3.54 16.60
CA PRO B 759 69.68 3.50 18.01
C PRO B 759 70.91 4.36 18.26
N ASN B 760 71.35 5.10 17.23
CA ASN B 760 72.47 6.00 17.39
C ASN B 760 72.15 7.10 18.39
N GLY B 761 70.94 7.66 18.31
CA GLY B 761 70.55 8.74 19.20
C GLY B 761 69.91 9.90 18.47
N SER B 762 70.44 10.23 17.29
CA SER B 762 69.82 11.24 16.44
C SER B 762 68.50 10.67 15.92
N CYS B 763 67.42 11.41 16.11
CA CYS B 763 66.09 10.86 15.90
C CYS B 763 65.29 11.76 14.96
N LEU B 764 64.34 11.15 14.26
CA LEU B 764 63.55 11.82 13.24
C LEU B 764 62.07 11.62 13.51
N GLN B 765 61.28 12.62 13.12
CA GLN B 765 59.83 12.59 13.23
C GLN B 765 59.23 12.28 11.85
N LEU B 766 57.90 12.15 11.83
CA LEU B 766 57.23 11.85 10.56
C LEU B 766 57.36 13.00 9.58
N GLU B 767 57.16 14.23 10.05
CA GLU B 767 57.19 15.39 9.17
C GLU B 767 58.00 16.50 9.84
N PRO B 768 58.93 17.12 9.11
CA PRO B 768 59.34 16.85 7.74
C PRO B 768 60.65 16.07 7.68
N ASP B 769 60.81 15.03 8.50
CA ASP B 769 62.04 14.26 8.53
C ASP B 769 61.90 12.91 7.85
N LEU B 770 60.92 12.10 8.29
CA LEU B 770 60.70 10.80 7.63
C LEU B 770 60.18 10.99 6.21
N THR B 771 59.32 11.99 6.00
CA THR B 771 58.84 12.27 4.65
C THR B 771 59.98 12.71 3.74
N ASN B 772 60.87 13.56 4.25
CA ASN B 772 62.00 14.01 3.45
C ASN B 772 62.94 12.85 3.12
N VAL B 773 63.19 11.96 4.09
CA VAL B 773 64.08 10.84 3.84
C VAL B 773 63.40 9.77 2.99
N MET B 774 62.08 9.81 2.87
CA MET B 774 61.38 8.93 1.94
C MET B 774 61.13 9.58 0.59
N ALA B 775 61.44 10.85 0.44
CA ALA B 775 61.24 11.56 -0.81
C ALA B 775 62.52 11.74 -1.61
N THR B 776 63.63 12.09 -0.96
CA THR B 776 64.87 12.42 -1.66
C THR B 776 65.90 11.30 -1.63
N SER B 777 65.61 10.18 -0.98
CA SER B 777 66.56 9.08 -0.87
C SER B 777 66.26 8.01 -1.91
N ARG B 778 67.24 7.69 -2.74
CA ARG B 778 67.14 6.62 -3.71
C ARG B 778 68.07 5.50 -3.24
N LYS B 779 67.57 4.66 -2.36
CA LYS B 779 68.31 3.53 -1.83
C LYS B 779 67.36 2.57 -1.14
N TYR B 780 67.46 1.27 -1.45
CA TYR B 780 66.51 0.31 -0.90
C TYR B 780 66.60 0.24 0.62
N GLU B 781 67.82 0.26 1.16
CA GLU B 781 68.00 0.05 2.59
C GLU B 781 67.37 1.18 3.41
N ASP B 782 67.69 2.43 3.08
CA ASP B 782 67.19 3.55 3.85
C ASP B 782 65.68 3.70 3.72
N LEU B 783 65.17 3.58 2.50
CA LEU B 783 63.72 3.69 2.29
C LEU B 783 62.99 2.57 3.02
N LEU B 784 63.52 1.35 2.96
CA LEU B 784 62.89 0.24 3.67
C LEU B 784 62.93 0.46 5.17
N TRP B 785 64.05 0.98 5.69
CA TRP B 785 64.15 1.25 7.12
C TRP B 785 63.11 2.27 7.55
N ALA B 786 63.00 3.38 6.81
CA ALA B 786 62.03 4.41 7.18
C ALA B 786 60.61 3.87 7.10
N TRP B 787 60.29 3.15 6.02
CA TRP B 787 58.95 2.60 5.84
C TRP B 787 58.59 1.65 6.96
N GLU B 788 59.46 0.67 7.23
CA GLU B 788 59.18 -0.32 8.26
C GLU B 788 59.11 0.31 9.63
N GLY B 789 60.01 1.25 9.93
CA GLY B 789 59.99 1.88 11.24
C GLY B 789 58.74 2.69 11.49
N TRP B 790 58.33 3.49 10.50
CA TRP B 790 57.12 4.28 10.69
C TRP B 790 55.89 3.40 10.81
N ARG B 791 55.78 2.38 9.94
CA ARG B 791 54.64 1.47 10.03
C ARG B 791 54.61 0.80 11.40
N ASP B 792 55.74 0.25 11.82
CA ASP B 792 55.85 -0.34 13.16
C ASP B 792 55.31 0.60 14.22
N LYS B 793 55.95 1.76 14.37
CA LYS B 793 55.60 2.68 15.45
C LYS B 793 54.11 3.03 15.41
N ALA B 794 53.67 3.69 14.33
CA ALA B 794 52.31 4.23 14.32
C ALA B 794 51.27 3.11 14.34
N GLY B 795 51.39 2.14 13.44
CA GLY B 795 50.36 1.11 13.36
C GLY B 795 50.27 0.25 14.61
N ARG B 796 51.42 -0.22 15.11
CA ARG B 796 51.38 -1.03 16.31
C ARG B 796 50.94 -0.22 17.52
N ALA B 797 51.10 1.11 17.49
CA ALA B 797 50.58 1.91 18.59
C ALA B 797 49.06 2.04 18.53
N ILE B 798 48.50 2.22 17.33
CA ILE B 798 47.06 2.46 17.20
C ILE B 798 46.24 1.17 17.09
N LEU B 799 46.90 0.03 16.93
CA LEU B 799 46.17 -1.24 16.84
C LEU B 799 45.41 -1.54 18.13
N GLN B 800 46.02 -1.24 19.29
CA GLN B 800 45.37 -1.52 20.56
C GLN B 800 44.13 -0.68 20.78
N PHE B 801 43.96 0.41 20.03
CA PHE B 801 42.81 1.29 20.17
C PHE B 801 41.74 1.06 19.12
N TYR B 802 42.13 0.65 17.92
CA TYR B 802 41.17 0.70 16.80
C TYR B 802 39.90 -0.14 17.00
N PRO B 803 39.95 -1.40 17.43
CA PRO B 803 38.69 -2.19 17.49
C PRO B 803 37.63 -1.59 18.40
N LYS B 804 38.02 -1.04 19.55
CA LYS B 804 37.05 -0.39 20.41
C LYS B 804 36.47 0.85 19.76
N TYR B 805 37.30 1.60 19.03
CA TYR B 805 36.81 2.75 18.29
C TYR B 805 35.78 2.34 17.26
N VAL B 806 36.03 1.24 16.54
CA VAL B 806 35.07 0.74 15.57
C VAL B 806 33.76 0.38 16.25
N GLU B 807 33.86 -0.32 17.39
CA GLU B 807 32.65 -0.69 18.14
C GLU B 807 31.85 0.54 18.52
N LEU B 808 32.51 1.55 19.07
CA LEU B 808 31.80 2.73 19.56
C LEU B 808 31.20 3.54 18.41
N ILE B 809 31.93 3.70 17.31
CA ILE B 809 31.40 4.47 16.19
C ILE B 809 30.22 3.73 15.55
N ASN B 810 30.29 2.39 15.49
CA ASN B 810 29.16 1.62 14.97
C ASN B 810 27.95 1.77 15.88
N GLN B 811 28.16 1.75 17.19
CA GLN B 811 27.04 1.92 18.12
C GLN B 811 26.40 3.29 17.95
N ALA B 812 27.22 4.33 17.81
CA ALA B 812 26.69 5.68 17.61
C ALA B 812 25.89 5.75 16.32
N ALA B 813 26.41 5.17 15.24
CA ALA B 813 25.70 5.21 13.96
C ALA B 813 24.40 4.45 14.04
N ARG B 814 24.38 3.30 14.74
CA ARG B 814 23.14 2.56 14.92
C ARG B 814 22.13 3.39 15.70
N LEU B 815 22.57 4.07 16.76
CA LEU B 815 21.66 4.93 17.51
C LEU B 815 21.17 6.11 16.69
N ASN B 816 21.92 6.51 15.65
CA ASN B 816 21.52 7.63 14.82
C ASN B 816 20.55 7.24 13.71
N GLY B 817 20.19 5.97 13.59
CA GLY B 817 19.25 5.55 12.56
C GLY B 817 19.86 4.65 11.52
N TYR B 818 21.11 4.91 11.16
CA TYR B 818 21.79 4.11 10.16
C TYR B 818 22.13 2.73 10.71
N VAL B 819 22.73 1.90 9.87
CA VAL B 819 23.11 0.54 10.26
C VAL B 819 24.60 0.40 10.51
N ASP B 820 25.42 1.35 10.06
CA ASP B 820 26.86 1.25 10.18
C ASP B 820 27.45 2.66 10.21
N ALA B 821 28.69 2.75 10.69
CA ALA B 821 29.43 3.99 10.58
C ALA B 821 29.76 4.29 9.12
N GLY B 822 30.08 3.25 8.34
CA GLY B 822 30.30 3.46 6.92
C GLY B 822 29.05 3.96 6.21
N ASP B 823 27.88 3.43 6.59
CA ASP B 823 26.63 3.93 6.03
C ASP B 823 26.40 5.37 6.41
N SER B 824 26.71 5.74 7.66
CA SER B 824 26.57 7.13 8.08
C SER B 824 27.48 8.05 7.29
N TRP B 825 28.70 7.60 7.01
CA TRP B 825 29.63 8.41 6.23
C TRP B 825 29.18 8.51 4.77
N ARG B 826 28.65 7.42 4.21
CA ARG B 826 28.17 7.45 2.85
C ARG B 826 26.90 8.26 2.69
N SER B 827 26.14 8.45 3.76
CA SER B 827 24.93 9.27 3.69
C SER B 827 25.24 10.74 3.45
N MET B 828 26.50 11.17 3.56
CA MET B 828 26.85 12.54 3.29
C MET B 828 26.61 12.92 1.83
N TYR B 829 26.49 11.93 0.94
CA TYR B 829 26.33 12.19 -0.48
C TYR B 829 24.90 12.07 -0.96
N GLU B 830 24.00 11.51 -0.14
CA GLU B 830 22.58 11.41 -0.45
C GLU B 830 22.33 10.63 -1.75
N THR B 831 23.20 9.68 -2.07
CA THR B 831 22.97 8.76 -3.18
C THR B 831 22.92 7.34 -2.63
N PRO B 832 21.80 6.63 -2.79
CA PRO B 832 21.72 5.26 -2.26
C PRO B 832 22.63 4.28 -2.96
N SER B 833 23.16 4.62 -4.13
CA SER B 833 24.01 3.70 -4.89
C SER B 833 25.39 4.30 -5.13
N LEU B 834 26.01 4.85 -4.09
CA LEU B 834 27.31 5.49 -4.26
C LEU B 834 28.39 4.48 -4.64
N GLU B 835 28.36 3.30 -4.03
CA GLU B 835 29.41 2.32 -4.27
C GLU B 835 29.46 1.88 -5.73
N GLN B 836 28.28 1.66 -6.33
CA GLN B 836 28.24 1.24 -7.73
C GLN B 836 28.81 2.32 -8.64
N ASP B 837 28.46 3.58 -8.40
CA ASP B 837 28.98 4.67 -9.22
C ASP B 837 30.49 4.78 -9.07
N LEU B 838 31.00 4.68 -7.85
CA LEU B 838 32.44 4.79 -7.64
C LEU B 838 33.19 3.63 -8.30
N GLU B 839 32.62 2.43 -8.21
CA GLU B 839 33.24 1.28 -8.89
C GLU B 839 33.25 1.47 -10.40
N ARG B 840 32.16 2.02 -10.95
CA ARG B 840 32.12 2.29 -12.38
C ARG B 840 33.19 3.31 -12.77
N LEU B 841 33.35 4.37 -11.99
CA LEU B 841 34.38 5.37 -12.29
C LEU B 841 35.77 4.76 -12.23
N PHE B 842 36.03 3.93 -11.21
CA PHE B 842 37.34 3.30 -11.11
C PHE B 842 37.60 2.36 -12.28
N GLN B 843 36.58 1.60 -12.69
CA GLN B 843 36.75 0.74 -13.86
C GLN B 843 37.01 1.54 -15.12
N GLU B 844 36.39 2.73 -15.22
CA GLU B 844 36.65 3.61 -16.36
C GLU B 844 38.09 4.09 -16.36
N LEU B 845 38.63 4.43 -15.19
CA LEU B 845 39.98 4.99 -15.10
C LEU B 845 41.07 3.94 -14.94
N GLN B 846 40.71 2.66 -14.88
CA GLN B 846 41.73 1.62 -14.73
C GLN B 846 42.79 1.59 -15.82
N PRO B 847 42.46 1.65 -17.13
CA PRO B 847 43.52 1.52 -18.14
C PRO B 847 44.63 2.55 -18.05
N LEU B 848 44.29 3.80 -17.75
CA LEU B 848 45.30 4.84 -17.65
C LEU B 848 46.25 4.56 -16.50
N TYR B 849 45.71 4.18 -15.35
CA TYR B 849 46.56 3.83 -14.22
C TYR B 849 47.41 2.61 -14.55
N LEU B 850 46.87 1.64 -15.27
CA LEU B 850 47.65 0.45 -15.61
C LEU B 850 48.84 0.82 -16.49
N ASN B 851 48.62 1.68 -17.49
CA ASN B 851 49.72 2.10 -18.35
C ASN B 851 50.77 2.89 -17.57
N LEU B 852 50.32 3.81 -16.70
CA LEU B 852 51.27 4.58 -15.90
C LEU B 852 52.04 3.67 -14.95
N HIS B 853 51.37 2.69 -14.36
CA HIS B 853 52.01 1.74 -13.47
C HIS B 853 53.08 0.94 -14.21
N ALA B 854 52.76 0.49 -15.42
CA ALA B 854 53.75 -0.25 -16.22
C ALA B 854 54.96 0.62 -16.53
N TYR B 855 54.74 1.88 -16.93
CA TYR B 855 55.86 2.75 -17.27
C TYR B 855 56.73 3.03 -16.05
N VAL B 856 56.11 3.34 -14.91
CA VAL B 856 56.88 3.63 -13.71
C VAL B 856 57.61 2.39 -13.22
N ARG B 857 56.98 1.22 -13.37
CA ARG B 857 57.64 -0.04 -13.00
C ARG B 857 58.88 -0.26 -13.86
N ARG B 858 58.77 0.02 -15.16
CA ARG B 858 59.94 -0.12 -16.04
C ARG B 858 61.05 0.83 -15.62
N ALA B 859 60.70 2.09 -15.31
CA ALA B 859 61.73 3.05 -14.90
C ALA B 859 62.39 2.62 -13.59
N LEU B 860 61.60 2.15 -12.62
CA LEU B 860 62.16 1.70 -11.36
C LEU B 860 63.04 0.47 -11.54
N HIS B 861 62.65 -0.44 -12.45
CA HIS B 861 63.51 -1.58 -12.73
C HIS B 861 64.81 -1.15 -13.37
N ARG B 862 64.75 -0.18 -14.29
CA ARG B 862 65.96 0.30 -14.93
C ARG B 862 66.91 0.93 -13.91
N HIS B 863 66.37 1.68 -12.95
CA HIS B 863 67.25 2.30 -11.97
C HIS B 863 67.72 1.30 -10.91
N TYR B 864 66.79 0.76 -10.12
CA TYR B 864 67.16 -0.06 -8.98
C TYR B 864 67.78 -1.39 -9.41
N GLY B 865 67.25 -2.00 -10.46
CA GLY B 865 67.75 -3.27 -10.96
C GLY B 865 66.61 -4.25 -11.10
N ALA B 866 66.99 -5.53 -11.27
CA ALA B 866 66.01 -6.60 -11.38
C ALA B 866 65.87 -7.42 -10.11
N GLN B 867 66.79 -7.24 -9.15
CA GLN B 867 66.67 -7.97 -7.89
C GLN B 867 65.52 -7.44 -7.05
N HIS B 868 65.29 -6.13 -7.08
CA HIS B 868 64.25 -5.52 -6.28
C HIS B 868 62.95 -5.29 -7.04
N ILE B 869 63.00 -5.26 -8.37
CA ILE B 869 61.83 -4.97 -9.19
C ILE B 869 61.64 -6.10 -10.18
N ASN B 870 60.39 -6.54 -10.35
CA ASN B 870 60.01 -7.53 -11.34
C ASN B 870 59.19 -6.84 -12.41
N LEU B 871 59.54 -7.08 -13.68
CA LEU B 871 58.84 -6.42 -14.78
C LEU B 871 57.38 -6.82 -14.83
N GLU B 872 57.09 -8.08 -14.49
CA GLU B 872 55.73 -8.56 -14.30
C GLU B 872 55.54 -8.76 -12.80
N GLY B 873 54.71 -7.93 -12.18
CA GLY B 873 54.49 -8.01 -10.77
C GLY B 873 54.41 -6.64 -10.12
N PRO B 874 53.83 -6.59 -8.93
CA PRO B 874 53.67 -5.29 -8.25
C PRO B 874 55.01 -4.71 -7.82
N ILE B 875 55.04 -3.39 -7.72
CA ILE B 875 56.22 -2.66 -7.27
C ILE B 875 56.11 -2.43 -5.76
N PRO B 876 57.20 -2.57 -5.01
CA PRO B 876 57.12 -2.39 -3.55
C PRO B 876 56.67 -0.98 -3.20
N ALA B 877 55.93 -0.88 -2.10
CA ALA B 877 55.25 0.37 -1.75
C ALA B 877 56.19 1.46 -1.27
N HIS B 878 57.44 1.13 -0.95
CA HIS B 878 58.37 2.09 -0.38
C HIS B 878 59.31 2.71 -1.42
N LEU B 879 59.13 2.40 -2.69
CA LEU B 879 60.03 2.85 -3.74
C LEU B 879 59.47 4.00 -4.56
N LEU B 880 58.33 4.57 -4.17
CA LEU B 880 57.63 5.55 -4.98
C LEU B 880 57.76 6.98 -4.46
N GLY B 881 58.71 7.23 -3.56
CA GLY B 881 58.98 8.58 -3.11
C GLY B 881 57.96 9.15 -2.14
N ASN B 882 57.02 8.36 -1.67
CA ASN B 882 56.03 8.79 -0.70
C ASN B 882 55.89 7.73 0.38
N MET B 883 55.55 8.17 1.59
CA MET B 883 55.42 7.22 2.69
C MET B 883 54.30 6.23 2.45
N TRP B 884 53.16 6.70 1.95
CA TRP B 884 52.01 5.86 1.68
C TRP B 884 51.83 5.55 0.20
N ALA B 885 52.73 6.02 -0.65
CA ALA B 885 52.67 5.79 -2.10
C ALA B 885 51.37 6.28 -2.70
N GLN B 886 50.78 7.33 -2.11
CA GLN B 886 49.58 7.91 -2.69
C GLN B 886 49.89 8.71 -3.95
N THR B 887 50.96 9.51 -3.92
CA THR B 887 51.40 10.28 -5.07
C THR B 887 52.84 9.92 -5.38
N TRP B 888 53.13 9.68 -6.66
CA TRP B 888 54.47 9.32 -7.12
C TRP B 888 55.24 10.50 -7.66
N SER B 889 54.97 11.71 -7.15
CA SER B 889 55.60 12.90 -7.71
C SER B 889 57.08 13.00 -7.38
N ASN B 890 57.52 12.38 -6.29
CA ASN B 890 58.90 12.54 -5.86
C ASN B 890 59.89 11.75 -6.71
N ILE B 891 59.41 10.78 -7.48
CA ILE B 891 60.28 10.01 -8.37
C ILE B 891 60.15 10.48 -9.82
N TYR B 892 59.72 11.71 -10.04
CA TYR B 892 59.59 12.23 -11.39
C TYR B 892 60.94 12.25 -12.10
N ASP B 893 62.00 12.66 -11.39
CA ASP B 893 63.32 12.69 -11.99
C ASP B 893 63.79 11.32 -12.44
N LEU B 894 63.21 10.26 -11.90
CA LEU B 894 63.51 8.90 -12.33
C LEU B 894 62.65 8.47 -13.51
N VAL B 895 61.54 9.15 -13.78
CA VAL B 895 60.55 8.70 -14.76
C VAL B 895 60.32 9.82 -15.76
N VAL B 896 61.35 10.63 -16.00
CA VAL B 896 61.22 11.74 -16.96
C VAL B 896 61.12 11.15 -18.36
N PRO B 897 60.06 11.45 -19.12
CA PRO B 897 59.95 10.93 -20.49
C PRO B 897 61.00 11.53 -21.40
N PHE B 898 61.13 12.86 -21.39
CA PHE B 898 62.08 13.58 -22.24
C PHE B 898 62.99 14.44 -21.37
N PRO B 899 64.17 13.96 -20.99
CA PRO B 899 65.05 14.76 -20.13
C PRO B 899 65.54 16.04 -20.77
N SER B 900 65.46 16.18 -22.10
CA SER B 900 65.94 17.35 -22.80
C SER B 900 64.88 18.43 -22.97
N ALA B 901 63.89 18.48 -22.08
CA ALA B 901 62.85 19.50 -22.09
C ALA B 901 62.73 20.12 -20.72
N PRO B 902 63.69 20.94 -20.31
CA PRO B 902 63.66 21.55 -18.97
C PRO B 902 62.88 22.87 -18.91
N SER B 903 61.55 22.75 -18.89
CA SER B 903 60.67 23.90 -18.78
C SER B 903 59.89 23.93 -17.47
N MET B 904 60.19 23.01 -16.55
CA MET B 904 59.51 22.95 -15.26
C MET B 904 60.45 23.12 -14.07
N ASP B 905 61.74 22.80 -14.23
CA ASP B 905 62.70 22.98 -13.16
C ASP B 905 63.06 24.45 -12.94
N THR B 906 62.69 25.33 -13.87
CA THR B 906 63.01 26.75 -13.73
C THR B 906 62.28 27.40 -12.56
N THR B 907 61.05 26.93 -12.28
CA THR B 907 60.22 27.58 -11.27
C THR B 907 60.93 27.62 -9.92
N GLU B 908 61.19 26.46 -9.31
CA GLU B 908 61.87 26.41 -8.03
C GLU B 908 63.32 26.87 -8.14
N ALA B 909 63.90 26.82 -9.34
CA ALA B 909 65.26 27.32 -9.52
C ALA B 909 65.33 28.82 -9.29
N MET B 910 64.34 29.57 -9.77
CA MET B 910 64.39 31.03 -9.68
C MET B 910 63.42 31.61 -8.66
N LEU B 911 62.67 30.78 -7.92
CA LEU B 911 61.82 31.33 -6.87
C LEU B 911 62.61 32.05 -5.78
N LYS B 912 63.91 31.80 -5.69
CA LYS B 912 64.74 32.53 -4.72
C LYS B 912 64.84 34.01 -5.03
N GLN B 913 64.47 34.44 -6.25
CA GLN B 913 64.51 35.85 -6.60
C GLN B 913 63.42 36.66 -5.92
N GLY B 914 62.44 36.01 -5.29
CA GLY B 914 61.34 36.71 -4.67
C GLY B 914 60.21 35.78 -4.25
N TRP B 915 58.99 36.13 -4.65
CA TRP B 915 57.81 35.30 -4.41
C TRP B 915 57.57 35.09 -2.91
N THR B 916 57.36 36.20 -2.22
CA THR B 916 57.00 36.13 -0.81
C THR B 916 55.61 35.52 -0.65
N PRO B 917 55.36 34.82 0.46
CA PRO B 917 54.02 34.25 0.67
C PRO B 917 52.92 35.29 0.61
N ARG B 918 53.14 36.47 1.19
CA ARG B 918 52.14 37.53 1.15
C ARG B 918 51.80 37.89 -0.29
N ARG B 919 52.84 38.12 -1.11
CA ARG B 919 52.60 38.57 -2.48
C ARG B 919 52.04 37.47 -3.36
N MET B 920 52.41 36.21 -3.10
CA MET B 920 51.85 35.13 -3.92
C MET B 920 50.38 34.87 -3.58
N PHE B 921 50.01 34.95 -2.29
CA PHE B 921 48.60 34.88 -1.94
C PHE B 921 47.83 36.09 -2.46
N LYS B 922 48.46 37.26 -2.47
CA LYS B 922 47.82 38.43 -3.06
C LYS B 922 47.57 38.22 -4.54
N GLU B 923 48.55 37.64 -5.25
CA GLU B 923 48.35 37.30 -6.65
C GLU B 923 47.25 36.27 -6.83
N ALA B 924 47.17 35.28 -5.92
CA ALA B 924 46.13 34.27 -6.01
C ALA B 924 44.74 34.89 -5.88
N ASP B 925 44.55 35.77 -4.89
CA ASP B 925 43.24 36.40 -4.75
C ASP B 925 42.99 37.41 -5.87
N ASP B 926 44.06 37.99 -6.44
CA ASP B 926 43.89 38.83 -7.61
C ASP B 926 43.35 38.04 -8.78
N PHE B 927 43.89 36.84 -9.01
CA PHE B 927 43.35 35.96 -10.05
C PHE B 927 41.91 35.56 -9.73
N PHE B 928 41.63 35.26 -8.46
CA PHE B 928 40.26 34.97 -8.05
C PHE B 928 39.31 36.09 -8.43
N THR B 929 39.68 37.33 -8.12
CA THR B 929 38.83 38.48 -8.44
C THR B 929 38.73 38.68 -9.96
N SER B 930 39.83 38.48 -10.68
CA SER B 930 39.80 38.61 -12.13
C SER B 930 38.86 37.60 -12.77
N LEU B 931 38.73 36.43 -12.14
CA LEU B 931 37.74 35.46 -12.61
C LEU B 931 36.32 35.99 -12.48
N GLY B 932 36.09 36.91 -11.54
CA GLY B 932 34.77 37.47 -11.32
C GLY B 932 34.16 37.01 -10.02
N LEU B 933 34.98 36.83 -9.00
CA LEU B 933 34.57 36.28 -7.72
C LEU B 933 34.66 37.35 -6.62
N LEU B 934 34.39 36.91 -5.39
CA LEU B 934 34.34 37.83 -4.25
C LEU B 934 35.73 38.17 -3.77
N PRO B 935 36.09 39.44 -3.66
CA PRO B 935 37.39 39.81 -3.09
C PRO B 935 37.49 39.43 -1.62
N VAL B 936 38.71 39.12 -1.20
CA VAL B 936 39.00 38.74 0.17
C VAL B 936 38.97 39.98 1.08
N PRO B 937 38.35 39.91 2.26
CA PRO B 937 38.36 41.05 3.16
C PRO B 937 39.78 41.34 3.64
N PRO B 938 40.07 42.60 3.97
CA PRO B 938 41.44 42.95 4.38
C PRO B 938 41.89 42.31 5.69
N GLU B 939 40.96 41.79 6.50
CA GLU B 939 41.35 41.18 7.77
C GLU B 939 42.26 39.98 7.57
N PHE B 940 42.25 39.37 6.39
CA PHE B 940 43.12 38.23 6.13
C PHE B 940 44.59 38.63 6.19
N TRP B 941 44.90 39.89 5.95
CA TRP B 941 46.27 40.40 6.05
C TRP B 941 46.49 41.23 7.31
N ASN B 942 45.51 42.04 7.70
CA ASN B 942 45.64 42.84 8.91
C ASN B 942 45.68 41.96 10.16
N LYS B 943 44.84 40.92 10.19
CA LYS B 943 44.74 40.05 11.36
C LYS B 943 45.40 38.70 11.16
N SER B 944 45.03 37.96 10.11
CA SER B 944 45.48 36.59 9.96
C SER B 944 46.95 36.52 9.57
N MET B 945 47.58 35.40 9.93
CA MET B 945 48.95 35.08 9.53
C MET B 945 48.97 33.73 8.82
N LEU B 946 50.01 33.52 8.02
CA LEU B 946 50.15 32.26 7.31
C LEU B 946 51.55 31.68 7.45
N GLU B 947 52.55 32.53 7.70
CA GLU B 947 53.94 32.09 7.77
C GLU B 947 54.21 31.61 9.18
N LYS B 948 53.92 30.33 9.43
CA LYS B 948 54.10 29.71 10.74
C LYS B 948 54.93 28.44 10.59
N PRO B 949 56.24 28.57 10.38
CA PRO B 949 57.10 27.38 10.37
C PRO B 949 57.12 26.72 11.74
N THR B 950 57.48 27.48 12.77
CA THR B 950 57.40 27.03 14.15
C THR B 950 56.44 27.87 14.97
N ASP B 951 56.62 29.19 15.00
CA ASP B 951 55.68 30.13 15.62
C ASP B 951 55.37 29.75 17.07
N GLY B 952 56.36 29.21 17.77
CA GLY B 952 56.18 28.84 19.16
C GLY B 952 55.13 27.77 19.39
N ARG B 953 55.12 26.74 18.55
CA ARG B 953 54.21 25.62 18.73
C ARG B 953 54.91 24.34 18.27
N GLU B 954 54.40 23.21 18.76
CA GLU B 954 55.01 21.90 18.54
C GLU B 954 54.01 20.94 17.92
N VAL B 955 53.31 21.39 16.89
CA VAL B 955 52.35 20.57 16.16
C VAL B 955 52.81 20.47 14.72
N VAL B 956 52.76 19.25 14.16
CA VAL B 956 53.17 19.06 12.77
C VAL B 956 52.27 19.86 11.84
N CYS B 957 52.81 20.22 10.69
CA CYS B 957 52.12 21.11 9.77
C CYS B 957 50.91 20.43 9.14
N HIS B 958 49.85 21.21 8.96
CA HIS B 958 48.63 20.79 8.27
C HIS B 958 48.35 21.75 7.12
N ALA B 959 47.30 21.44 6.36
CA ALA B 959 46.87 22.24 5.22
C ALA B 959 45.37 22.46 5.25
N SER B 960 44.87 22.86 6.41
CA SER B 960 43.43 23.01 6.64
C SER B 960 43.01 24.48 6.62
N ALA B 961 41.71 24.68 6.46
CA ALA B 961 41.11 26.01 6.42
C ALA B 961 40.02 26.09 7.49
N TRP B 962 40.02 27.17 8.25
CA TRP B 962 39.07 27.36 9.34
C TRP B 962 38.14 28.54 9.03
N ASP B 963 36.87 28.37 9.39
CA ASP B 963 35.84 29.36 9.11
C ASP B 963 35.05 29.64 10.38
N PHE B 964 34.60 30.89 10.50
CA PHE B 964 33.74 31.31 11.60
C PHE B 964 32.93 32.52 11.15
N TYR B 965 31.66 32.56 11.57
CA TYR B 965 30.75 33.64 11.17
C TYR B 965 30.91 34.83 12.11
N ASN B 966 32.08 35.48 12.00
CA ASN B 966 32.38 36.68 12.75
C ASN B 966 32.05 37.95 11.99
N GLY B 967 31.02 37.90 11.15
CA GLY B 967 30.73 38.96 10.21
C GLY B 967 31.45 38.71 8.90
N LYS B 968 32.77 38.92 8.90
CA LYS B 968 33.58 38.64 7.71
C LYS B 968 34.98 38.31 8.21
N ASP B 969 35.28 37.02 8.35
CA ASP B 969 36.59 36.59 8.85
C ASP B 969 36.79 35.12 8.49
N PHE B 970 37.80 34.86 7.66
CA PHE B 970 38.19 33.49 7.32
C PHE B 970 39.71 33.45 7.25
N ARG B 971 40.32 32.53 7.99
CA ARG B 971 41.77 32.47 8.13
C ARG B 971 42.26 31.03 8.00
N ILE B 972 43.51 30.88 7.61
CA ILE B 972 44.10 29.56 7.34
C ILE B 972 45.42 29.42 8.09
N LYS B 973 45.90 28.17 8.17
CA LYS B 973 47.21 27.86 8.70
C LYS B 973 47.86 26.80 7.83
N GLN B 974 49.15 26.95 7.56
CA GLN B 974 49.92 25.99 6.79
C GLN B 974 51.39 26.35 6.86
N CYS B 975 52.24 25.34 6.68
CA CYS B 975 53.69 25.53 6.65
C CYS B 975 54.11 25.90 5.23
N THR B 976 54.77 27.05 5.09
CA THR B 976 55.10 27.62 3.80
C THR B 976 56.52 27.29 3.40
N THR B 977 56.68 26.67 2.23
CA THR B 977 57.96 26.35 1.63
C THR B 977 58.17 27.23 0.40
N VAL B 978 59.23 26.96 -0.35
CA VAL B 978 59.54 27.69 -1.57
C VAL B 978 59.57 26.67 -2.70
N ASN B 979 58.43 26.44 -3.34
CA ASN B 979 58.32 25.54 -4.48
C ASN B 979 56.94 25.74 -5.11
N LEU B 980 56.67 24.98 -6.17
CA LEU B 980 55.40 25.09 -6.87
C LEU B 980 54.25 24.43 -6.12
N GLU B 981 54.52 23.33 -5.41
CA GLU B 981 53.48 22.70 -4.61
C GLU B 981 52.93 23.66 -3.56
N ASP B 982 53.77 24.57 -3.06
CA ASP B 982 53.28 25.59 -2.14
C ASP B 982 52.24 26.48 -2.81
N LEU B 983 52.49 26.89 -4.06
CA LEU B 983 51.49 27.68 -4.78
C LEU B 983 50.23 26.87 -5.04
N VAL B 984 50.37 25.58 -5.36
CA VAL B 984 49.20 24.75 -5.63
C VAL B 984 48.34 24.63 -4.38
N VAL B 985 48.96 24.34 -3.23
CA VAL B 985 48.20 24.23 -2.00
C VAL B 985 47.65 25.59 -1.57
N ALA B 986 48.36 26.67 -1.88
CA ALA B 986 47.84 28.00 -1.62
C ALA B 986 46.56 28.26 -2.39
N HIS B 987 46.54 27.86 -3.67
CA HIS B 987 45.32 28.03 -4.45
C HIS B 987 44.21 27.10 -3.98
N HIS B 988 44.56 25.91 -3.49
CA HIS B 988 43.56 25.02 -2.92
C HIS B 988 42.90 25.65 -1.69
N GLU B 989 43.70 26.20 -0.78
CA GLU B 989 43.15 26.87 0.39
C GLU B 989 42.38 28.13 0.01
N MET B 990 42.85 28.85 -1.02
CA MET B 990 42.12 30.02 -1.49
C MET B 990 40.74 29.64 -2.01
N GLY B 991 40.66 28.52 -2.74
CA GLY B 991 39.36 28.03 -3.17
C GLY B 991 38.48 27.64 -2.00
N HIS B 992 39.07 27.00 -0.99
CA HIS B 992 38.33 26.72 0.24
C HIS B 992 37.72 27.99 0.83
N ILE B 993 38.54 29.04 0.94
CA ILE B 993 38.08 30.27 1.58
C ILE B 993 37.04 30.98 0.73
N GLN B 994 37.19 30.94 -0.59
CA GLN B 994 36.18 31.51 -1.48
C GLN B 994 34.86 30.76 -1.36
N TYR B 995 34.91 29.44 -1.24
CA TYR B 995 33.71 28.67 -0.98
C TYR B 995 33.08 29.08 0.34
N PHE B 996 33.92 29.35 1.35
CA PHE B 996 33.40 29.86 2.62
C PHE B 996 32.66 31.18 2.42
N MET B 997 33.22 32.08 1.61
CA MET B 997 32.58 33.36 1.37
C MET B 997 31.25 33.21 0.64
N GLN B 998 31.19 32.32 -0.36
CA GLN B 998 30.12 32.41 -1.35
C GLN B 998 28.74 32.17 -0.77
N TYR B 999 28.61 31.24 0.17
CA TYR B 999 27.31 30.92 0.77
C TYR B 999 27.10 31.62 2.10
N LYS B 1000 27.55 32.88 2.20
CA LYS B 1000 27.52 33.61 3.45
C LYS B 1000 26.11 33.76 4.00
N ASP B 1001 25.16 34.09 3.14
CA ASP B 1001 23.81 34.41 3.60
C ASP B 1001 22.98 33.19 3.97
N LEU B 1002 23.46 31.99 3.67
CA LEU B 1002 22.72 30.78 3.98
C LEU B 1002 22.71 30.53 5.50
N PRO B 1003 21.79 29.71 5.99
CA PRO B 1003 21.79 29.35 7.41
C PRO B 1003 23.06 28.61 7.79
N VAL B 1004 23.33 28.59 9.09
CA VAL B 1004 24.56 27.97 9.59
C VAL B 1004 24.57 26.48 9.29
N ALA B 1005 23.42 25.81 9.49
CA ALA B 1005 23.36 24.38 9.25
C ALA B 1005 23.55 24.03 7.78
N LEU B 1006 23.26 24.98 6.88
CA LEU B 1006 23.42 24.79 5.44
C LEU B 1006 24.69 25.42 4.91
N ARG B 1007 25.76 25.40 5.70
CA ARG B 1007 27.03 25.98 5.30
C ARG B 1007 27.96 24.99 4.63
N GLU B 1008 27.49 23.79 4.32
CA GLU B 1008 28.32 22.80 3.66
C GLU B 1008 28.33 23.03 2.14
N GLY B 1009 29.39 22.60 1.49
CA GLY B 1009 29.51 22.73 0.06
C GLY B 1009 29.00 21.51 -0.70
N ALA B 1010 27.69 21.32 -0.72
CA ALA B 1010 27.04 20.15 -1.34
C ALA B 1010 27.65 18.91 -0.67
N ASN B 1011 27.91 17.84 -1.42
CA ASN B 1011 28.63 16.73 -0.83
C ASN B 1011 30.07 17.14 -0.56
N PRO B 1012 30.75 16.51 0.39
CA PRO B 1012 32.08 17.01 0.78
C PRO B 1012 33.16 16.63 -0.20
N GLY B 1013 32.86 16.72 -1.50
CA GLY B 1013 33.85 16.49 -2.54
C GLY B 1013 33.94 17.73 -3.39
N PHE B 1014 32.87 18.53 -3.38
CA PHE B 1014 32.89 19.83 -4.02
C PHE B 1014 33.84 20.78 -3.29
N HIS B 1015 33.90 20.68 -1.97
CA HIS B 1015 34.73 21.59 -1.19
C HIS B 1015 36.20 21.51 -1.59
N GLU B 1016 36.72 20.30 -1.76
CA GLU B 1016 38.09 20.13 -2.20
C GLU B 1016 38.26 20.42 -3.68
N ALA B 1017 37.23 20.21 -4.49
CA ALA B 1017 37.35 20.33 -5.94
C ALA B 1017 37.51 21.77 -6.39
N ILE B 1018 36.90 22.73 -5.68
CA ILE B 1018 36.85 24.10 -6.17
C ILE B 1018 38.25 24.70 -6.27
N GLY B 1019 39.05 24.53 -5.22
CA GLY B 1019 40.41 25.06 -5.25
C GLY B 1019 41.28 24.38 -6.29
N ASP B 1020 41.16 23.05 -6.39
CA ASP B 1020 41.98 22.32 -7.35
C ASP B 1020 41.60 22.65 -8.78
N VAL B 1021 40.35 23.06 -9.02
CA VAL B 1021 39.94 23.43 -10.37
C VAL B 1021 40.77 24.60 -10.88
N LEU B 1022 40.93 25.63 -10.05
CA LEU B 1022 41.75 26.77 -10.43
C LEU B 1022 43.23 26.46 -10.31
N ALA B 1023 43.62 25.54 -9.42
CA ALA B 1023 45.01 25.12 -9.36
C ALA B 1023 45.45 24.42 -10.64
N LEU B 1024 44.52 23.71 -11.30
CA LEU B 1024 44.83 23.07 -12.57
C LEU B 1024 45.19 24.11 -13.63
N SER B 1025 44.41 25.20 -13.70
CA SER B 1025 44.70 26.25 -14.68
C SER B 1025 45.90 27.08 -14.29
N VAL B 1026 46.20 27.16 -12.99
CA VAL B 1026 47.36 27.92 -12.54
C VAL B 1026 48.65 27.23 -12.95
N SER B 1027 48.67 25.90 -12.90
CA SER B 1027 49.89 25.14 -13.13
C SER B 1027 50.21 24.92 -14.60
N THR B 1028 49.37 25.39 -15.52
CA THR B 1028 49.66 25.21 -16.93
C THR B 1028 50.86 26.07 -17.34
N PRO B 1029 51.64 25.61 -18.34
CA PRO B 1029 52.82 26.39 -18.74
C PRO B 1029 52.49 27.79 -19.25
N LYS B 1030 51.31 28.02 -19.83
CA LYS B 1030 50.94 29.37 -20.22
C LYS B 1030 50.78 30.28 -19.01
N HIS B 1031 50.09 29.80 -17.98
CA HIS B 1031 49.92 30.58 -16.77
C HIS B 1031 51.20 30.66 -15.95
N LEU B 1032 52.15 29.75 -16.18
CA LEU B 1032 53.46 29.91 -15.56
C LEU B 1032 54.28 30.97 -16.29
N HIS B 1033 54.20 31.00 -17.63
CA HIS B 1033 54.87 32.06 -18.38
C HIS B 1033 54.30 33.42 -18.00
N SER B 1034 52.99 33.53 -17.93
CA SER B 1034 52.38 34.71 -17.32
C SER B 1034 52.66 34.72 -15.83
N LEU B 1035 52.66 35.90 -15.23
CA LEU B 1035 53.02 36.13 -13.83
C LEU B 1035 54.45 35.69 -13.52
N ASN B 1036 55.24 35.36 -14.53
CA ASN B 1036 56.66 35.08 -14.38
C ASN B 1036 56.92 33.93 -13.40
N LEU B 1037 56.48 32.74 -13.79
CA LEU B 1037 56.75 31.52 -13.03
C LEU B 1037 57.73 30.59 -13.75
N LEU B 1038 58.14 30.92 -14.97
CA LEU B 1038 59.21 30.20 -15.64
C LEU B 1038 59.84 31.14 -16.66
N SER B 1039 61.02 30.74 -17.15
CA SER B 1039 61.72 31.55 -18.14
C SER B 1039 60.99 31.55 -19.47
N SER B 1040 60.84 30.37 -20.08
CA SER B 1040 60.18 30.27 -21.37
C SER B 1040 59.40 28.96 -21.43
N GLU B 1041 58.34 28.97 -22.25
CA GLU B 1041 57.49 27.81 -22.43
C GLU B 1041 57.33 27.52 -23.92
N GLY B 1042 57.03 26.27 -24.23
CA GLY B 1042 56.82 25.86 -25.61
C GLY B 1042 55.72 24.83 -25.71
N GLY B 1043 55.03 24.85 -26.84
CA GLY B 1043 53.98 23.90 -27.13
C GLY B 1043 54.45 22.60 -27.73
N SER B 1044 55.77 22.39 -27.79
CA SER B 1044 56.32 21.18 -28.37
C SER B 1044 55.86 19.95 -27.58
N ASP B 1045 56.03 18.78 -28.22
CA ASP B 1045 55.55 17.54 -27.60
C ASP B 1045 56.31 17.22 -26.31
N GLU B 1046 57.60 17.57 -26.23
CA GLU B 1046 58.39 17.20 -25.08
C GLU B 1046 57.91 17.89 -23.81
N HIS B 1047 57.77 19.22 -23.86
CA HIS B 1047 57.32 19.96 -22.68
C HIS B 1047 55.91 19.56 -22.28
N ASP B 1048 55.03 19.40 -23.26
CA ASP B 1048 53.66 19.01 -22.97
C ASP B 1048 53.61 17.63 -22.32
N ILE B 1049 54.40 16.69 -22.83
CA ILE B 1049 54.40 15.34 -22.27
C ILE B 1049 55.00 15.33 -20.87
N ASN B 1050 56.03 16.14 -20.63
CA ASN B 1050 56.58 16.23 -19.28
C ASN B 1050 55.56 16.80 -18.30
N PHE B 1051 54.85 17.85 -18.72
CA PHE B 1051 53.82 18.43 -17.86
C PHE B 1051 52.71 17.43 -17.58
N LEU B 1052 52.28 16.70 -18.61
CA LEU B 1052 51.22 15.71 -18.42
C LEU B 1052 51.69 14.57 -17.52
N MET B 1053 52.95 14.17 -17.64
CA MET B 1053 53.47 13.12 -16.78
C MET B 1053 53.50 13.56 -15.32
N LYS B 1054 53.90 14.81 -15.08
CA LYS B 1054 53.87 15.32 -13.70
C LYS B 1054 52.45 15.33 -13.16
N MET B 1055 51.50 15.82 -13.95
CA MET B 1055 50.10 15.84 -13.51
C MET B 1055 49.59 14.42 -13.27
N ALA B 1056 50.02 13.47 -14.10
CA ALA B 1056 49.60 12.09 -13.92
C ALA B 1056 50.14 11.51 -12.62
N LEU B 1057 51.44 11.67 -12.38
CA LEU B 1057 52.03 11.20 -11.13
C LEU B 1057 51.38 11.88 -9.93
N ASP B 1058 50.78 13.04 -10.13
CA ASP B 1058 50.10 13.71 -9.02
C ASP B 1058 48.70 13.13 -8.78
N LYS B 1059 47.91 12.92 -9.83
CA LYS B 1059 46.49 12.62 -9.68
C LYS B 1059 46.12 11.18 -10.00
N ILE B 1060 46.62 10.64 -11.10
CA ILE B 1060 46.29 9.27 -11.49
C ILE B 1060 46.83 8.29 -10.44
N ALA B 1061 48.05 8.52 -9.99
CA ALA B 1061 48.67 7.63 -8.98
C ALA B 1061 47.85 7.66 -7.69
N PHE B 1062 47.02 8.70 -7.51
CA PHE B 1062 46.25 8.86 -6.25
C PHE B 1062 44.87 8.21 -6.38
N ILE B 1063 44.35 8.08 -7.60
CA ILE B 1063 42.97 7.55 -7.79
C ILE B 1063 42.80 6.25 -6.99
N PRO B 1064 43.63 5.20 -7.17
CA PRO B 1064 43.42 3.93 -6.45
C PRO B 1064 43.50 4.13 -4.94
N PHE B 1065 44.50 4.88 -4.46
CA PHE B 1065 44.70 5.07 -3.00
C PHE B 1065 43.45 5.71 -2.39
N SER B 1066 42.94 6.78 -3.02
CA SER B 1066 41.78 7.50 -2.46
C SER B 1066 40.58 6.55 -2.34
N TYR B 1067 40.33 5.75 -3.38
CA TYR B 1067 39.21 4.77 -3.36
C TYR B 1067 39.53 3.66 -2.35
N LEU B 1068 40.80 3.24 -2.26
CA LEU B 1068 41.20 2.11 -1.39
C LEU B 1068 40.95 2.44 0.09
N VAL B 1069 41.36 3.61 0.56
CA VAL B 1069 41.26 3.93 2.02
C VAL B 1069 39.84 3.67 2.52
N ASP B 1070 38.84 4.38 1.99
CA ASP B 1070 37.45 4.25 2.51
C ASP B 1070 36.90 2.86 2.18
N GLN B 1071 37.31 2.28 1.04
CA GLN B 1071 36.84 0.92 0.65
C GLN B 1071 37.16 -0.04 1.80
N TRP B 1072 38.40 0.00 2.31
CA TRP B 1072 38.79 -0.88 3.45
C TRP B 1072 37.99 -0.48 4.68
N ARG B 1073 37.90 0.81 4.96
CA ARG B 1073 37.21 1.28 6.17
C ARG B 1073 35.72 0.93 6.14
N TRP B 1074 35.08 0.99 4.97
CA TRP B 1074 33.69 0.58 4.87
C TRP B 1074 33.53 -0.90 5.18
N ARG B 1075 34.44 -1.73 4.69
CA ARG B 1075 34.34 -3.15 5.00
C ARG B 1075 34.66 -3.43 6.45
N VAL B 1076 35.50 -2.61 7.08
CA VAL B 1076 35.79 -2.78 8.50
C VAL B 1076 34.56 -2.44 9.34
N PHE B 1077 33.92 -1.31 9.03
CA PHE B 1077 32.71 -0.93 9.77
C PHE B 1077 31.56 -1.87 9.50
N ASP B 1078 31.55 -2.54 8.35
CA ASP B 1078 30.51 -3.49 7.98
C ASP B 1078 30.53 -4.75 8.83
N GLY B 1079 31.63 -5.04 9.51
CA GLY B 1079 31.82 -6.33 10.12
C GLY B 1079 32.35 -7.38 9.17
N SER B 1080 32.66 -7.02 7.93
CA SER B 1080 33.20 -7.98 6.98
C SER B 1080 34.67 -8.27 7.25
N ILE B 1081 35.41 -7.29 7.75
CA ILE B 1081 36.81 -7.45 8.13
C ILE B 1081 36.88 -7.43 9.64
N THR B 1082 37.38 -8.49 10.23
CA THR B 1082 37.50 -8.63 11.67
C THR B 1082 38.93 -8.32 12.11
N LYS B 1083 39.12 -8.21 13.43
CA LYS B 1083 40.40 -7.78 13.96
C LYS B 1083 41.54 -8.72 13.56
N GLU B 1084 41.22 -9.98 13.25
CA GLU B 1084 42.27 -10.94 12.93
C GLU B 1084 42.91 -10.67 11.58
N ASN B 1085 42.18 -10.05 10.65
CA ASN B 1085 42.69 -9.77 9.32
C ASN B 1085 42.44 -8.31 8.94
N TYR B 1086 42.76 -7.40 9.86
CA TYR B 1086 42.79 -5.98 9.52
C TYR B 1086 43.86 -5.71 8.47
N ASN B 1087 45.05 -6.28 8.68
CA ASN B 1087 46.18 -6.03 7.80
C ASN B 1087 46.08 -6.82 6.51
N GLN B 1088 45.62 -8.08 6.58
CA GLN B 1088 45.61 -8.94 5.41
C GLN B 1088 44.71 -8.38 4.32
N GLU B 1089 43.51 -7.93 4.70
CA GLU B 1089 42.60 -7.36 3.72
C GLU B 1089 43.08 -6.01 3.22
N TRP B 1090 43.76 -5.23 4.08
CA TRP B 1090 44.34 -3.98 3.63
C TRP B 1090 45.38 -4.21 2.54
N TRP B 1091 46.25 -5.20 2.73
CA TRP B 1091 47.27 -5.45 1.72
C TRP B 1091 46.69 -6.14 0.49
N SER B 1092 45.62 -6.93 0.67
CA SER B 1092 44.91 -7.46 -0.48
C SER B 1092 44.34 -6.34 -1.34
N LEU B 1093 43.76 -5.31 -0.70
CA LEU B 1093 43.28 -4.16 -1.44
C LEU B 1093 44.42 -3.40 -2.09
N ARG B 1094 45.55 -3.26 -1.38
CA ARG B 1094 46.70 -2.56 -1.95
C ARG B 1094 47.22 -3.26 -3.20
N LEU B 1095 47.21 -4.60 -3.19
CA LEU B 1095 47.64 -5.33 -4.37
C LEU B 1095 46.60 -5.29 -5.48
N LYS B 1096 45.31 -5.35 -5.12
CA LYS B 1096 44.27 -5.43 -6.13
C LYS B 1096 44.07 -4.11 -6.86
N TYR B 1097 44.03 -3.01 -6.12
CA TYR B 1097 43.74 -1.70 -6.71
C TYR B 1097 45.02 -0.97 -7.11
N GLN B 1098 45.89 -0.69 -6.14
CA GLN B 1098 47.11 0.06 -6.39
C GLN B 1098 48.19 -0.77 -7.08
N GLY B 1099 48.20 -2.07 -6.87
CA GLY B 1099 49.24 -2.91 -7.43
C GLY B 1099 50.58 -2.79 -6.75
N LEU B 1100 50.59 -2.74 -5.42
CA LEU B 1100 51.82 -2.66 -4.64
C LEU B 1100 51.96 -3.90 -3.77
N CYS B 1101 53.20 -4.19 -3.38
CA CYS B 1101 53.49 -5.36 -2.57
C CYS B 1101 54.24 -4.95 -1.32
N PRO B 1102 54.10 -5.70 -0.23
CA PRO B 1102 54.82 -5.36 0.99
C PRO B 1102 56.31 -5.56 0.80
N PRO B 1103 57.12 -4.54 1.11
CA PRO B 1103 58.57 -4.71 1.04
C PRO B 1103 59.08 -5.79 1.97
N VAL B 1104 58.42 -6.00 3.10
CA VAL B 1104 58.78 -7.05 4.05
C VAL B 1104 57.52 -7.81 4.43
N PRO B 1105 57.65 -9.06 4.86
CA PRO B 1105 56.47 -9.83 5.28
C PRO B 1105 55.75 -9.14 6.42
N ARG B 1106 54.50 -8.75 6.17
CA ARG B 1106 53.66 -8.11 7.18
C ARG B 1106 52.80 -9.18 7.84
N THR B 1107 52.94 -9.34 9.15
CA THR B 1107 52.20 -10.33 9.90
C THR B 1107 50.95 -9.72 10.51
N GLN B 1108 50.16 -10.57 11.15
CA GLN B 1108 49.05 -10.10 11.95
C GLN B 1108 49.59 -9.40 13.20
N GLY B 1109 48.92 -8.33 13.60
CA GLY B 1109 49.43 -7.50 14.68
C GLY B 1109 50.34 -6.38 14.26
N ASP B 1110 50.33 -6.03 12.97
CA ASP B 1110 51.14 -4.92 12.46
C ASP B 1110 50.32 -3.66 12.20
N PHE B 1111 49.07 -3.81 11.78
CA PHE B 1111 48.16 -2.69 11.52
C PHE B 1111 48.83 -1.60 10.68
N ASP B 1112 49.19 -1.97 9.45
CA ASP B 1112 49.69 -0.98 8.51
C ASP B 1112 48.72 0.17 8.25
N PRO B 1113 47.39 -0.03 8.15
CA PRO B 1113 46.50 1.11 7.89
C PRO B 1113 46.57 2.19 8.95
N GLY B 1114 46.99 1.87 10.17
CA GLY B 1114 47.07 2.87 11.22
C GLY B 1114 48.12 3.94 10.97
N ALA B 1115 49.05 3.69 10.05
CA ALA B 1115 50.09 4.67 9.75
C ALA B 1115 49.58 5.82 8.91
N LYS B 1116 48.46 5.65 8.21
CA LYS B 1116 47.83 6.75 7.50
C LYS B 1116 47.20 7.71 8.51
N PHE B 1117 47.35 9.01 8.28
CA PHE B 1117 46.87 9.98 9.26
C PHE B 1117 45.35 9.93 9.40
N HIS B 1118 44.64 9.75 8.29
CA HIS B 1118 43.19 9.88 8.30
C HIS B 1118 42.47 8.74 8.99
N ILE B 1119 43.13 7.62 9.23
CA ILE B 1119 42.44 6.45 9.79
C ILE B 1119 42.27 6.58 11.31
N PRO B 1120 43.33 6.96 12.11
CA PRO B 1120 43.10 7.25 13.53
C PRO B 1120 42.63 8.69 13.77
N SER B 1121 41.81 9.19 12.87
CA SER B 1121 41.20 10.50 13.07
C SER B 1121 39.74 10.56 12.64
N SER B 1122 39.15 9.45 12.21
CA SER B 1122 37.75 9.38 11.82
C SER B 1122 37.42 10.42 10.75
N VAL B 1123 38.34 10.60 9.81
CA VAL B 1123 38.17 11.54 8.70
C VAL B 1123 37.84 10.73 7.45
N PRO B 1124 36.66 10.90 6.85
CA PRO B 1124 36.36 10.18 5.61
C PRO B 1124 37.34 10.53 4.50
N TYR B 1125 37.61 9.55 3.63
CA TYR B 1125 38.61 9.70 2.59
C TYR B 1125 38.07 9.55 1.17
N ILE B 1126 36.85 9.04 0.99
CA ILE B 1126 36.30 8.95 -0.36
C ILE B 1126 36.02 10.33 -0.94
N ARG B 1127 36.01 11.35 -0.08
CA ARG B 1127 35.83 12.71 -0.56
C ARG B 1127 36.94 13.13 -1.51
N TYR B 1128 38.15 12.59 -1.32
CA TYR B 1128 39.25 12.93 -2.22
C TYR B 1128 39.09 12.24 -3.56
N PHE B 1129 38.58 11.01 -3.57
CA PHE B 1129 38.25 10.34 -4.83
C PHE B 1129 37.20 11.14 -5.59
N VAL B 1130 36.13 11.53 -4.91
CA VAL B 1130 35.06 12.27 -5.56
C VAL B 1130 35.58 13.61 -6.08
N SER B 1131 36.41 14.29 -5.29
CA SER B 1131 36.95 15.58 -5.71
C SER B 1131 37.87 15.43 -6.91
N PHE B 1132 38.71 14.39 -6.93
CA PHE B 1132 39.61 14.20 -8.06
C PHE B 1132 38.85 13.85 -9.33
N ILE B 1133 37.73 13.14 -9.21
CA ILE B 1133 36.88 12.91 -10.38
C ILE B 1133 36.19 14.21 -10.81
N ILE B 1134 35.69 14.98 -9.84
CA ILE B 1134 34.81 16.10 -10.12
C ILE B 1134 35.58 17.28 -10.71
N GLN B 1135 36.81 17.50 -10.24
CA GLN B 1135 37.53 18.71 -10.61
C GLN B 1135 37.85 18.76 -12.10
N PHE B 1136 38.09 17.62 -12.74
CA PHE B 1136 38.36 17.65 -14.17
C PHE B 1136 37.10 17.93 -14.97
N GLN B 1137 35.95 17.43 -14.52
CA GLN B 1137 34.68 17.80 -15.14
C GLN B 1137 34.44 19.29 -15.00
N PHE B 1138 34.71 19.85 -13.81
CA PHE B 1138 34.54 21.28 -13.60
C PHE B 1138 35.47 22.07 -14.50
N HIS B 1139 36.72 21.65 -14.62
CA HIS B 1139 37.68 22.32 -15.49
C HIS B 1139 37.21 22.29 -16.93
N GLU B 1140 36.74 21.13 -17.40
CA GLU B 1140 36.27 21.03 -18.78
C GLU B 1140 35.07 21.92 -19.03
N ALA B 1141 34.11 21.94 -18.10
CA ALA B 1141 32.93 22.79 -18.27
C ALA B 1141 33.31 24.27 -18.26
N LEU B 1142 34.21 24.67 -17.36
CA LEU B 1142 34.63 26.07 -17.30
C LEU B 1142 35.37 26.47 -18.58
N CYS B 1143 36.22 25.58 -19.10
CA CYS B 1143 36.89 25.87 -20.37
C CYS B 1143 35.89 25.99 -21.50
N GLN B 1144 34.89 25.10 -21.55
CA GLN B 1144 33.89 25.14 -22.61
C GLN B 1144 33.09 26.44 -22.55
N ALA B 1145 32.73 26.87 -21.34
CA ALA B 1145 32.04 28.16 -21.20
C ALA B 1145 32.97 29.31 -21.55
N ALA B 1146 34.28 29.14 -21.37
CA ALA B 1146 35.25 30.17 -21.69
C ALA B 1146 35.87 30.00 -23.08
N GLY B 1147 35.42 29.02 -23.85
CA GLY B 1147 35.95 28.80 -25.20
C GLY B 1147 37.17 27.89 -25.16
N HIS B 1148 38.34 28.43 -25.52
CA HIS B 1148 39.60 27.70 -25.48
C HIS B 1148 39.52 26.37 -26.21
N THR B 1149 38.99 26.41 -27.43
CA THR B 1149 38.85 25.20 -28.23
C THR B 1149 40.22 24.60 -28.53
N GLY B 1150 40.32 23.28 -28.37
CA GLY B 1150 41.56 22.57 -28.56
C GLY B 1150 41.84 21.60 -27.43
N PRO B 1151 43.11 21.32 -27.17
CA PRO B 1151 43.45 20.45 -26.04
C PRO B 1151 43.00 21.06 -24.72
N LEU B 1152 42.53 20.20 -23.82
CA LEU B 1152 42.02 20.65 -22.53
C LEU B 1152 43.15 21.02 -21.56
N HIS B 1153 44.29 20.33 -21.63
CA HIS B 1153 45.36 20.55 -20.67
C HIS B 1153 46.08 21.87 -20.86
N LYS B 1154 45.85 22.57 -21.97
CA LYS B 1154 46.44 23.88 -22.20
C LYS B 1154 45.44 25.02 -22.06
N CYS B 1155 44.18 24.71 -21.75
CA CYS B 1155 43.20 25.75 -21.52
C CYS B 1155 43.50 26.49 -20.22
N ASP B 1156 43.23 27.80 -20.22
CA ASP B 1156 43.42 28.63 -19.04
C ASP B 1156 42.12 29.35 -18.72
N ILE B 1157 41.72 29.30 -17.45
CA ILE B 1157 40.49 29.94 -17.01
C ILE B 1157 40.66 31.42 -16.71
N TYR B 1158 41.87 31.96 -16.88
CA TYR B 1158 42.11 33.37 -16.63
C TYR B 1158 41.26 34.24 -17.55
N GLN B 1159 40.69 35.30 -16.98
CA GLN B 1159 39.85 36.24 -17.71
C GLN B 1159 38.66 35.53 -18.36
N SER B 1160 37.89 34.81 -17.55
CA SER B 1160 36.70 34.10 -18.00
C SER B 1160 35.53 34.55 -17.12
N LYS B 1161 34.88 35.64 -17.53
CA LYS B 1161 33.78 36.18 -16.74
C LYS B 1161 32.60 35.23 -16.71
N GLU B 1162 32.27 34.61 -17.83
CA GLU B 1162 31.14 33.68 -17.88
C GLU B 1162 31.41 32.44 -17.02
N ALA B 1163 32.64 31.90 -17.09
CA ALA B 1163 32.97 30.76 -16.26
C ALA B 1163 32.91 31.12 -14.78
N GLY B 1164 33.45 32.28 -14.41
CA GLY B 1164 33.40 32.69 -13.01
C GLY B 1164 31.98 32.90 -12.52
N GLN B 1165 31.12 33.50 -13.35
CA GLN B 1165 29.76 33.75 -12.92
C GLN B 1165 28.97 32.44 -12.81
N ARG B 1166 29.23 31.47 -13.70
CA ARG B 1166 28.53 30.20 -13.58
C ARG B 1166 29.04 29.41 -12.38
N LEU B 1167 30.34 29.48 -12.10
CA LEU B 1167 30.86 28.85 -10.89
C LEU B 1167 30.27 29.47 -9.65
N ALA B 1168 30.12 30.80 -9.64
CA ALA B 1168 29.50 31.48 -8.50
C ALA B 1168 28.03 31.11 -8.35
N THR B 1169 27.30 31.06 -9.47
CA THR B 1169 25.87 30.76 -9.41
C THR B 1169 25.61 29.30 -9.06
N ALA B 1170 26.60 28.41 -9.24
CA ALA B 1170 26.46 27.05 -8.77
C ALA B 1170 27.06 26.82 -7.38
N MET B 1171 27.94 27.73 -6.93
CA MET B 1171 28.53 27.61 -5.60
C MET B 1171 27.65 28.24 -4.54
N LYS B 1172 26.86 29.26 -4.91
CA LYS B 1172 26.00 29.93 -3.94
C LYS B 1172 24.89 29.05 -3.42
N LEU B 1173 24.65 27.88 -4.02
CA LEU B 1173 23.64 26.96 -3.52
C LEU B 1173 24.02 26.44 -2.14
N GLY B 1174 25.30 26.20 -1.91
CA GLY B 1174 25.71 25.61 -0.64
C GLY B 1174 25.15 24.21 -0.49
N PHE B 1175 24.76 23.86 0.73
CA PHE B 1175 24.16 22.58 1.02
C PHE B 1175 22.64 22.62 0.96
N SER B 1176 22.06 23.74 0.54
CA SER B 1176 20.61 23.86 0.50
C SER B 1176 20.00 22.84 -0.46
N ARG B 1177 20.63 22.63 -1.61
CA ARG B 1177 20.13 21.69 -2.60
C ARG B 1177 21.13 20.55 -2.78
N PRO B 1178 20.66 19.37 -3.19
CA PRO B 1178 21.58 18.24 -3.39
C PRO B 1178 22.60 18.51 -4.46
N TRP B 1179 23.68 17.75 -4.42
CA TRP B 1179 24.81 17.98 -5.33
C TRP B 1179 24.50 17.75 -6.81
N PRO B 1180 23.57 16.89 -7.23
CA PRO B 1180 23.29 16.78 -8.67
C PRO B 1180 22.87 18.09 -9.30
N GLU B 1181 22.19 18.96 -8.55
CA GLU B 1181 21.78 20.25 -9.11
C GLU B 1181 22.99 21.13 -9.40
N ALA B 1182 23.94 21.20 -8.46
CA ALA B 1182 25.15 21.97 -8.69
C ALA B 1182 25.98 21.35 -9.81
N MET B 1183 25.98 20.01 -9.92
CA MET B 1183 26.63 19.35 -11.03
C MET B 1183 26.00 19.76 -12.36
N GLN B 1184 24.67 19.84 -12.40
CA GLN B 1184 23.97 20.22 -13.62
C GLN B 1184 24.29 21.67 -14.00
N LEU B 1185 24.29 22.57 -13.01
CA LEU B 1185 24.60 23.97 -13.30
C LEU B 1185 26.04 24.14 -13.79
N ILE B 1186 27.00 23.50 -13.13
CA ILE B 1186 28.39 23.67 -13.53
C ILE B 1186 28.65 23.03 -14.89
N THR B 1187 28.18 21.80 -15.07
CA THR B 1187 28.56 20.98 -16.23
C THR B 1187 27.46 20.90 -17.28
N GLY B 1188 26.25 20.53 -16.88
CA GLY B 1188 25.18 20.31 -17.83
C GLY B 1188 24.57 18.94 -17.70
N GLN B 1189 25.22 18.08 -16.92
CA GLN B 1189 24.71 16.74 -16.63
C GLN B 1189 24.82 16.50 -15.13
N PRO B 1190 23.80 15.89 -14.51
CA PRO B 1190 23.82 15.65 -13.07
C PRO B 1190 24.46 14.33 -12.67
N ASN B 1191 25.67 14.07 -13.18
CA ASN B 1191 26.32 12.80 -12.94
C ASN B 1191 27.83 12.99 -12.85
N MET B 1192 28.48 12.09 -12.13
CA MET B 1192 29.94 12.05 -12.04
C MET B 1192 30.48 11.16 -13.15
N SER B 1193 31.43 11.68 -13.92
CA SER B 1193 31.97 10.97 -15.06
C SER B 1193 33.49 11.05 -15.07
N ALA B 1194 34.13 9.97 -15.49
CA ALA B 1194 35.58 9.93 -15.64
C ALA B 1194 36.02 10.21 -17.07
N SER B 1195 35.10 10.62 -17.94
CA SER B 1195 35.46 10.91 -19.33
C SER B 1195 36.31 12.18 -19.42
N ALA B 1196 35.99 13.20 -18.63
CA ALA B 1196 36.77 14.43 -18.65
C ALA B 1196 38.21 14.19 -18.17
N MET B 1197 38.38 13.35 -17.16
CA MET B 1197 39.71 13.05 -16.66
C MET B 1197 40.56 12.37 -17.72
N LEU B 1198 39.97 11.46 -18.49
CA LEU B 1198 40.70 10.83 -19.57
C LEU B 1198 40.96 11.80 -20.72
N SER B 1199 40.00 12.67 -21.00
CA SER B 1199 40.18 13.64 -22.07
C SER B 1199 41.31 14.62 -21.74
N TYR B 1200 41.46 14.96 -20.47
CA TYR B 1200 42.62 15.76 -20.07
C TYR B 1200 43.92 15.01 -20.32
N PHE B 1201 43.94 13.71 -20.05
CA PHE B 1201 45.13 12.89 -20.18
C PHE B 1201 45.19 12.10 -21.48
N LYS B 1202 44.33 12.43 -22.44
CA LYS B 1202 44.33 11.68 -23.70
C LYS B 1202 45.66 11.72 -24.43
N PRO B 1203 46.34 12.86 -24.63
CA PRO B 1203 47.65 12.82 -25.27
C PRO B 1203 48.66 11.97 -24.51
N LEU B 1204 48.69 12.11 -23.19
CA LEU B 1204 49.60 11.30 -22.39
C LEU B 1204 49.22 9.83 -22.44
N LEU B 1205 47.92 9.53 -22.44
CA LEU B 1205 47.51 8.13 -22.54
C LEU B 1205 47.96 7.51 -23.86
N ASP B 1206 47.79 8.24 -24.96
CA ASP B 1206 48.23 7.73 -26.26
C ASP B 1206 49.74 7.53 -26.29
N TRP B 1207 50.49 8.52 -25.81
CA TRP B 1207 51.94 8.41 -25.81
C TRP B 1207 52.41 7.26 -24.93
N LEU B 1208 51.80 7.11 -23.76
CA LEU B 1208 52.17 6.04 -22.84
C LEU B 1208 51.86 4.68 -23.44
N ARG B 1209 50.71 4.53 -24.10
CA ARG B 1209 50.38 3.28 -24.75
C ARG B 1209 51.37 2.95 -25.87
N THR B 1210 51.73 3.96 -26.67
CA THR B 1210 52.69 3.74 -27.74
C THR B 1210 54.05 3.33 -27.18
N GLU B 1211 54.51 4.01 -26.13
CA GLU B 1211 55.81 3.68 -25.53
C GLU B 1211 55.80 2.30 -24.91
N ASN B 1212 54.71 1.93 -24.24
CA ASN B 1212 54.61 0.60 -23.64
C ASN B 1212 54.61 -0.49 -24.71
N GLU B 1213 53.89 -0.26 -25.81
CA GLU B 1213 53.90 -1.24 -26.89
C GLU B 1213 55.28 -1.36 -27.52
N LEU B 1214 55.98 -0.23 -27.68
CA LEU B 1214 57.34 -0.27 -28.21
C LEU B 1214 58.27 -1.04 -27.27
N HIS B 1215 58.13 -0.84 -25.96
CA HIS B 1215 58.95 -1.54 -24.99
C HIS B 1215 58.51 -2.98 -24.80
N GLY B 1216 57.29 -3.33 -25.19
CA GLY B 1216 56.80 -4.68 -25.02
C GLY B 1216 56.63 -5.08 -23.57
N GLU B 1217 55.74 -4.39 -22.86
CA GLU B 1217 55.48 -4.66 -21.45
C GLU B 1217 54.04 -5.13 -21.28
N LYS B 1218 53.86 -6.07 -20.36
CA LYS B 1218 52.53 -6.58 -20.06
C LYS B 1218 51.88 -5.69 -18.99
N LEU B 1219 50.71 -5.16 -19.30
CA LEU B 1219 49.99 -4.33 -18.35
C LEU B 1219 49.57 -5.16 -17.14
N GLY B 1220 49.33 -4.46 -16.04
CA GLY B 1220 48.98 -5.13 -14.82
C GLY B 1220 50.19 -5.81 -14.17
N TRP B 1221 49.88 -6.69 -13.24
CA TRP B 1221 50.89 -7.41 -12.46
C TRP B 1221 50.52 -8.88 -12.44
N PRO B 1222 50.74 -9.61 -13.54
CA PRO B 1222 50.35 -11.02 -13.56
C PRO B 1222 51.39 -11.91 -12.92
N GLN B 1223 51.95 -11.45 -11.81
CA GLN B 1223 52.80 -12.26 -10.93
C GLN B 1223 52.52 -11.87 -9.49
N TYR B 1224 51.22 -11.78 -9.16
CA TYR B 1224 50.80 -11.10 -7.93
C TYR B 1224 51.44 -11.70 -6.69
N ASN B 1225 51.79 -12.98 -6.72
CA ASN B 1225 52.44 -13.59 -5.56
C ASN B 1225 53.94 -13.32 -5.58
N TRP B 1226 54.30 -12.05 -5.69
CA TRP B 1226 55.70 -11.63 -5.74
C TRP B 1226 55.98 -10.66 -4.60
N THR B 1227 57.20 -10.72 -4.09
CA THR B 1227 57.63 -9.85 -3.00
C THR B 1227 59.16 -9.77 -3.05
N PRO B 1228 59.73 -8.57 -2.97
CA PRO B 1228 61.19 -8.47 -3.14
C PRO B 1228 61.98 -9.30 -2.14
N ASN B 1229 61.49 -9.43 -0.92
CA ASN B 1229 62.19 -10.21 0.09
C ASN B 1229 61.20 -10.86 1.06
C1 NAG C . -65.84 0.61 -29.95
C2 NAG C . -67.09 -0.11 -29.43
C3 NAG C . -67.13 -1.55 -29.95
C4 NAG C . -66.97 -1.65 -31.45
C5 NAG C . -65.81 -0.76 -31.90
C6 NAG C . -65.70 -0.62 -33.41
C7 NAG C . -66.63 -0.82 -27.06
C8 NAG C . -67.04 -0.49 -25.64
N2 NAG C . -67.24 -0.07 -28.00
O3 NAG C . -68.37 -2.08 -29.52
O4 NAG C . -66.65 -3.01 -31.69
O5 NAG C . -65.88 0.55 -31.35
O6 NAG C . -66.84 0.04 -33.91
O7 NAG C . -65.78 -1.69 -27.27
C1 NAG C . -67.57 -3.71 -32.55
C2 NAG C . -68.70 -4.33 -31.73
C3 NAG C . -69.59 -5.19 -32.63
C4 NAG C . -69.80 -4.68 -34.07
C5 NAG C . -68.73 -3.69 -34.55
C6 NAG C . -69.20 -2.75 -35.65
C7 NAG C . -68.56 -5.07 -29.38
C8 NAG C . -67.82 -6.02 -28.45
N2 NAG C . -68.16 -5.13 -30.66
O3 NAG C . -70.81 -5.38 -31.96
O4 NAG C . -69.70 -5.90 -34.78
O5 NAG C . -68.22 -2.89 -33.50
O6 NAG C . -68.15 -1.92 -36.06
O7 NAG C . -69.43 -4.33 -28.97
C1 BMA C . -70.68 -6.12 -35.84
C2 BMA C . -71.81 -7.01 -35.31
C3 BMA C . -72.71 -7.42 -36.49
C4 BMA C . -72.63 -6.49 -37.73
C5 BMA C . -72.18 -5.05 -37.43
C6 BMA C . -73.35 -4.08 -37.27
O2 BMA C . -72.51 -6.32 -34.31
O3 BMA C . -74.02 -7.54 -35.98
O4 BMA C . -71.75 -7.12 -38.64
O5 BMA C . -71.29 -4.93 -36.32
O6 BMA C . -73.87 -3.85 -38.56
C1 NAG D . -26.89 14.05 -31.63
C2 NAG D . -25.89 13.32 -32.55
C3 NAG D . -25.37 14.21 -33.68
C4 NAG D . -26.52 14.99 -34.33
C5 NAG D . -27.30 15.72 -33.24
C6 NAG D . -28.41 16.60 -33.73
C7 NAG D . -23.94 13.46 -31.00
C8 NAG D . -22.90 12.60 -30.30
N2 NAG D . -24.81 12.77 -31.77
O3 NAG D . -24.70 13.38 -34.58
O4 NAG D . -26.08 15.90 -35.33
O5 NAG D . -27.86 14.72 -32.40
O6 NAG D . -28.81 17.46 -32.69
O7 NAG D . -23.95 14.67 -30.85
C1 NAG D . -24.77 16.48 -35.17
C2 NAG D . -24.12 16.40 -36.56
C3 NAG D . -22.84 17.22 -36.63
C4 NAG D . -23.17 18.64 -36.22
C5 NAG D . -23.66 18.60 -34.76
C6 NAG D . -23.97 19.94 -34.15
C7 NAG D . -24.61 14.37 -37.89
C8 NAG D . -25.73 15.15 -38.53
N2 NAG D . -23.89 15.03 -36.95
O3 NAG D . -22.35 17.14 -37.94
O4 NAG D . -22.10 19.52 -36.52
O5 NAG D . -24.84 17.81 -34.71
O6 NAG D . -24.93 20.61 -34.94
O7 NAG D . -24.38 13.20 -38.19
C1 BMA D . -20.90 19.35 -35.73
C2 BMA D . -19.76 18.92 -36.65
C3 BMA D . -18.44 18.79 -35.86
C4 BMA D . -18.32 19.72 -34.64
C5 BMA D . -19.29 20.92 -34.67
C6 BMA D . -18.75 22.11 -35.48
O2 BMA D . -19.68 19.83 -37.71
O3 BMA D . -17.40 18.96 -36.78
O4 BMA D . -18.56 18.93 -33.49
O5 BMA D . -20.60 20.58 -35.09
O6 BMA D . -19.85 22.95 -35.78
C1 FUC D . -30.18 17.24 -32.33
C2 FUC D . -30.23 16.45 -31.03
C3 FUC D . -29.42 17.20 -29.99
C4 FUC D . -30.12 18.53 -29.75
C5 FUC D . -30.24 19.28 -31.09
C6 FUC D . -31.05 20.55 -31.01
O2 FUC D . -29.79 15.14 -31.26
O3 FUC D . -29.33 16.39 -28.85
O4 FUC D . -31.37 18.26 -29.18
O5 FUC D . -30.83 18.46 -32.10
C1 NAG E . -42.05 -30.41 -37.83
C2 NAG E . -42.02 -31.30 -39.09
C3 NAG E . -43.44 -31.58 -39.57
C4 NAG E . -44.33 -32.04 -38.43
C5 NAG E . -44.24 -31.03 -37.29
C6 NAG E . -45.13 -31.34 -36.10
C7 NAG E . -41.35 -29.53 -40.72
C8 NAG E . -40.32 -29.24 -41.79
N2 NAG E . -41.20 -30.74 -40.13
O3 NAG E . -43.36 -32.53 -40.60
O4 NAG E . -45.64 -32.19 -38.94
O5 NAG E . -42.89 -30.99 -36.86
O6 NAG E . -44.96 -32.67 -35.70
O7 NAG E . -42.22 -28.73 -40.44
C1 NAG E . -46.02 -33.57 -38.79
C2 NAG E . -47.50 -33.71 -39.17
C3 NAG E . -47.92 -35.18 -39.13
C4 NAG E . -46.93 -36.06 -39.90
C5 NAG E . -45.51 -35.77 -39.42
C6 NAG E . -44.44 -36.58 -40.12
C7 NAG E . -48.47 -33.00 -36.98
C8 NAG E . -49.45 -32.02 -36.38
N2 NAG E . -48.35 -32.92 -38.33
O3 NAG E . -49.22 -35.29 -39.64
O4 NAG E . -47.30 -37.40 -39.68
O5 NAG E . -45.24 -34.40 -39.61
O6 NAG E . -44.53 -37.93 -39.74
O7 NAG E . -47.87 -33.80 -36.28
C1 NAG F . -42.05 -36.59 -3.94
C2 NAG F . -43.45 -36.67 -4.58
C3 NAG F . -44.61 -36.19 -3.71
C4 NAG F . -44.33 -36.59 -2.27
C5 NAG F . -43.10 -35.74 -1.91
C6 NAG F . -42.84 -35.58 -0.44
C7 NAG F . -43.42 -36.56 -7.05
C8 NAG F . -43.45 -35.61 -8.22
N2 NAG F . -43.47 -35.96 -5.84
O3 NAG F . -45.79 -36.75 -4.23
O4 NAG F . -45.45 -36.34 -1.46
O5 NAG F . -42.00 -36.37 -2.54
O6 NAG F . -43.83 -34.79 0.15
O7 NAG F . -43.35 -37.77 -7.20
C1 NAG F . -46.12 -37.61 -1.27
C2 NAG F . -46.06 -38.02 0.21
C3 NAG F . -46.83 -39.33 0.42
C4 NAG F . -48.23 -39.27 -0.20
C5 NAG F . -48.12 -38.79 -1.65
C6 NAG F . -49.45 -38.66 -2.36
C7 NAG F . -43.75 -38.99 0.26
C8 NAG F . -42.43 -38.89 0.99
N2 NAG F . -44.71 -38.14 0.71
O3 NAG F . -46.89 -39.59 1.80
O4 NAG F . -48.77 -40.57 -0.13
O5 NAG F . -47.47 -37.53 -1.66
O6 NAG F . -49.23 -38.27 -3.70
O7 NAG F . -43.90 -39.79 -0.65
C1 NAG G . -13.41 10.49 -12.56
C2 NAG G . -12.25 11.45 -12.21
C3 NAG G . -10.96 11.16 -12.97
C4 NAG G . -10.68 9.66 -12.97
C5 NAG G . -11.87 8.97 -13.61
C6 NAG G . -11.63 7.50 -13.85
C7 NAG G . -12.64 13.77 -11.50
C8 NAG G . -13.16 15.10 -11.97
N2 NAG G . -12.69 12.80 -12.42
O3 NAG G . -9.94 11.89 -12.33
O4 NAG G . -9.43 9.31 -13.55
O5 NAG G . -12.98 9.16 -12.77
O6 NAG G . -10.91 6.95 -12.78
O7 NAG G . -12.19 13.62 -10.37
C1 NAG G . -9.01 10.03 -14.73
C2 NAG G . -7.86 9.20 -15.35
C3 NAG G . -7.34 9.86 -16.63
C4 NAG G . -8.49 10.17 -17.58
C5 NAG G . -9.56 10.96 -16.82
C6 NAG G . -10.77 11.32 -17.67
C7 NAG G . -5.97 9.85 -13.85
C8 NAG G . -4.96 9.27 -12.90
N2 NAG G . -6.80 8.94 -14.41
O3 NAG G . -6.39 9.00 -17.19
O4 NAG G . -7.95 10.91 -18.65
O5 NAG G . -9.99 10.19 -15.73
O6 NAG G . -11.77 11.90 -16.85
O7 NAG G . -6.01 11.06 -14.08
C1 NAG H . -4.79 -28.23 -5.85
C2 NAG H . -5.25 -29.07 -7.05
C3 NAG H . -5.56 -30.53 -6.67
C4 NAG H . -4.59 -31.12 -5.64
C5 NAG H . -4.34 -30.10 -4.53
C6 NAG H . -3.39 -30.58 -3.46
C7 NAG H . -6.95 -28.77 -8.84
C8 NAG H . -8.21 -28.03 -9.18
N2 NAG H . -6.44 -28.50 -7.61
O3 NAG H . -5.55 -31.28 -7.86
O4 NAG H . -5.23 -32.26 -5.13
O5 NAG H . -3.83 -28.93 -5.11
O6 NAG H . -3.21 -29.55 -2.50
O7 NAG H . -6.43 -29.55 -9.62
C1 NAG H . -4.63 -33.47 -5.64
C2 NAG H . -5.76 -34.43 -6.04
C3 NAG H . -5.18 -35.69 -6.69
C4 NAG H . -4.23 -35.33 -7.81
C5 NAG H . -3.17 -34.37 -7.27
C6 NAG H . -2.14 -33.93 -8.29
C7 NAG H . -7.87 -34.51 -4.76
C8 NAG H . -8.48 -34.96 -3.45
N2 NAG H . -6.55 -34.77 -4.89
O3 NAG H . -6.26 -36.47 -7.14
O4 NAG H . -3.66 -36.53 -8.28
O5 NAG H . -3.82 -33.22 -6.77
O6 NAG H . -2.71 -33.01 -9.18
O7 NAG H . -8.54 -33.97 -5.61
C1 NAG I . -52.29 29.87 35.86
C2 NAG I . -53.02 31.20 35.63
C3 NAG I . -52.35 32.31 36.44
C4 NAG I . -52.16 31.90 37.90
C5 NAG I . -51.44 30.56 37.95
C6 NAG I . -51.23 30.03 39.36
C7 NAG I . -54.10 31.56 33.44
C8 NAG I . -53.85 31.96 32.01
N2 NAG I . -53.02 31.54 34.23
O3 NAG I . -53.14 33.46 36.30
O4 NAG I . -51.41 32.92 38.53
O5 NAG I . -52.21 29.61 37.24
O6 NAG I . -52.44 30.06 40.07
O7 NAG I . -55.23 31.30 33.84
C1 NAG I . -52.18 33.50 39.61
C2 NAG I . -51.22 34.30 40.51
C3 NAG I . -52.00 35.05 41.58
C4 NAG I . -53.18 35.83 41.01
C5 NAG I . -54.01 34.89 40.11
C6 NAG I . -55.20 35.54 39.45
C7 NAG I . -50.38 32.45 41.96
C8 NAG I . -49.11 31.76 42.40
N2 NAG I . -50.21 33.47 41.09
O3 NAG I . -51.09 35.91 42.24
O4 NAG I . -53.93 36.27 42.11
O5 NAG I . -53.17 34.36 39.11
O6 NAG I . -55.74 34.68 38.48
O7 NAG I . -51.46 32.06 42.36
C1 BMA I . -54.05 37.72 42.09
C2 BMA I . -55.03 38.10 43.18
C3 BMA I . -55.23 39.63 43.22
C4 BMA I . -54.02 40.45 42.69
C5 BMA I . -52.69 39.69 42.70
C6 BMA I . -51.93 39.80 44.02
O2 BMA I . -54.56 37.58 44.41
O3 BMA I . -55.58 39.96 44.54
O4 BMA I . -54.36 40.86 41.38
O5 BMA I . -52.79 38.32 42.32
O6 BMA I . -51.53 41.14 44.17
C1 NAG J . -28.47 -0.24 32.20
C2 NAG J . -27.07 -0.58 32.74
C3 NAG J . -27.15 -1.77 33.70
C4 NAG J . -28.33 -1.69 34.67
C5 NAG J . -29.60 -1.18 33.99
C6 NAG J . -30.75 -0.95 34.94
C7 NAG J . -24.93 -0.46 31.50
C8 NAG J . -24.22 -0.94 30.26
N2 NAG J . -26.19 -0.89 31.65
O3 NAG J . -25.92 -1.83 34.35
O4 NAG J . -28.59 -3.00 35.12
O5 NAG J . -29.32 0.02 33.29
O6 NAG J . -31.96 -0.88 34.22
O7 NAG J . -24.37 0.29 32.30
C1 NAG J . -27.85 -3.35 36.31
C2 NAG J . -28.81 -3.38 37.51
C3 NAG J . -28.11 -3.95 38.75
C4 NAG J . -27.48 -5.29 38.43
C5 NAG J . -26.53 -5.11 37.24
C6 NAG J . -25.83 -6.38 36.81
C7 NAG J . -28.73 -0.98 38.23
C8 NAG J . -29.62 0.21 38.45
N2 NAG J . -29.38 -2.09 37.80
O3 NAG J . -29.07 -4.00 39.78
O4 NAG J . -26.78 -5.73 39.58
O5 NAG J . -27.27 -4.63 36.13
O6 NAG J . -25.18 -6.17 35.58
O7 NAG J . -27.53 -0.91 38.42
C1 BMA J . -27.58 -6.67 40.33
C2 BMA J . -27.58 -8.00 39.60
C3 BMA J . -28.49 -9.00 40.35
C4 BMA J . -28.61 -8.75 41.86
C5 BMA J . -27.47 -7.92 42.45
C6 BMA J . -26.26 -8.77 42.86
O2 BMA J . -26.25 -8.44 39.48
O3 BMA J . -28.00 -10.29 40.05
O4 BMA J . -29.86 -8.09 42.05
O5 BMA J . -27.04 -6.84 41.64
O6 BMA J . -26.69 -9.71 43.80
C1 NAG K . -18.19 46.66 39.78
C2 NAG K . -18.23 46.00 41.16
C3 NAG K . -18.67 47.10 42.13
C4 NAG K . -17.78 48.33 42.04
C5 NAG K . -17.33 48.70 40.61
C6 NAG K . -16.04 49.50 40.56
C7 NAG K . -18.76 43.60 41.28
C8 NAG K . -17.27 43.36 41.37
N2 NAG K . -19.13 44.89 41.19
O3 NAG K . -18.68 46.54 43.42
O4 NAG K . -18.51 49.36 42.73
O5 NAG K . -17.10 47.55 39.80
O6 NAG K . -16.04 50.49 41.56
O7 NAG K . -19.55 42.67 41.30
C1 NAG K . -19.17 50.31 41.88
C2 NAG K . -20.71 50.21 42.06
C3 NAG K . -21.46 51.41 41.51
C4 NAG K . -20.81 52.73 41.92
C5 NAG K . -19.34 52.67 41.50
C6 NAG K . -18.57 53.94 41.79
C7 NAG K . -21.40 48.37 40.39
C8 NAG K . -20.88 49.06 39.14
N2 NAG K . -21.27 48.95 41.60
O3 NAG K . -22.80 51.34 41.93
O4 NAG K . -21.49 53.77 41.28
O5 NAG K . -18.72 51.60 42.19
O6 NAG K . -18.63 54.24 43.17
O7 NAG K . -21.93 47.27 40.27
C1 NAG L . -18.90 51.33 5.60
C2 NAG L . -20.06 52.25 5.98
C3 NAG L . -21.26 52.01 5.06
C4 NAG L . -20.82 52.12 3.59
C5 NAG L . -19.64 51.17 3.37
C6 NAG L . -19.12 51.17 1.95
C7 NAG L . -19.94 52.77 8.39
C8 NAG L . -20.47 52.38 9.76
N2 NAG L . -20.43 52.05 7.37
O3 NAG L . -22.26 52.92 5.42
O4 NAG L . -21.88 51.76 2.73
O5 NAG L . -18.58 51.52 4.24
O6 NAG L . -17.92 50.42 1.88
O7 NAG L . -19.12 53.66 8.26
C1 NAG L . -22.73 52.87 2.38
C2 NAG L . -22.21 53.59 1.11
C3 NAG L . -23.24 54.61 0.61
C4 NAG L . -24.63 54.00 0.51
C5 NAG L . -24.99 53.36 1.86
C6 NAG L . -26.36 52.72 1.89
C7 NAG L . -19.88 54.26 0.53
C8 NAG L . -20.01 53.43 -0.73
N2 NAG L . -20.96 54.28 1.33
O3 NAG L . -22.80 55.11 -0.62
O4 NAG L . -25.52 55.05 0.17
O5 NAG L . -24.03 52.38 2.15
O6 NAG L . -27.36 53.70 1.78
O7 NAG L . -18.85 54.85 0.78
C1 NAG M . -15.32 -3.27 11.90
C2 NAG M . -14.93 -4.75 11.89
C3 NAG M . -13.84 -5.08 12.91
C4 NAG M . -12.70 -4.05 12.97
C5 NAG M . -13.28 -2.63 12.96
C6 NAG M . -12.25 -1.53 12.92
C7 NAG M . -16.89 -6.14 11.31
C8 NAG M . -18.07 -6.88 11.87
N2 NAG M . -16.11 -5.51 12.20
O3 NAG M . -13.39 -6.37 12.65
O4 NAG M . -12.01 -4.28 14.17
O5 NAG M . -14.12 -2.52 11.83
O6 NAG M . -11.27 -1.84 11.97
O7 NAG M . -16.66 -6.13 10.10
C1 NAG M . -10.67 -4.73 13.91
C2 NAG M . -9.78 -4.37 15.10
C3 NAG M . -8.38 -4.94 14.89
C4 NAG M . -8.47 -6.44 14.62
C5 NAG M . -9.38 -6.65 13.40
C6 NAG M . -9.52 -8.09 13.00
C7 NAG M . -9.98 -2.31 16.44
C8 NAG M . -9.84 -0.81 16.41
N2 NAG M . -9.70 -2.94 15.29
O3 NAG M . -7.63 -4.66 16.04
O4 NAG M . -7.16 -6.90 14.40
O5 NAG M . -10.65 -6.13 13.71
O6 NAG M . -10.03 -8.84 14.08
O7 NAG M . -10.34 -2.89 17.45
C1 NAG N . 9.79 27.39 4.26
C2 NAG N . 10.23 28.21 5.49
C3 NAG N . 10.54 29.66 5.13
C4 NAG N . 11.45 29.72 3.91
C5 NAG N . 10.78 28.94 2.78
C6 NAG N . 11.51 29.01 1.46
C7 NAG N . 7.98 28.56 6.52
C8 NAG N . 7.21 28.33 7.79
N2 NAG N . 9.26 28.13 6.55
O3 NAG N . 11.12 30.27 6.25
O4 NAG N . 11.65 31.08 3.60
O5 NAG N . 10.68 27.59 3.18
O6 NAG N . 12.89 28.87 1.65
O7 NAG N . 7.46 29.11 5.55
C1 NAG N . 13.04 31.41 3.80
C2 NAG N . 13.18 32.94 3.94
C3 NAG N . 14.65 33.28 4.17
C4 NAG N . 15.20 32.51 5.36
C5 NAG N . 14.91 31.01 5.19
C6 NAG N . 15.34 30.17 6.37
C7 NAG N . 11.85 34.68 2.80
C8 NAG N . 11.44 35.16 4.17
N2 NAG N . 12.68 33.62 2.78
O3 NAG N . 14.75 34.67 4.36
O4 NAG N . 16.57 32.78 5.44
O5 NAG N . 13.53 30.81 4.98
O6 NAG N . 16.72 30.30 6.58
O7 NAG N . 11.45 35.23 1.79
C1 NAG O . -68.00 21.30 -33.46
C2 NAG O . -68.52 21.61 -34.88
C3 NAG O . -67.40 22.16 -35.76
C4 NAG O . -66.73 23.35 -35.08
C5 NAG O . -66.23 22.90 -33.71
C6 NAG O . -65.56 24.01 -32.93
C7 NAG O . -70.32 20.32 -36.00
C8 NAG O . -70.63 18.99 -36.63
N2 NAG O . -69.06 20.45 -35.53
O3 NAG O . -67.94 22.50 -37.00
O4 NAG O . -65.66 23.77 -35.91
O5 NAG O . -67.33 22.43 -32.96
O6 NAG O . -64.55 24.61 -33.71
O7 NAG O . -71.15 21.22 -35.94
C1 NAG P . 29.51 -49.14 -24.73
C2 NAG P . 28.18 -49.93 -24.74
C3 NAG P . 28.37 -51.31 -25.33
C4 NAG P . 29.05 -51.22 -26.69
C5 NAG P . 30.36 -50.42 -26.53
C6 NAG P . 31.14 -50.26 -27.82
C7 NAG P . 26.34 -49.75 -23.10
C8 NAG P . 25.98 -49.94 -21.64
N2 NAG P . 27.62 -50.03 -23.41
O3 NAG P . 27.11 -51.93 -25.42
O4 NAG P . 29.28 -52.53 -27.14
O5 NAG P . 30.06 -49.14 -26.02
O6 NAG P . 31.57 -51.51 -28.28
O7 NAG P . 25.53 -49.37 -23.91
C1 NAG Q . 14.17 -27.34 -32.03
C2 NAG Q . 14.47 -28.42 -33.08
C3 NAG Q . 14.93 -27.77 -34.38
C4 NAG Q . 13.91 -26.75 -34.84
C5 NAG Q . 13.67 -25.74 -33.72
C6 NAG Q . 12.64 -24.68 -34.06
C7 NAG Q . 15.18 -30.56 -32.07
C8 NAG Q . 16.37 -31.36 -31.63
N2 NAG Q . 15.46 -29.35 -32.59
O3 NAG Q . 15.11 -28.79 -35.33
O4 NAG Q . 14.42 -26.13 -36.00
O5 NAG Q . 13.24 -26.42 -32.56
O6 NAG Q . 13.05 -23.97 -35.20
O7 NAG Q . 14.04 -30.99 -31.94
#